data_6OHS
#
_entry.id   6OHS
#
_cell.length_a   89.060
_cell.length_b   132.317
_cell.length_c   114.611
_cell.angle_alpha   90.00
_cell.angle_beta   100.01
_cell.angle_gamma   90.00
#
_symmetry.space_group_name_H-M   'P 1 21 1'
#
loop_
_entity.id
_entity.type
_entity.pdbx_description
1 polymer 'Phospholipase D2'
2 non-polymer 4-bromo-N-{(2S)-1-[1-(3-fluorophenyl)-4-oxo-1,3,8-triazaspiro[4.5]decan-8-yl]propan-2-yl}benzamide
#
_entity_poly.entity_id   1
_entity_poly.type   'polypeptide(L)'
_entity_poly.pdbx_seq_one_letter_code
;SSYRQARWWAQEITELAQGPGRDFLQLHRHDSYAPPRPGTLARWFVNGAGYFAAVADAILRAQEEIFITDWWLSPEVYLK
RPAHSDDWRLDIMLKRKAEEGVRVSILLFKEVELALGINSGYSKRALMLLHPNIKVMRHPDQVTLWAHHEKLLVVDQVVA
FLGGLDLAYGRWDDLHYRLTDLGDSSESAASQPPTPRPDSPATPDLSHNQFFWLGKDYSNLITKDWVQLDRPFEDFIDRE
TTPRMPWRDVGVVVHGLPARDLARHFIQRWNFTKTTKAKYKTPTYPYLLPKSTSTANQLPFTLPGGQCTTVQVLRSVDRW
SAGTLENSILNAYLHTIRESQHFLYIENQFFISCSDGRTVLNKVGDEIVDRILKAHKQGWCYRVYVLLPLLPGFEGDIST
GGGNSIQAILHFTYRTLCRGEYSILHRLKAAMGTAWRDYISICGLRTHGELGGHPVSELIYIHSKVLIADDRTVIIGSAN
INDRSLLGKRDSELAVLIEDTETEPSLMNGAEYQAGRFALSLRKHCFGVILGANTRPDLDLRDPICDDFFQLWQDMAESN
ANIYEQIFRCLPSNATRSLRTLREYVAVEPLATVSPPLARSELTQVQGHLVHFPLKFLEDESLLPPLGSKEGMIPLEVWT
;
_entity_poly.pdbx_strand_id   A,B,C,D
#
loop_
_chem_comp.id
_chem_comp.type
_chem_comp.name
_chem_comp.formula
MJY non-polymer 4-bromo-N-{(2S)-1-[1-(3-fluorophenyl)-4-oxo-1,3,8-triazaspiro[4.5]decan-8-yl]propan-2-yl}benzamide 'C23 H26 Br F N4 O2'
#
# COMPACT_ATOMS: atom_id res chain seq x y z
N ARG A 22 -45.55 -12.27 -12.96
CA ARG A 22 -45.73 -13.56 -13.60
C ARG A 22 -46.70 -14.45 -12.83
N ASP A 23 -46.87 -15.67 -13.32
CA ASP A 23 -48.01 -16.52 -13.02
C ASP A 23 -47.68 -17.58 -11.98
N PHE A 24 -48.72 -18.28 -11.53
CA PHE A 24 -48.58 -19.40 -10.59
C PHE A 24 -49.26 -20.66 -11.11
N LEU A 25 -49.42 -20.77 -12.44
CA LEU A 25 -50.04 -21.93 -13.05
C LEU A 25 -49.03 -23.06 -13.25
N GLN A 26 -47.77 -22.71 -13.46
CA GLN A 26 -46.67 -23.65 -13.67
C GLN A 26 -45.55 -23.31 -12.70
N LEU A 27 -44.56 -24.21 -12.60
CA LEU A 27 -43.36 -23.93 -11.83
C LEU A 27 -42.42 -23.00 -12.58
N HIS A 28 -41.46 -22.44 -11.84
CA HIS A 28 -40.57 -21.41 -12.36
C HIS A 28 -39.10 -21.77 -12.10
N ARG A 29 -38.21 -20.79 -12.25
CA ARG A 29 -36.79 -20.98 -11.95
C ARG A 29 -36.58 -21.64 -10.58
N HIS A 30 -35.67 -22.61 -10.54
CA HIS A 30 -35.36 -23.40 -9.34
C HIS A 30 -36.55 -24.22 -8.87
N ASP A 31 -37.52 -24.45 -9.74
CA ASP A 31 -38.73 -25.20 -9.42
C ASP A 31 -39.48 -24.54 -8.26
N SER A 32 -39.45 -23.21 -8.21
CA SER A 32 -40.14 -22.45 -7.18
C SER A 32 -41.56 -22.12 -7.62
N TYR A 33 -42.45 -21.95 -6.64
CA TYR A 33 -43.81 -21.57 -6.98
C TYR A 33 -43.91 -20.12 -7.43
N ALA A 34 -42.90 -19.30 -7.10
CA ALA A 34 -42.93 -17.87 -7.38
C ALA A 34 -41.80 -17.48 -8.34
N PRO A 35 -42.08 -16.57 -9.27
CA PRO A 35 -41.03 -16.10 -10.18
C PRO A 35 -40.16 -15.05 -9.52
N PRO A 36 -38.98 -14.77 -10.07
CA PRO A 36 -38.18 -13.63 -9.59
C PRO A 36 -38.86 -12.30 -9.89
N ARG A 37 -38.77 -11.38 -8.93
CA ARG A 37 -39.43 -10.08 -9.05
C ARG A 37 -38.40 -8.96 -9.19
N PRO A 38 -38.13 -8.49 -10.41
CA PRO A 38 -37.24 -7.34 -10.56
C PRO A 38 -37.84 -6.08 -9.95
N GLY A 39 -36.96 -5.15 -9.59
CA GLY A 39 -37.40 -3.87 -9.09
C GLY A 39 -37.97 -3.92 -7.70
N THR A 40 -37.58 -4.91 -6.91
CA THR A 40 -38.10 -5.11 -5.57
C THR A 40 -37.26 -4.32 -4.57
N LEU A 41 -37.92 -3.53 -3.72
CA LEU A 41 -37.24 -2.89 -2.61
C LEU A 41 -37.04 -3.93 -1.51
N ALA A 42 -35.79 -4.11 -1.08
CA ALA A 42 -35.46 -5.10 -0.07
C ALA A 42 -34.42 -4.52 0.87
N ARG A 43 -34.56 -4.81 2.16
CA ARG A 43 -33.61 -4.35 3.17
C ARG A 43 -33.26 -5.49 4.10
N TRP A 44 -31.95 -5.73 4.29
CA TRP A 44 -31.50 -6.77 5.19
C TRP A 44 -31.38 -6.22 6.61
N PHE A 45 -31.43 -7.13 7.58
CA PHE A 45 -31.20 -6.80 8.97
C PHE A 45 -30.21 -7.80 9.55
N VAL A 46 -29.26 -7.30 10.32
CA VAL A 46 -28.36 -8.13 11.11
C VAL A 46 -28.70 -7.89 12.58
N ASN A 47 -29.02 -8.97 13.29
CA ASN A 47 -29.41 -8.96 14.71
C ASN A 47 -30.86 -8.50 14.86
N GLY A 48 -31.48 -8.89 15.98
CA GLY A 48 -32.90 -8.68 16.19
C GLY A 48 -33.33 -7.25 16.38
N ALA A 49 -32.41 -6.36 16.78
CA ALA A 49 -32.77 -5.01 17.20
C ALA A 49 -33.48 -4.26 16.08
N GLY A 50 -32.88 -4.22 14.88
CA GLY A 50 -33.49 -3.51 13.77
C GLY A 50 -34.67 -4.22 13.15
N TYR A 51 -34.65 -5.56 13.14
CA TYR A 51 -35.78 -6.31 12.60
C TYR A 51 -37.04 -6.08 13.43
N PHE A 52 -36.94 -6.22 14.76
CA PHE A 52 -38.13 -6.03 15.59
C PHE A 52 -38.59 -4.58 15.59
N ALA A 53 -37.67 -3.62 15.50
CA ALA A 53 -38.09 -2.23 15.38
C ALA A 53 -38.85 -2.00 14.08
N ALA A 54 -38.36 -2.54 12.97
CA ALA A 54 -39.03 -2.34 11.69
C ALA A 54 -40.35 -3.10 11.62
N VAL A 55 -40.41 -4.29 12.23
CA VAL A 55 -41.69 -4.98 12.40
C VAL A 55 -42.68 -4.11 13.17
N ALA A 56 -42.23 -3.46 14.25
CA ALA A 56 -43.12 -2.61 15.03
C ALA A 56 -43.65 -1.44 14.20
N ASP A 57 -42.75 -0.77 13.46
CA ASP A 57 -43.17 0.33 12.61
C ASP A 57 -44.18 -0.13 11.56
N ALA A 58 -43.95 -1.31 10.99
CA ALA A 58 -44.84 -1.81 9.93
C ALA A 58 -46.20 -2.18 10.49
N ILE A 59 -46.22 -2.82 11.67
CA ILE A 59 -47.48 -3.16 12.32
C ILE A 59 -48.30 -1.90 12.56
N LEU A 60 -47.65 -0.81 13.00
CA LEU A 60 -48.33 0.44 13.28
C LEU A 60 -49.04 1.00 12.05
N ARG A 61 -48.49 0.78 10.86
CA ARG A 61 -49.06 1.33 9.63
C ARG A 61 -50.01 0.37 8.92
N ALA A 62 -50.28 -0.79 9.50
CA ALA A 62 -51.19 -1.76 8.89
C ALA A 62 -52.59 -1.18 8.78
N GLN A 63 -53.24 -1.44 7.63
CA GLN A 63 -54.58 -0.93 7.38
C GLN A 63 -55.63 -2.03 7.22
N GLU A 64 -55.23 -3.26 6.86
CA GLU A 64 -56.21 -4.30 6.57
C GLU A 64 -55.90 -5.64 7.23
N GLU A 65 -54.69 -6.14 7.06
CA GLU A 65 -54.36 -7.51 7.42
C GLU A 65 -52.93 -7.62 7.93
N ILE A 66 -52.74 -8.52 8.90
CA ILE A 66 -51.42 -8.94 9.35
C ILE A 66 -51.38 -10.46 9.35
N PHE A 67 -50.44 -11.03 8.61
CA PHE A 67 -50.21 -12.47 8.57
C PHE A 67 -48.92 -12.78 9.31
N ILE A 68 -48.96 -13.81 10.15
CA ILE A 68 -47.81 -14.19 10.97
C ILE A 68 -47.69 -15.72 10.97
N THR A 69 -46.51 -16.22 10.63
CA THR A 69 -46.15 -17.60 10.86
C THR A 69 -44.97 -17.62 11.83
N ASP A 70 -44.96 -18.57 12.74
CA ASP A 70 -43.87 -18.65 13.70
C ASP A 70 -43.69 -20.09 14.15
N TRP A 71 -42.42 -20.46 14.34
CA TRP A 71 -42.12 -21.68 15.09
C TRP A 71 -42.39 -21.47 16.57
N TRP A 72 -42.07 -20.29 17.09
CA TRP A 72 -42.37 -19.91 18.45
C TRP A 72 -42.72 -18.44 18.47
N LEU A 73 -43.82 -18.08 19.09
CA LEU A 73 -44.22 -16.69 19.24
C LEU A 73 -44.40 -16.41 20.73
N SER A 74 -43.62 -15.47 21.25
CA SER A 74 -43.76 -15.03 22.62
C SER A 74 -44.64 -13.79 22.65
N PRO A 75 -45.88 -13.88 23.14
CA PRO A 75 -46.81 -12.74 23.04
C PRO A 75 -46.34 -11.48 23.74
N GLU A 76 -45.66 -11.61 24.88
CA GLU A 76 -45.27 -10.48 25.69
C GLU A 76 -43.89 -9.92 25.36
N VAL A 77 -43.32 -10.28 24.21
CA VAL A 77 -42.02 -9.77 23.84
C VAL A 77 -42.13 -8.29 23.49
N TYR A 78 -41.10 -7.52 23.86
CA TYR A 78 -41.06 -6.10 23.58
C TYR A 78 -40.33 -5.88 22.27
N LEU A 79 -40.90 -5.09 21.37
CA LEU A 79 -40.28 -4.89 20.07
C LEU A 79 -39.29 -3.72 20.02
N LYS A 80 -39.38 -2.79 20.96
CA LYS A 80 -38.40 -1.73 21.10
C LYS A 80 -37.93 -1.63 22.54
N ARG A 81 -36.66 -1.29 22.72
CA ARG A 81 -35.99 -1.39 24.01
C ARG A 81 -35.22 -0.11 24.27
N PRO A 82 -35.08 0.30 25.55
CA PRO A 82 -35.66 -0.40 26.70
C PRO A 82 -37.13 -0.02 26.88
N ALA A 83 -37.91 -0.97 27.40
CA ALA A 83 -39.33 -0.77 27.62
C ALA A 83 -39.58 0.25 28.73
N HIS A 84 -40.48 1.20 28.45
CA HIS A 84 -40.95 2.15 29.45
C HIS A 84 -42.44 2.05 29.67
N SER A 85 -43.14 1.23 28.89
CA SER A 85 -44.60 1.09 28.96
C SER A 85 -44.99 -0.14 28.15
N ASP A 86 -46.30 -0.33 27.98
CA ASP A 86 -46.82 -1.43 27.18
C ASP A 86 -46.69 -1.18 25.68
N ASP A 87 -46.42 0.07 25.27
CA ASP A 87 -46.16 0.34 23.87
C ASP A 87 -44.99 -0.49 23.36
N TRP A 88 -45.08 -0.87 22.08
CA TRP A 88 -44.08 -1.66 21.36
C TRP A 88 -44.02 -3.10 21.84
N ARG A 89 -44.83 -3.50 22.82
CA ARG A 89 -44.98 -4.90 23.16
C ARG A 89 -45.87 -5.55 22.11
N LEU A 90 -45.43 -6.71 21.61
CA LEU A 90 -46.07 -7.28 20.43
C LEU A 90 -47.56 -7.50 20.65
N ASP A 91 -47.93 -8.07 21.80
CA ASP A 91 -49.35 -8.37 22.06
C ASP A 91 -50.17 -7.09 22.14
N ILE A 92 -49.63 -6.04 22.77
CA ILE A 92 -50.34 -4.77 22.87
C ILE A 92 -50.50 -4.14 21.48
N MET A 93 -49.46 -4.21 20.65
CA MET A 93 -49.53 -3.61 19.32
C MET A 93 -50.59 -4.31 18.46
N LEU A 94 -50.62 -5.64 18.50
CA LEU A 94 -51.61 -6.36 17.72
C LEU A 94 -53.02 -6.10 18.24
N LYS A 95 -53.17 -5.99 19.56
CA LYS A 95 -54.47 -5.69 20.15
C LYS A 95 -54.96 -4.32 19.70
N ARG A 96 -54.05 -3.34 19.62
CA ARG A 96 -54.44 -2.01 19.19
C ARG A 96 -54.87 -2.00 17.73
N LYS A 97 -54.12 -2.69 16.87
CA LYS A 97 -54.48 -2.77 15.46
C LYS A 97 -55.79 -3.53 15.26
N ALA A 98 -55.97 -4.63 15.99
CA ALA A 98 -57.23 -5.37 15.92
C ALA A 98 -58.41 -4.49 16.32
N GLU A 99 -58.22 -3.64 17.32
CA GLU A 99 -59.28 -2.72 17.72
C GLU A 99 -59.63 -1.70 16.64
N GLU A 100 -58.74 -1.44 15.69
CA GLU A 100 -59.08 -0.58 14.56
C GLU A 100 -59.64 -1.35 13.38
N GLY A 101 -59.84 -2.66 13.51
CA GLY A 101 -60.44 -3.44 12.45
C GLY A 101 -59.46 -4.27 11.65
N VAL A 102 -58.17 -4.23 11.97
CA VAL A 102 -57.18 -5.03 11.26
C VAL A 102 -57.34 -6.49 11.66
N ARG A 103 -57.32 -7.38 10.68
CA ARG A 103 -57.40 -8.82 10.90
C ARG A 103 -56.00 -9.40 11.04
N VAL A 104 -55.75 -10.07 12.15
CA VAL A 104 -54.46 -10.71 12.40
C VAL A 104 -54.67 -12.21 12.30
N SER A 105 -53.96 -12.84 11.37
CA SER A 105 -54.01 -14.28 11.17
C SER A 105 -52.63 -14.84 11.46
N ILE A 106 -52.58 -15.83 12.36
CA ILE A 106 -51.33 -16.34 12.89
C ILE A 106 -51.30 -17.86 12.75
N LEU A 107 -50.22 -18.37 12.16
CA LEU A 107 -49.98 -19.80 12.04
C LEU A 107 -48.82 -20.15 12.96
N LEU A 108 -49.09 -20.93 13.99
CA LEU A 108 -48.11 -21.32 14.99
C LEU A 108 -47.81 -22.80 14.90
N PHE A 109 -46.55 -23.15 15.11
CA PHE A 109 -46.18 -24.55 15.23
C PHE A 109 -46.78 -25.15 16.49
N LYS A 110 -47.36 -26.34 16.36
CA LYS A 110 -47.93 -27.08 17.48
C LYS A 110 -46.91 -28.14 17.89
N GLU A 111 -46.15 -27.86 18.94
CA GLU A 111 -45.09 -28.78 19.32
C GLU A 111 -45.67 -29.97 20.08
N VAL A 112 -44.88 -31.04 20.14
CA VAL A 112 -45.21 -32.20 20.94
C VAL A 112 -44.84 -31.89 22.39
N GLU A 113 -45.84 -31.70 23.23
CA GLU A 113 -45.67 -31.29 24.62
C GLU A 113 -44.67 -32.18 25.38
N LEU A 116 -40.87 -30.31 23.55
CA LEU A 116 -40.57 -28.91 23.83
C LEU A 116 -41.42 -28.28 24.92
N GLY A 117 -40.93 -27.14 25.39
CA GLY A 117 -41.56 -26.37 26.44
C GLY A 117 -41.86 -24.98 25.94
N ILE A 118 -42.17 -24.85 24.63
CA ILE A 118 -42.50 -23.54 24.08
C ILE A 118 -43.94 -23.14 24.33
N ASN A 119 -44.80 -24.08 24.69
CA ASN A 119 -46.18 -23.81 25.10
C ASN A 119 -46.93 -22.97 24.07
N SER A 120 -47.14 -23.58 22.90
CA SER A 120 -47.90 -22.90 21.86
C SER A 120 -49.35 -22.68 22.28
N GLY A 121 -49.84 -23.50 23.23
CA GLY A 121 -51.17 -23.29 23.77
C GLY A 121 -51.32 -21.96 24.49
N TYR A 122 -50.32 -21.59 25.30
CA TYR A 122 -50.38 -20.30 25.96
C TYR A 122 -50.30 -19.16 24.93
N SER A 123 -49.39 -19.25 23.96
CA SER A 123 -49.32 -18.22 22.94
C SER A 123 -50.66 -18.07 22.24
N LYS A 124 -51.30 -19.19 21.91
CA LYS A 124 -52.57 -19.15 21.20
C LYS A 124 -53.66 -18.53 22.05
N ARG A 125 -53.84 -19.04 23.27
CA ARG A 125 -54.88 -18.51 24.16
C ARG A 125 -54.67 -17.03 24.48
N ALA A 126 -53.41 -16.62 24.67
CA ALA A 126 -53.15 -15.22 24.98
C ALA A 126 -53.50 -14.31 23.82
N LEU A 127 -53.12 -14.69 22.60
CA LEU A 127 -53.38 -13.83 21.44
C LEU A 127 -54.87 -13.74 21.13
N MET A 128 -55.60 -14.85 21.23
CA MET A 128 -57.01 -14.80 20.89
C MET A 128 -57.86 -14.18 22.00
N LEU A 129 -57.35 -14.10 23.23
CA LEU A 129 -58.06 -13.38 24.27
C LEU A 129 -58.02 -11.87 24.04
N LEU A 130 -57.06 -11.39 23.25
CA LEU A 130 -56.85 -9.95 23.09
C LEU A 130 -58.04 -9.28 22.41
N HIS A 131 -58.47 -9.82 21.27
CA HIS A 131 -59.54 -9.21 20.50
C HIS A 131 -60.07 -10.23 19.50
N PRO A 132 -61.36 -10.18 19.18
CA PRO A 132 -61.90 -11.14 18.19
C PRO A 132 -61.29 -11.02 16.81
N ASN A 133 -60.67 -9.90 16.46
CA ASN A 133 -60.04 -9.78 15.14
C ASN A 133 -58.72 -10.52 15.02
N ILE A 134 -58.25 -11.13 16.10
CA ILE A 134 -57.02 -11.92 16.05
C ILE A 134 -57.40 -13.39 16.07
N LYS A 135 -57.00 -14.12 15.04
CA LYS A 135 -57.32 -15.53 14.90
C LYS A 135 -56.03 -16.32 14.76
N VAL A 136 -55.92 -17.40 15.52
CA VAL A 136 -54.71 -18.22 15.53
C VAL A 136 -55.11 -19.66 15.22
N MET A 137 -54.36 -20.30 14.33
CA MET A 137 -54.45 -21.74 14.13
C MET A 137 -53.09 -22.36 14.41
N ARG A 138 -53.11 -23.56 14.97
CA ARG A 138 -51.92 -24.34 15.25
C ARG A 138 -51.90 -25.58 14.35
N HIS A 139 -50.69 -26.03 14.03
CA HIS A 139 -50.52 -27.18 13.16
C HIS A 139 -49.13 -27.74 13.39
N PRO A 140 -48.95 -29.08 13.35
CA PRO A 140 -50.03 -30.03 13.09
C PRO A 140 -50.69 -30.56 14.36
N ASP A 141 -51.82 -31.23 14.21
CA ASP A 141 -52.48 -31.94 15.31
C ASP A 141 -51.95 -33.36 15.43
N GLN A 142 -51.67 -33.99 14.30
CA GLN A 142 -51.18 -35.36 14.26
C GLN A 142 -49.73 -35.43 14.73
N VAL A 143 -49.35 -36.59 15.27
CA VAL A 143 -47.96 -36.81 15.69
C VAL A 143 -47.02 -36.91 14.50
N THR A 144 -45.93 -36.14 14.57
CA THR A 144 -44.91 -36.13 13.54
C THR A 144 -43.61 -35.61 14.14
N LEU A 145 -42.50 -35.95 13.49
CA LEU A 145 -41.19 -35.44 13.88
C LEU A 145 -40.93 -34.01 13.42
N TRP A 146 -41.67 -33.54 12.42
CA TRP A 146 -41.31 -32.31 11.72
C TRP A 146 -42.13 -31.13 12.24
N ALA A 147 -41.66 -29.93 11.90
CA ALA A 147 -42.18 -28.69 12.45
C ALA A 147 -42.39 -27.68 11.34
N HIS A 148 -43.26 -26.71 11.63
CA HIS A 148 -43.35 -25.50 10.82
C HIS A 148 -42.30 -24.50 11.31
N HIS A 149 -41.32 -24.22 10.45
CA HIS A 149 -40.13 -23.48 10.83
C HIS A 149 -40.09 -22.07 10.29
N GLU A 150 -40.91 -21.73 9.31
CA GLU A 150 -40.79 -20.44 8.67
C GLU A 150 -41.21 -19.32 9.62
N LYS A 151 -40.53 -18.19 9.51
CA LYS A 151 -40.83 -16.99 10.27
C LYS A 151 -41.26 -15.92 9.29
N LEU A 152 -42.49 -15.45 9.42
CA LEU A 152 -43.05 -14.52 8.45
C LEU A 152 -43.97 -13.54 9.16
N LEU A 153 -43.94 -12.29 8.71
CA LEU A 153 -44.93 -11.29 9.08
C LEU A 153 -45.20 -10.46 7.83
N VAL A 154 -46.46 -10.41 7.43
CA VAL A 154 -46.88 -9.68 6.23
C VAL A 154 -47.91 -8.64 6.62
N VAL A 155 -47.71 -7.41 6.16
CA VAL A 155 -48.66 -6.33 6.38
C VAL A 155 -49.33 -6.01 5.06
N ASP A 156 -50.67 -6.10 5.04
CA ASP A 156 -51.49 -5.71 3.89
C ASP A 156 -51.04 -6.37 2.59
N GLN A 157 -50.42 -7.55 2.68
CA GLN A 157 -49.92 -8.29 1.51
C GLN A 157 -48.99 -7.46 0.63
N VAL A 158 -48.33 -6.46 1.20
CA VAL A 158 -47.46 -5.58 0.40
C VAL A 158 -46.12 -5.39 1.09
N VAL A 159 -46.03 -5.76 2.36
CA VAL A 159 -44.79 -5.66 3.13
C VAL A 159 -44.62 -6.97 3.88
N ALA A 160 -43.47 -7.62 3.68
CA ALA A 160 -43.27 -8.96 4.22
C ALA A 160 -41.89 -9.05 4.84
N PHE A 161 -41.85 -9.53 6.08
CA PHE A 161 -40.62 -9.77 6.81
C PHE A 161 -40.39 -11.27 6.91
N LEU A 162 -39.18 -11.71 6.63
CA LEU A 162 -38.85 -13.11 6.85
C LEU A 162 -37.38 -13.21 7.24
N GLY A 163 -36.95 -14.42 7.55
CA GLY A 163 -35.58 -14.65 7.96
C GLY A 163 -35.53 -15.67 9.08
N GLY A 164 -34.54 -15.53 9.96
CA GLY A 164 -34.35 -16.46 11.04
C GLY A 164 -34.96 -16.02 12.37
N LEU A 165 -35.57 -14.84 12.43
CA LEU A 165 -36.01 -14.26 13.69
C LEU A 165 -37.48 -14.57 13.91
N ASP A 166 -37.77 -15.33 14.96
CA ASP A 166 -39.13 -15.45 15.49
C ASP A 166 -39.44 -14.27 16.39
N LEU A 167 -40.73 -13.94 16.50
CA LEU A 167 -41.18 -12.97 17.50
C LEU A 167 -41.24 -13.70 18.84
N ALA A 168 -40.06 -13.94 19.40
CA ALA A 168 -39.91 -14.85 20.51
C ALA A 168 -38.82 -14.36 21.46
N TYR A 169 -38.82 -14.95 22.65
CA TYR A 169 -37.83 -14.60 23.68
C TYR A 169 -36.42 -14.97 23.23
N GLY A 170 -35.45 -14.17 23.70
CA GLY A 170 -34.05 -14.38 23.43
C GLY A 170 -33.53 -13.89 22.10
N ARG A 171 -34.37 -13.37 21.22
CA ARG A 171 -33.91 -13.05 19.88
C ARG A 171 -33.37 -11.63 19.73
N TRP A 172 -33.91 -10.68 20.50
CA TRP A 172 -33.46 -9.30 20.37
C TRP A 172 -32.01 -9.19 20.80
N ASP A 173 -31.18 -8.59 19.93
CA ASP A 173 -29.82 -8.25 20.27
C ASP A 173 -29.34 -7.19 19.30
N ASP A 174 -28.14 -6.68 19.55
CA ASP A 174 -27.52 -5.68 18.70
C ASP A 174 -26.01 -5.94 18.65
N LEU A 175 -25.30 -5.05 17.96
CA LEU A 175 -23.87 -5.22 17.76
C LEU A 175 -23.10 -5.33 19.07
N HIS A 176 -23.63 -4.81 20.17
CA HIS A 176 -22.91 -4.85 21.44
C HIS A 176 -22.85 -6.26 22.02
N TYR A 177 -23.76 -7.14 21.64
CA TYR A 177 -23.83 -8.51 22.13
C TYR A 177 -23.59 -8.61 23.64
N ARG A 178 -24.40 -7.85 24.38
CA ARG A 178 -24.20 -7.73 25.82
C ARG A 178 -24.35 -9.09 26.50
N LEU A 179 -23.37 -9.45 27.33
CA LEU A 179 -23.47 -10.66 28.13
C LEU A 179 -24.25 -10.47 29.42
N THR A 180 -24.39 -9.24 29.89
CA THR A 180 -25.09 -8.97 31.15
C THR A 180 -26.18 -7.94 30.94
N ASP A 181 -27.06 -7.86 31.94
CA ASP A 181 -28.23 -6.99 31.93
C ASP A 181 -28.60 -6.76 33.38
N LEU A 182 -27.78 -5.96 34.08
CA LEU A 182 -27.97 -5.72 35.51
C LEU A 182 -28.51 -4.34 35.84
N GLY A 183 -28.60 -3.43 34.89
CA GLY A 183 -29.10 -2.10 35.17
C GLY A 183 -28.03 -1.25 35.82
N ASP A 205 -44.68 -1.36 36.77
CA ASP A 205 -44.51 -0.11 36.05
C ASP A 205 -43.06 0.01 35.56
N LEU A 206 -42.91 0.24 34.25
CA LEU A 206 -41.60 0.24 33.61
C LEU A 206 -41.06 1.63 33.25
N SER A 207 -41.66 2.70 33.79
CA SER A 207 -41.27 4.04 33.35
C SER A 207 -39.79 4.31 33.58
N HIS A 208 -39.21 3.72 34.63
CA HIS A 208 -37.80 3.85 34.98
C HIS A 208 -37.02 2.57 34.72
N ASN A 209 -37.52 1.72 33.82
CA ASN A 209 -36.89 0.45 33.51
C ASN A 209 -35.59 0.64 32.73
N GLN A 210 -34.55 -0.10 33.13
CA GLN A 210 -33.29 -0.09 32.40
C GLN A 210 -32.91 -1.45 31.84
N PHE A 211 -33.67 -2.50 32.13
CA PHE A 211 -33.32 -3.79 31.58
C PHE A 211 -33.69 -3.87 30.11
N PHE A 212 -32.79 -4.41 29.30
CA PHE A 212 -33.10 -4.64 27.90
C PHE A 212 -33.86 -5.94 27.68
N TRP A 213 -33.66 -6.93 28.57
CA TRP A 213 -34.30 -8.23 28.46
C TRP A 213 -35.06 -8.48 29.75
N LEU A 214 -36.36 -8.23 29.73
CA LEU A 214 -37.19 -8.44 30.91
C LEU A 214 -37.56 -9.90 31.06
N GLY A 215 -37.51 -10.38 32.30
CA GLY A 215 -38.04 -11.70 32.61
C GLY A 215 -37.50 -12.81 31.74
N LYS A 216 -38.43 -13.58 31.15
CA LYS A 216 -38.09 -14.75 30.34
C LYS A 216 -37.24 -14.40 29.12
N ASP A 217 -37.09 -13.13 28.78
CA ASP A 217 -36.27 -12.76 27.61
C ASP A 217 -34.79 -12.92 27.93
N TYR A 218 -34.40 -12.80 29.19
CA TYR A 218 -33.02 -12.98 29.64
C TYR A 218 -32.75 -14.47 29.82
N SER A 219 -31.87 -15.03 28.98
CA SER A 219 -31.69 -16.48 28.98
C SER A 219 -30.32 -16.84 28.44
N ASN A 220 -29.88 -18.05 28.81
CA ASN A 220 -28.68 -18.69 28.28
C ASN A 220 -29.16 -20.07 27.86
N LEU A 221 -29.45 -20.22 26.56
CA LEU A 221 -30.10 -21.41 26.05
C LEU A 221 -29.37 -22.70 26.41
N ILE A 222 -28.03 -22.66 26.44
CA ILE A 222 -27.27 -23.85 26.81
C ILE A 222 -27.37 -24.12 28.30
N THR A 223 -27.50 -23.09 29.13
CA THR A 223 -27.53 -23.31 30.58
C THR A 223 -28.83 -23.96 31.01
N LYS A 224 -29.98 -23.38 30.62
CA LYS A 224 -31.26 -23.91 31.06
C LYS A 224 -32.33 -23.51 30.06
N ASP A 225 -33.17 -24.46 29.70
CA ASP A 225 -34.31 -24.23 28.82
C ASP A 225 -35.43 -23.44 29.51
N TRP A 226 -36.25 -22.79 28.69
CA TRP A 226 -37.31 -21.92 29.19
C TRP A 226 -38.34 -22.71 29.97
N VAL A 227 -38.81 -22.14 31.08
CA VAL A 227 -39.88 -22.70 31.88
C VAL A 227 -40.88 -21.60 32.18
N GLN A 228 -42.10 -22.01 32.51
CA GLN A 228 -43.14 -21.12 33.03
C GLN A 228 -43.33 -19.89 32.13
N LEU A 229 -43.71 -20.14 30.89
CA LEU A 229 -43.86 -19.04 29.94
C LEU A 229 -45.12 -18.22 30.19
N ASP A 230 -46.07 -18.74 30.97
CA ASP A 230 -47.22 -17.93 31.38
C ASP A 230 -46.87 -16.93 32.47
N ARG A 231 -45.64 -16.97 32.99
CA ARG A 231 -45.09 -15.91 33.84
C ARG A 231 -43.97 -15.19 33.11
N PRO A 232 -44.32 -14.29 32.20
CA PRO A 232 -43.30 -13.71 31.30
C PRO A 232 -42.33 -12.78 32.00
N PHE A 233 -42.75 -12.14 33.10
CA PHE A 233 -41.94 -11.14 33.77
C PHE A 233 -41.18 -11.71 34.97
N GLU A 234 -41.08 -13.04 35.04
CA GLU A 234 -40.35 -13.73 36.09
C GLU A 234 -39.02 -14.21 35.52
N ASP A 235 -37.94 -13.97 36.25
CA ASP A 235 -36.64 -14.51 35.83
C ASP A 235 -36.66 -16.02 36.02
N PHE A 236 -35.99 -16.74 35.13
CA PHE A 236 -35.80 -18.16 35.33
C PHE A 236 -34.33 -18.58 35.36
N ILE A 237 -33.41 -17.64 35.22
CA ILE A 237 -32.00 -17.84 35.54
C ILE A 237 -31.54 -16.65 36.35
N ASP A 238 -30.45 -16.84 37.09
CA ASP A 238 -29.97 -15.82 38.01
C ASP A 238 -29.26 -14.72 37.23
N ARG A 239 -29.88 -13.55 37.20
CA ARG A 239 -29.39 -12.43 36.42
C ARG A 239 -28.03 -11.97 36.94
N GLU A 240 -27.76 -12.17 38.23
CA GLU A 240 -26.55 -11.67 38.87
C GLU A 240 -25.37 -12.63 38.77
N THR A 241 -25.59 -13.90 38.43
CA THR A 241 -24.51 -14.87 38.35
C THR A 241 -24.34 -15.54 36.98
N THR A 242 -25.38 -15.58 36.15
CA THR A 242 -25.34 -16.29 34.88
C THR A 242 -25.47 -15.33 33.71
N PRO A 243 -24.47 -15.23 32.84
CA PRO A 243 -24.56 -14.31 31.69
C PRO A 243 -25.55 -14.77 30.65
N ARG A 244 -26.06 -13.79 29.91
CA ARG A 244 -26.84 -14.04 28.70
C ARG A 244 -26.03 -14.82 27.67
N MET A 245 -26.75 -15.55 26.82
CA MET A 245 -26.17 -16.05 25.58
C MET A 245 -26.58 -15.12 24.47
N PRO A 246 -25.66 -14.39 23.84
CA PRO A 246 -26.05 -13.48 22.75
C PRO A 246 -26.57 -14.23 21.54
N TRP A 247 -27.50 -13.58 20.84
CA TRP A 247 -28.24 -14.17 19.74
C TRP A 247 -27.94 -13.36 18.49
N ARG A 248 -27.36 -14.00 17.48
CA ARG A 248 -27.07 -13.38 16.21
C ARG A 248 -27.98 -13.98 15.16
N ASP A 249 -28.57 -13.12 14.33
CA ASP A 249 -29.52 -13.59 13.33
C ASP A 249 -29.55 -12.58 12.19
N VAL A 250 -30.15 -12.99 11.08
CA VAL A 250 -30.31 -12.16 9.90
C VAL A 250 -31.77 -12.21 9.46
N GLY A 251 -32.34 -11.05 9.13
CA GLY A 251 -33.66 -10.99 8.57
C GLY A 251 -33.67 -10.11 7.33
N VAL A 252 -34.86 -9.97 6.75
CA VAL A 252 -35.02 -9.17 5.55
C VAL A 252 -36.48 -8.73 5.46
N VAL A 253 -36.70 -7.55 4.89
CA VAL A 253 -38.02 -7.07 4.50
C VAL A 253 -38.05 -6.92 2.99
N VAL A 254 -39.14 -7.35 2.37
CA VAL A 254 -39.35 -7.14 0.95
C VAL A 254 -40.68 -6.41 0.75
N HIS A 255 -40.75 -5.65 -0.33
CA HIS A 255 -41.95 -4.91 -0.67
C HIS A 255 -42.48 -5.38 -2.03
N GLY A 256 -43.74 -5.08 -2.29
CA GLY A 256 -44.25 -5.31 -3.62
C GLY A 256 -44.54 -6.77 -3.93
N LEU A 257 -44.17 -7.17 -5.14
CA LEU A 257 -44.54 -8.49 -5.64
C LEU A 257 -44.04 -9.65 -4.78
N PRO A 258 -42.79 -9.67 -4.29
CA PRO A 258 -42.39 -10.80 -3.42
C PRO A 258 -43.17 -10.88 -2.12
N ALA A 259 -43.66 -9.76 -1.60
CA ALA A 259 -44.53 -9.80 -0.43
C ALA A 259 -45.87 -10.46 -0.74
N ARG A 260 -46.41 -10.18 -1.94
CA ARG A 260 -47.58 -10.92 -2.40
C ARG A 260 -47.30 -12.42 -2.45
N ASP A 261 -46.14 -12.81 -2.97
CA ASP A 261 -45.82 -14.23 -3.04
C ASP A 261 -45.76 -14.87 -1.66
N LEU A 262 -45.13 -14.20 -0.70
CA LEU A 262 -45.08 -14.72 0.67
C LEU A 262 -46.46 -14.75 1.30
N ALA A 263 -47.28 -13.74 1.05
CA ALA A 263 -48.67 -13.75 1.51
C ALA A 263 -49.43 -14.92 0.91
N ARG A 264 -49.14 -15.23 -0.36
CA ARG A 264 -49.82 -16.32 -1.04
C ARG A 264 -49.45 -17.66 -0.41
N HIS A 265 -48.21 -17.80 0.06
CA HIS A 265 -47.81 -18.99 0.80
C HIS A 265 -48.61 -19.12 2.09
N PHE A 266 -48.70 -18.01 2.84
CA PHE A 266 -49.48 -18.00 4.08
C PHE A 266 -50.93 -18.37 3.82
N ILE A 267 -51.53 -17.80 2.77
CA ILE A 267 -52.93 -18.07 2.46
C ILE A 267 -53.14 -19.55 2.15
N GLN A 268 -52.23 -20.16 1.39
CA GLN A 268 -52.35 -21.58 1.08
C GLN A 268 -52.27 -22.40 2.36
N ARG A 269 -51.27 -22.11 3.20
CA ARG A 269 -51.13 -22.79 4.48
C ARG A 269 -52.35 -22.55 5.37
N TRP A 270 -52.85 -21.31 5.39
CA TRP A 270 -54.01 -21.01 6.22
C TRP A 270 -55.22 -21.83 5.78
N ASN A 271 -55.55 -21.78 4.49
CA ASN A 271 -56.71 -22.50 4.00
C ASN A 271 -56.52 -24.01 4.06
N PHE A 272 -55.28 -24.49 3.85
CA PHE A 272 -54.99 -25.90 4.03
C PHE A 272 -55.17 -26.32 5.49
N THR A 273 -54.66 -25.50 6.42
CA THR A 273 -54.78 -25.82 7.84
C THR A 273 -56.24 -25.88 8.26
N LYS A 274 -57.09 -25.06 7.65
CA LYS A 274 -58.52 -25.08 7.95
C LYS A 274 -59.09 -26.48 7.80
N THR A 275 -58.65 -27.21 6.79
CA THR A 275 -59.18 -28.55 6.55
C THR A 275 -58.59 -29.60 7.48
N THR A 276 -57.69 -29.22 8.39
CA THR A 276 -56.98 -30.23 9.18
C THR A 276 -57.68 -30.64 10.47
N LYS A 277 -58.68 -29.88 10.95
CA LYS A 277 -59.45 -30.36 12.10
C LYS A 277 -60.76 -29.59 12.19
N ALA A 278 -61.73 -30.22 12.87
CA ALA A 278 -63.11 -29.77 12.87
C ALA A 278 -63.26 -28.35 13.40
N LYS A 279 -62.61 -28.04 14.53
CA LYS A 279 -62.73 -26.71 15.12
C LYS A 279 -62.37 -25.60 14.13
N TYR A 280 -61.38 -25.84 13.27
CA TYR A 280 -60.91 -24.82 12.35
C TYR A 280 -61.77 -24.71 11.10
N LYS A 281 -62.60 -25.73 10.83
CA LYS A 281 -63.46 -25.74 9.65
C LYS A 281 -64.64 -24.78 9.78
N THR A 282 -64.93 -24.30 10.98
CA THR A 282 -66.09 -23.46 11.19
C THR A 282 -65.85 -22.06 10.61
N PRO A 283 -66.92 -21.31 10.34
CA PRO A 283 -66.76 -19.98 9.71
C PRO A 283 -66.03 -18.95 10.56
N THR A 284 -65.82 -19.21 11.85
CA THR A 284 -65.06 -18.27 12.67
C THR A 284 -63.61 -18.14 12.22
N TYR A 285 -63.10 -19.11 11.45
CA TYR A 285 -61.82 -18.95 10.74
C TYR A 285 -62.04 -18.71 9.25
N PRO A 286 -62.11 -17.45 8.80
CA PRO A 286 -62.45 -17.18 7.41
C PRO A 286 -61.38 -17.70 6.46
N TYR A 287 -61.81 -18.14 5.27
CA TYR A 287 -60.86 -18.34 4.20
C TYR A 287 -60.16 -17.03 3.86
N LEU A 288 -58.87 -17.10 3.57
CA LEU A 288 -58.13 -15.93 3.11
C LEU A 288 -57.90 -16.00 1.60
N LEU A 289 -57.82 -14.82 0.98
CA LEU A 289 -57.71 -14.71 -0.47
C LEU A 289 -56.64 -13.68 -0.81
N PRO A 290 -55.79 -13.94 -1.80
CA PRO A 290 -54.70 -13.01 -2.11
C PRO A 290 -55.12 -11.81 -2.95
N LYS A 291 -54.57 -10.66 -2.60
CA LYS A 291 -54.63 -9.48 -3.47
C LYS A 291 -53.86 -9.75 -4.76
N SER A 292 -54.39 -9.27 -5.87
CA SER A 292 -53.82 -9.57 -7.18
C SER A 292 -53.23 -8.37 -7.92
N THR A 293 -53.76 -7.17 -7.72
CA THR A 293 -53.39 -6.02 -8.53
C THR A 293 -52.75 -4.88 -7.75
N SER A 294 -51.92 -4.11 -8.45
CA SER A 294 -51.33 -2.86 -7.98
C SER A 294 -50.46 -3.09 -6.72
N THR A 295 -49.32 -3.72 -6.97
CA THR A 295 -48.33 -3.94 -5.94
C THR A 295 -47.12 -3.04 -6.13
N LEU A 303 -43.36 1.65 4.93
CA LEU A 303 -42.23 1.35 4.07
C LEU A 303 -40.91 1.83 4.71
N PRO A 304 -40.00 0.88 4.97
CA PRO A 304 -38.65 1.27 5.40
C PRO A 304 -37.74 1.65 4.24
N GLY A 305 -36.43 1.68 4.49
CA GLY A 305 -35.43 1.99 3.49
C GLY A 305 -34.70 0.83 2.83
N GLY A 306 -35.19 0.36 1.69
CA GLY A 306 -34.66 -0.81 1.05
C GLY A 306 -33.81 -0.48 -0.18
N GLN A 307 -33.32 -1.55 -0.81
CA GLN A 307 -32.45 -1.47 -1.97
C GLN A 307 -33.15 -2.14 -3.15
N CYS A 308 -33.05 -1.53 -4.33
CA CYS A 308 -33.63 -2.15 -5.51
C CYS A 308 -32.83 -3.37 -5.92
N THR A 309 -33.52 -4.50 -6.03
CA THR A 309 -32.89 -5.80 -6.29
C THR A 309 -33.89 -6.65 -7.06
N THR A 310 -33.43 -7.81 -7.52
CA THR A 310 -34.32 -8.85 -8.02
C THR A 310 -34.47 -9.89 -6.91
N VAL A 311 -35.72 -10.15 -6.52
CA VAL A 311 -36.01 -11.02 -5.38
C VAL A 311 -36.89 -12.15 -5.87
N GLN A 312 -36.54 -13.38 -5.50
CA GLN A 312 -37.37 -14.55 -5.75
C GLN A 312 -37.65 -15.26 -4.43
N VAL A 313 -38.92 -15.51 -4.17
CA VAL A 313 -39.32 -16.23 -2.96
C VAL A 313 -39.07 -17.71 -3.18
N LEU A 314 -38.70 -18.40 -2.10
CA LEU A 314 -38.46 -19.84 -2.15
C LEU A 314 -38.98 -20.46 -0.88
N ARG A 315 -39.24 -21.76 -0.93
CA ARG A 315 -39.81 -22.41 0.23
C ARG A 315 -39.53 -23.90 0.17
N SER A 316 -39.65 -24.54 1.34
CA SER A 316 -39.71 -25.98 1.46
C SER A 316 -41.08 -26.30 2.06
N VAL A 317 -41.89 -27.06 1.34
CA VAL A 317 -43.19 -27.50 1.85
C VAL A 317 -43.47 -28.89 1.32
N ASP A 318 -44.37 -29.60 2.00
CA ASP A 318 -44.73 -30.96 1.66
C ASP A 318 -46.24 -31.11 1.74
N ARG A 319 -46.71 -32.29 1.34
CA ARG A 319 -48.12 -32.64 1.52
C ARG A 319 -48.54 -32.42 2.96
N TRP A 320 -47.75 -32.91 3.92
CA TRP A 320 -48.17 -32.83 5.31
C TRP A 320 -48.30 -31.38 5.76
N SER A 321 -47.45 -30.48 5.23
CA SER A 321 -47.36 -29.11 5.71
C SER A 321 -48.14 -28.12 4.86
N ALA A 322 -48.43 -28.47 3.61
CA ALA A 322 -49.14 -27.59 2.67
C ALA A 322 -49.80 -28.48 1.63
N GLY A 323 -50.29 -27.87 0.55
CA GLY A 323 -50.97 -28.68 -0.43
C GLY A 323 -50.09 -29.45 -1.40
N THR A 324 -48.77 -29.32 -1.31
CA THR A 324 -47.92 -29.53 -2.48
C THR A 324 -46.50 -29.80 -1.99
N LEU A 325 -45.67 -30.26 -2.93
CA LEU A 325 -44.27 -30.56 -2.64
C LEU A 325 -43.40 -29.48 -3.23
N GLU A 326 -42.41 -29.02 -2.47
CA GLU A 326 -41.43 -28.08 -3.02
C GLU A 326 -40.15 -28.13 -2.19
N ASN A 327 -39.02 -28.00 -2.87
CA ASN A 327 -37.72 -27.84 -2.22
C ASN A 327 -36.88 -26.85 -3.01
N SER A 328 -37.45 -25.67 -3.26
CA SER A 328 -36.77 -24.68 -4.09
C SER A 328 -35.68 -23.92 -3.33
N ILE A 329 -35.69 -23.94 -2.00
CA ILE A 329 -34.57 -23.37 -1.25
C ILE A 329 -33.30 -24.16 -1.54
N LEU A 330 -33.40 -25.49 -1.45
CA LEU A 330 -32.27 -26.36 -1.76
C LEU A 330 -31.77 -26.11 -3.18
N ASN A 331 -32.68 -26.10 -4.15
CA ASN A 331 -32.28 -25.91 -5.55
C ASN A 331 -31.56 -24.58 -5.74
N ALA A 332 -32.05 -23.53 -5.08
CA ALA A 332 -31.40 -22.22 -5.19
C ALA A 332 -30.04 -22.24 -4.51
N TYR A 333 -29.93 -22.93 -3.38
CA TYR A 333 -28.64 -23.07 -2.71
C TYR A 333 -27.62 -23.72 -3.64
N LEU A 334 -28.00 -24.85 -4.24
CA LEU A 334 -27.09 -25.60 -5.09
C LEU A 334 -26.65 -24.76 -6.29
N HIS A 335 -27.61 -24.09 -6.95
CA HIS A 335 -27.31 -23.35 -8.16
C HIS A 335 -26.40 -22.16 -7.85
N THR A 336 -26.60 -21.52 -6.70
CA THR A 336 -25.77 -20.39 -6.35
C THR A 336 -24.33 -20.83 -6.11
N ILE A 337 -24.14 -21.96 -5.44
CA ILE A 337 -22.81 -22.52 -5.27
C ILE A 337 -22.20 -22.89 -6.61
N ARG A 338 -22.95 -23.62 -7.45
CA ARG A 338 -22.40 -24.04 -8.74
C ARG A 338 -21.94 -22.86 -9.58
N GLU A 339 -22.70 -21.77 -9.58
CA GLU A 339 -22.44 -20.63 -10.44
C GLU A 339 -21.62 -19.54 -9.79
N SER A 340 -21.20 -19.71 -8.53
CA SER A 340 -20.41 -18.69 -7.88
C SER A 340 -19.02 -18.64 -8.52
N GLN A 341 -18.43 -17.44 -8.54
CA GLN A 341 -17.18 -17.23 -9.23
C GLN A 341 -16.04 -16.76 -8.36
N HIS A 342 -16.30 -16.29 -7.14
CA HIS A 342 -15.23 -15.65 -6.38
C HIS A 342 -15.21 -16.07 -4.91
N PHE A 343 -16.37 -16.12 -4.27
CA PHE A 343 -16.40 -16.50 -2.86
C PHE A 343 -17.82 -16.82 -2.43
N LEU A 344 -17.91 -17.58 -1.35
CA LEU A 344 -19.16 -17.82 -0.62
C LEU A 344 -18.97 -17.43 0.83
N TYR A 345 -19.98 -16.79 1.40
CA TYR A 345 -20.04 -16.50 2.82
C TYR A 345 -21.28 -17.21 3.35
N ILE A 346 -21.08 -18.19 4.23
CA ILE A 346 -22.18 -18.97 4.78
C ILE A 346 -22.22 -18.75 6.29
N GLU A 347 -23.35 -18.26 6.77
CA GLU A 347 -23.61 -18.09 8.19
C GLU A 347 -24.90 -18.87 8.49
N ASN A 348 -24.78 -19.97 9.21
CA ASN A 348 -25.92 -20.84 9.41
C ASN A 348 -25.83 -21.52 10.77
N GLN A 349 -27.02 -21.78 11.34
CA GLN A 349 -27.09 -22.43 12.64
C GLN A 349 -26.60 -23.87 12.58
N PHE A 350 -26.81 -24.55 11.46
CA PHE A 350 -26.42 -25.95 11.32
C PHE A 350 -25.66 -26.12 10.02
N PHE A 351 -24.91 -27.21 9.93
CA PHE A 351 -24.13 -27.50 8.73
C PHE A 351 -24.02 -29.02 8.63
N ILE A 352 -25.14 -29.63 8.24
CA ILE A 352 -25.28 -31.08 8.14
C ILE A 352 -25.61 -31.40 6.69
N SER A 353 -24.68 -32.07 6.01
CA SER A 353 -24.75 -32.28 4.57
C SER A 353 -23.75 -33.36 4.18
N CYS A 354 -23.42 -33.44 2.89
CA CYS A 354 -22.55 -34.49 2.34
C CYS A 354 -23.29 -35.82 2.30
N SER A 355 -24.00 -36.07 1.22
CA SER A 355 -24.93 -37.19 1.15
C SER A 355 -24.18 -38.52 1.17
N ASP A 356 -24.76 -39.50 1.86
CA ASP A 356 -24.34 -40.89 1.77
C ASP A 356 -25.42 -41.79 1.19
N GLY A 357 -26.51 -41.23 0.68
CA GLY A 357 -27.62 -41.99 0.16
C GLY A 357 -28.54 -42.59 1.20
N ARG A 358 -28.19 -42.54 2.49
CA ARG A 358 -28.98 -43.22 3.50
C ARG A 358 -29.38 -42.28 4.63
N THR A 359 -28.40 -41.86 5.44
CA THR A 359 -28.70 -41.05 6.62
C THR A 359 -28.81 -39.56 6.30
N VAL A 360 -27.90 -39.03 5.49
CA VAL A 360 -27.89 -37.64 5.06
C VAL A 360 -27.96 -37.61 3.54
N LEU A 361 -28.85 -36.76 3.01
CA LEU A 361 -29.21 -36.81 1.60
C LEU A 361 -28.88 -35.55 0.79
N ASN A 362 -28.98 -34.36 1.38
CA ASN A 362 -28.74 -33.14 0.61
C ASN A 362 -27.28 -33.04 0.17
N LYS A 363 -27.06 -32.33 -0.94
CA LYS A 363 -25.79 -32.30 -1.65
C LYS A 363 -25.11 -30.95 -1.59
N VAL A 364 -25.46 -30.11 -0.60
CA VAL A 364 -24.88 -28.78 -0.50
C VAL A 364 -23.37 -28.86 -0.27
N GLY A 365 -22.94 -29.71 0.67
CA GLY A 365 -21.52 -29.91 0.88
C GLY A 365 -20.80 -30.39 -0.35
N ASP A 366 -21.41 -31.33 -1.10
CA ASP A 366 -20.79 -31.83 -2.31
C ASP A 366 -20.58 -30.73 -3.34
N GLU A 367 -21.52 -29.78 -3.42
CA GLU A 367 -21.37 -28.66 -4.34
C GLU A 367 -20.24 -27.74 -3.89
N ILE A 368 -20.13 -27.50 -2.59
CA ILE A 368 -19.01 -26.69 -2.07
C ILE A 368 -17.69 -27.36 -2.42
N VAL A 369 -17.60 -28.67 -2.18
CA VAL A 369 -16.40 -29.42 -2.50
C VAL A 369 -16.07 -29.31 -3.99
N ASP A 370 -17.08 -29.52 -4.86
CA ASP A 370 -16.82 -29.46 -6.30
C ASP A 370 -16.31 -28.08 -6.71
N ARG A 371 -16.87 -27.03 -6.14
CA ARG A 371 -16.42 -25.68 -6.48
C ARG A 371 -14.98 -25.46 -6.04
N ILE A 372 -14.65 -25.87 -4.81
CA ILE A 372 -13.28 -25.74 -4.33
C ILE A 372 -12.35 -26.60 -5.17
N LEU A 373 -12.75 -27.83 -5.48
CA LEU A 373 -11.89 -28.69 -6.29
C LEU A 373 -11.70 -28.10 -7.68
N LYS A 374 -12.73 -27.44 -8.22
CA LYS A 374 -12.59 -26.80 -9.53
C LYS A 374 -11.70 -25.57 -9.44
N ALA A 375 -11.91 -24.74 -8.42
CA ALA A 375 -11.06 -23.56 -8.25
C ALA A 375 -9.61 -23.96 -8.12
N HIS A 376 -9.34 -25.05 -7.40
CA HIS A 376 -7.97 -25.53 -7.27
C HIS A 376 -7.45 -26.05 -8.60
N LYS A 377 -8.33 -26.71 -9.37
CA LYS A 377 -7.92 -27.26 -10.66
C LYS A 377 -7.67 -26.17 -11.68
N GLN A 378 -8.47 -25.09 -11.68
CA GLN A 378 -8.28 -24.02 -12.64
C GLN A 378 -7.34 -22.93 -12.14
N GLY A 379 -6.91 -23.01 -10.89
CA GLY A 379 -6.01 -22.02 -10.33
C GLY A 379 -6.69 -20.73 -9.92
N TRP A 380 -7.98 -20.77 -9.61
CA TRP A 380 -8.72 -19.58 -9.23
C TRP A 380 -8.50 -19.23 -7.76
N CYS A 381 -8.53 -17.94 -7.46
CA CYS A 381 -8.69 -17.49 -6.09
C CYS A 381 -10.16 -17.59 -5.70
N TYR A 382 -10.46 -18.46 -4.75
CA TYR A 382 -11.82 -18.77 -4.34
C TYR A 382 -11.82 -19.07 -2.85
N ARG A 383 -12.77 -18.47 -2.13
CA ARG A 383 -12.84 -18.63 -0.68
C ARG A 383 -14.25 -19.01 -0.27
N VAL A 384 -14.34 -19.91 0.70
CA VAL A 384 -15.61 -20.29 1.32
C VAL A 384 -15.51 -19.96 2.79
N TYR A 385 -16.37 -19.06 3.25
CA TYR A 385 -16.44 -18.71 4.66
C TYR A 385 -17.66 -19.38 5.27
N VAL A 386 -17.43 -20.15 6.33
CA VAL A 386 -18.51 -20.85 7.02
C VAL A 386 -18.48 -20.37 8.46
N LEU A 387 -19.60 -19.81 8.92
CA LEU A 387 -19.74 -19.29 10.27
C LEU A 387 -20.80 -20.11 10.99
N LEU A 388 -20.40 -20.81 12.05
CA LEU A 388 -21.34 -21.68 12.72
C LEU A 388 -21.35 -21.37 14.20
N PRO A 389 -22.46 -21.62 14.89
CA PRO A 389 -22.45 -21.54 16.35
C PRO A 389 -21.52 -22.60 16.91
N LEU A 390 -20.75 -22.22 17.93
CA LEU A 390 -19.78 -23.15 18.49
C LEU A 390 -20.43 -24.35 19.15
N LEU A 391 -21.68 -24.22 19.60
CA LEU A 391 -22.42 -25.32 20.21
C LEU A 391 -23.88 -25.25 19.78
N PRO A 392 -24.53 -26.40 19.62
CA PRO A 392 -25.93 -26.41 19.22
C PRO A 392 -26.81 -25.86 20.33
N GLY A 393 -27.97 -25.34 19.94
CA GLY A 393 -28.86 -24.66 20.86
C GLY A 393 -29.75 -25.60 21.65
N PHE A 394 -29.14 -26.47 22.47
CA PHE A 394 -29.89 -27.32 23.38
C PHE A 394 -29.28 -27.24 24.78
N GLU A 395 -30.10 -27.55 25.78
CA GLU A 395 -29.67 -27.52 27.17
C GLU A 395 -28.74 -28.69 27.45
N GLY A 396 -27.47 -28.39 27.71
CA GLY A 396 -26.51 -29.45 27.99
C GLY A 396 -25.25 -28.98 28.68
N ASP A 397 -24.86 -29.68 29.74
CA ASP A 397 -23.65 -29.35 30.49
C ASP A 397 -22.45 -29.78 29.66
N ILE A 398 -21.83 -28.81 28.96
CA ILE A 398 -20.69 -29.10 28.10
C ILE A 398 -19.48 -29.57 28.88
N SER A 399 -19.41 -29.28 30.19
CA SER A 399 -18.30 -29.79 31.01
C SER A 399 -18.39 -31.29 31.24
N THR A 400 -19.58 -31.87 31.15
CA THR A 400 -19.75 -33.31 31.17
C THR A 400 -19.59 -33.95 29.80
N GLY A 401 -19.60 -33.15 28.74
CA GLY A 401 -19.57 -33.66 27.37
C GLY A 401 -20.75 -33.22 26.53
N GLY A 402 -21.71 -32.49 27.10
CA GLY A 402 -22.93 -32.18 26.42
C GLY A 402 -23.95 -33.30 26.45
N GLY A 403 -25.23 -32.94 26.41
CA GLY A 403 -26.29 -33.90 26.22
C GLY A 403 -26.19 -34.71 24.96
N ASN A 404 -27.09 -35.68 24.79
CA ASN A 404 -27.11 -36.50 23.59
C ASN A 404 -27.58 -35.71 22.37
N SER A 405 -28.45 -34.72 22.58
CA SER A 405 -28.83 -33.82 21.49
C SER A 405 -27.61 -33.05 20.97
N ILE A 406 -26.82 -32.46 21.88
CA ILE A 406 -25.61 -31.77 21.46
C ILE A 406 -24.67 -32.72 20.73
N GLN A 407 -24.54 -33.94 21.25
CA GLN A 407 -23.61 -34.91 20.68
C GLN A 407 -24.08 -35.40 19.31
N ALA A 408 -25.38 -35.63 19.14
CA ALA A 408 -25.92 -36.01 17.85
C ALA A 408 -25.66 -34.95 16.78
N ILE A 409 -25.90 -33.68 17.09
CA ILE A 409 -25.62 -32.62 16.12
C ILE A 409 -24.12 -32.55 15.81
N LEU A 410 -23.28 -32.63 16.85
CA LEU A 410 -21.84 -32.62 16.62
C LEU A 410 -21.39 -33.77 15.74
N HIS A 411 -21.95 -34.97 15.95
CA HIS A 411 -21.61 -36.11 15.09
C HIS A 411 -21.83 -35.78 13.62
N PHE A 412 -23.04 -35.31 13.28
CA PHE A 412 -23.34 -35.07 11.88
C PHE A 412 -22.64 -33.82 11.38
N THR A 413 -22.40 -32.86 12.27
CA THR A 413 -21.61 -31.68 11.90
C THR A 413 -20.17 -32.07 11.58
N TYR A 414 -19.55 -32.87 12.45
CA TYR A 414 -18.16 -33.25 12.21
C TYR A 414 -18.04 -34.23 11.06
N ARG A 415 -19.05 -35.08 10.85
CA ARG A 415 -19.06 -35.94 9.66
C ARG A 415 -19.05 -35.10 8.40
N THR A 416 -19.73 -33.96 8.43
CA THR A 416 -19.71 -33.04 7.30
C THR A 416 -18.37 -32.33 7.18
N LEU A 417 -17.81 -31.87 8.31
CA LEU A 417 -16.67 -30.97 8.24
C LEU A 417 -15.37 -31.70 7.92
N CYS A 418 -15.03 -32.75 8.69
CA CYS A 418 -13.65 -33.22 8.65
C CYS A 418 -13.44 -34.68 9.02
N ARG A 419 -14.49 -35.48 9.26
CA ARG A 419 -14.32 -36.83 9.80
C ARG A 419 -15.04 -37.83 8.91
N GLY A 420 -14.26 -38.71 8.28
CA GLY A 420 -14.78 -39.76 7.43
C GLY A 420 -14.62 -39.46 5.95
N GLU A 421 -14.91 -40.47 5.15
CA GLU A 421 -14.67 -40.41 3.71
C GLU A 421 -15.53 -39.34 3.03
N TYR A 422 -16.66 -38.95 3.62
CA TYR A 422 -17.57 -38.01 2.97
C TYR A 422 -17.31 -36.56 3.36
N SER A 423 -16.45 -36.31 4.34
CA SER A 423 -16.32 -34.96 4.87
C SER A 423 -15.68 -34.04 3.84
N ILE A 424 -16.00 -32.75 3.96
CA ILE A 424 -15.44 -31.75 3.05
C ILE A 424 -13.91 -31.79 3.09
N LEU A 425 -13.35 -31.69 4.30
CA LEU A 425 -11.90 -31.60 4.44
C LEU A 425 -11.17 -32.86 3.99
N HIS A 426 -11.76 -34.04 4.20
CA HIS A 426 -11.10 -35.27 3.76
C HIS A 426 -11.01 -35.33 2.25
N ARG A 427 -12.06 -34.93 1.54
CA ARG A 427 -12.01 -34.99 0.09
C ARG A 427 -11.10 -33.90 -0.47
N LEU A 428 -11.08 -32.74 0.19
CA LEU A 428 -10.16 -31.67 -0.22
C LEU A 428 -8.71 -32.05 0.07
N LYS A 429 -8.44 -32.55 1.29
CA LYS A 429 -7.08 -32.94 1.64
C LYS A 429 -6.54 -33.99 0.68
N ALA A 430 -7.40 -34.95 0.30
CA ALA A 430 -6.99 -36.00 -0.62
C ALA A 430 -6.55 -35.46 -1.97
N ALA A 431 -7.22 -34.42 -2.45
CA ALA A 431 -6.91 -33.80 -3.73
C ALA A 431 -5.80 -32.75 -3.69
N MET A 432 -5.71 -31.95 -2.63
CA MET A 432 -4.83 -30.78 -2.67
C MET A 432 -3.96 -30.61 -1.44
N GLY A 433 -3.94 -31.60 -0.54
CA GLY A 433 -3.12 -31.50 0.65
C GLY A 433 -3.49 -30.30 1.50
N THR A 434 -2.47 -29.67 2.09
CA THR A 434 -2.70 -28.55 3.00
C THR A 434 -3.20 -27.30 2.31
N ALA A 435 -3.26 -27.27 0.98
CA ALA A 435 -3.81 -26.10 0.29
C ALA A 435 -5.29 -25.87 0.60
N TRP A 436 -5.98 -26.87 1.15
CA TRP A 436 -7.39 -26.67 1.49
C TRP A 436 -7.62 -25.47 2.39
N ARG A 437 -6.61 -25.06 3.16
CA ARG A 437 -6.78 -23.91 4.04
C ARG A 437 -6.89 -22.61 3.26
N ASP A 438 -6.41 -22.58 2.01
CA ASP A 438 -6.56 -21.41 1.15
C ASP A 438 -7.97 -21.25 0.60
N TYR A 439 -8.83 -22.25 0.74
CA TYR A 439 -10.12 -22.24 0.07
C TYR A 439 -11.32 -22.27 1.00
N ILE A 440 -11.16 -22.68 2.26
CA ILE A 440 -12.28 -22.76 3.19
C ILE A 440 -11.82 -22.39 4.59
N SER A 441 -12.66 -21.65 5.31
CA SER A 441 -12.40 -21.26 6.69
C SER A 441 -13.68 -21.50 7.48
N ILE A 442 -13.59 -22.32 8.52
CA ILE A 442 -14.73 -22.61 9.38
C ILE A 442 -14.48 -21.93 10.73
N CYS A 443 -15.38 -21.02 11.09
CA CYS A 443 -15.19 -20.21 12.29
C CYS A 443 -16.48 -20.15 13.10
N GLY A 444 -16.34 -19.68 14.34
CA GLY A 444 -17.45 -19.40 15.21
C GLY A 444 -17.26 -18.04 15.86
N LEU A 445 -18.17 -17.69 16.76
CA LEU A 445 -18.09 -16.40 17.42
C LEU A 445 -18.13 -16.57 18.92
N ARG A 446 -17.40 -15.69 19.60
CA ARG A 446 -17.29 -15.67 21.06
C ARG A 446 -17.09 -14.23 21.48
N THR A 447 -17.61 -13.86 22.64
CA THR A 447 -17.36 -12.55 23.21
C THR A 447 -17.03 -12.71 24.69
N HIS A 448 -16.68 -11.59 25.33
CA HIS A 448 -16.39 -11.60 26.75
C HIS A 448 -16.90 -10.32 27.39
N GLY A 449 -17.08 -10.39 28.70
CA GLY A 449 -17.59 -9.29 29.48
C GLY A 449 -17.15 -9.44 30.92
N GLU A 450 -17.88 -8.78 31.80
CA GLU A 450 -17.56 -8.79 33.22
C GLU A 450 -18.81 -9.11 34.01
N LEU A 451 -18.68 -10.03 34.96
CA LEU A 451 -19.77 -10.40 35.86
C LEU A 451 -19.17 -10.92 37.15
N GLY A 452 -19.69 -10.45 38.28
CA GLY A 452 -19.19 -10.86 39.58
C GLY A 452 -17.76 -10.43 39.85
N GLY A 453 -17.28 -9.39 39.18
CA GLY A 453 -15.96 -8.88 39.45
C GLY A 453 -14.83 -9.61 38.74
N HIS A 454 -15.14 -10.38 37.71
CA HIS A 454 -14.13 -11.09 36.94
C HIS A 454 -14.65 -11.27 35.51
N PRO A 455 -13.76 -11.46 34.54
CA PRO A 455 -14.22 -11.68 33.17
C PRO A 455 -15.03 -12.95 33.02
N VAL A 456 -16.06 -12.88 32.17
CA VAL A 456 -16.83 -14.04 31.78
C VAL A 456 -16.89 -14.06 30.26
N SER A 457 -17.14 -15.25 29.70
CA SER A 457 -17.19 -15.40 28.26
C SER A 457 -18.33 -16.34 27.88
N GLU A 458 -18.89 -16.10 26.69
CA GLU A 458 -19.91 -16.97 26.13
C GLU A 458 -19.85 -16.84 24.62
N LEU A 459 -20.17 -17.93 23.92
CA LEU A 459 -20.30 -17.86 22.48
C LEU A 459 -21.50 -17.02 22.09
N ILE A 460 -21.38 -16.36 20.93
CA ILE A 460 -22.51 -15.70 20.29
C ILE A 460 -23.23 -16.74 19.46
N TYR A 461 -24.50 -16.99 19.76
CA TYR A 461 -25.23 -18.05 19.06
C TYR A 461 -25.57 -17.58 17.66
N ILE A 462 -24.95 -18.21 16.67
CA ILE A 462 -25.17 -17.86 15.27
C ILE A 462 -26.45 -18.56 14.82
N HIS A 463 -27.56 -17.80 14.80
CA HIS A 463 -28.84 -18.33 14.37
C HIS A 463 -29.20 -17.93 12.94
N SER A 464 -28.38 -17.10 12.31
CA SER A 464 -28.66 -16.66 10.95
C SER A 464 -28.79 -17.87 10.02
N LYS A 465 -29.47 -17.66 8.90
CA LYS A 465 -29.53 -18.61 7.79
C LYS A 465 -29.33 -17.80 6.52
N VAL A 466 -28.09 -17.41 6.25
CA VAL A 466 -27.78 -16.51 5.16
C VAL A 466 -26.61 -17.07 4.35
N LEU A 467 -26.66 -16.83 3.04
CA LEU A 467 -25.57 -17.12 2.13
C LEU A 467 -25.34 -15.88 1.27
N ILE A 468 -24.08 -15.49 1.10
CA ILE A 468 -23.72 -14.42 0.19
C ILE A 468 -22.75 -14.99 -0.83
N ALA A 469 -22.97 -14.68 -2.11
CA ALA A 469 -22.07 -15.09 -3.17
C ALA A 469 -21.61 -13.89 -3.98
N ASP A 470 -20.30 -13.74 -4.15
CA ASP A 470 -19.71 -12.86 -5.15
C ASP A 470 -20.05 -11.38 -4.93
N ASP A 471 -20.47 -11.02 -3.72
CA ASP A 471 -20.93 -9.65 -3.42
C ASP A 471 -22.06 -9.21 -4.33
N ARG A 472 -22.87 -10.17 -4.79
CA ARG A 472 -23.94 -9.89 -5.74
C ARG A 472 -25.24 -10.61 -5.44
N THR A 473 -25.21 -11.74 -4.73
CA THR A 473 -26.38 -12.57 -4.52
C THR A 473 -26.45 -12.96 -3.05
N VAL A 474 -27.65 -12.96 -2.50
CA VAL A 474 -27.88 -13.29 -1.09
C VAL A 474 -29.10 -14.19 -1.00
N ILE A 475 -29.01 -15.22 -0.17
CA ILE A 475 -30.17 -16.01 0.23
C ILE A 475 -30.39 -15.82 1.73
N ILE A 476 -31.59 -15.38 2.09
CA ILE A 476 -31.99 -15.18 3.47
C ILE A 476 -33.32 -15.90 3.71
N GLY A 477 -33.41 -16.62 4.82
CA GLY A 477 -34.62 -17.35 5.11
C GLY A 477 -34.55 -18.03 6.45
N SER A 478 -35.42 -19.03 6.63
CA SER A 478 -35.45 -19.83 7.85
C SER A 478 -34.74 -21.17 7.70
N ALA A 479 -34.30 -21.51 6.48
CA ALA A 479 -33.84 -22.86 6.16
C ALA A 479 -32.41 -23.04 6.64
N ASN A 480 -32.21 -23.92 7.62
CA ASN A 480 -30.86 -24.35 7.99
C ASN A 480 -30.28 -25.23 6.89
N ILE A 481 -28.97 -25.42 6.93
CA ILE A 481 -28.30 -26.37 6.04
C ILE A 481 -28.33 -27.72 6.74
N ASN A 482 -29.43 -28.44 6.52
CA ASN A 482 -29.59 -29.82 6.99
C ASN A 482 -30.75 -30.43 6.21
N ASP A 483 -30.91 -31.74 6.35
CA ASP A 483 -32.00 -32.41 5.63
C ASP A 483 -33.36 -31.94 6.12
N ARG A 484 -33.48 -31.64 7.42
CA ARG A 484 -34.76 -31.24 7.98
C ARG A 484 -35.33 -30.01 7.29
N SER A 485 -34.47 -29.02 7.02
CA SER A 485 -34.92 -27.77 6.40
C SER A 485 -34.99 -27.83 4.88
N LEU A 486 -34.12 -28.60 4.23
CA LEU A 486 -33.89 -28.43 2.80
C LEU A 486 -34.62 -29.45 1.94
N LEU A 487 -34.91 -30.65 2.46
CA LEU A 487 -35.48 -31.69 1.61
C LEU A 487 -36.89 -31.39 1.14
N GLY A 488 -37.61 -30.50 1.82
CA GLY A 488 -39.00 -30.28 1.47
C GLY A 488 -39.96 -31.23 2.17
N LYS A 489 -39.61 -32.52 2.19
CA LYS A 489 -40.49 -33.53 2.76
C LYS A 489 -40.69 -33.35 4.26
N ARG A 490 -39.82 -32.59 4.92
CA ARG A 490 -39.83 -32.52 6.38
C ARG A 490 -40.38 -31.19 6.89
N ASP A 491 -39.52 -30.38 7.47
CA ASP A 491 -39.91 -29.07 7.98
C ASP A 491 -40.30 -28.13 6.85
N SER A 492 -41.29 -27.28 7.12
CA SER A 492 -41.59 -26.20 6.20
C SER A 492 -40.69 -25.01 6.47
N GLU A 493 -40.24 -24.37 5.38
CA GLU A 493 -39.26 -23.30 5.43
C GLU A 493 -39.59 -22.26 4.37
N LEU A 494 -39.05 -21.06 4.58
CA LEU A 494 -39.14 -19.97 3.62
C LEU A 494 -37.76 -19.38 3.37
N ALA A 495 -37.57 -18.84 2.16
CA ALA A 495 -36.37 -18.07 1.88
C ALA A 495 -36.66 -17.12 0.72
N VAL A 496 -35.79 -16.13 0.57
CA VAL A 496 -35.80 -15.26 -0.59
C VAL A 496 -34.42 -15.30 -1.25
N LEU A 497 -34.41 -15.33 -2.59
CA LEU A 497 -33.19 -15.19 -3.37
C LEU A 497 -33.09 -13.75 -3.85
N ILE A 498 -32.02 -13.06 -3.48
CA ILE A 498 -31.89 -11.63 -3.72
C ILE A 498 -30.70 -11.41 -4.63
N GLU A 499 -30.97 -10.95 -5.85
CA GLU A 499 -29.95 -10.71 -6.86
C GLU A 499 -29.88 -9.21 -7.13
N ASP A 500 -28.67 -8.65 -7.05
CA ASP A 500 -28.50 -7.22 -7.23
C ASP A 500 -28.61 -6.83 -8.71
N THR A 501 -29.30 -5.72 -8.97
CA THR A 501 -29.30 -5.08 -10.28
C THR A 501 -28.50 -3.79 -10.32
N GLU A 502 -28.24 -3.19 -9.17
CA GLU A 502 -27.42 -1.99 -8.99
C GLU A 502 -26.10 -2.38 -8.32
N THR A 503 -25.03 -1.68 -8.68
CA THR A 503 -23.69 -2.10 -8.30
C THR A 503 -22.96 -0.94 -7.61
N GLU A 504 -21.84 -1.30 -6.98
CA GLU A 504 -20.95 -0.37 -6.33
C GLU A 504 -19.52 -0.68 -6.72
N PRO A 505 -18.66 0.34 -6.89
CA PRO A 505 -17.24 0.05 -7.13
C PRO A 505 -16.67 -0.67 -5.93
N SER A 506 -16.01 -1.80 -6.17
CA SER A 506 -15.39 -2.55 -5.09
C SER A 506 -14.14 -3.23 -5.64
N LEU A 507 -13.64 -4.22 -4.92
CA LEU A 507 -12.45 -4.96 -5.28
C LEU A 507 -12.74 -6.45 -5.20
N MET A 508 -12.03 -7.23 -6.02
CA MET A 508 -12.12 -8.68 -5.98
C MET A 508 -10.77 -9.23 -6.42
N ASN A 509 -10.02 -9.80 -5.47
CA ASN A 509 -8.64 -10.26 -5.69
C ASN A 509 -7.80 -9.19 -6.40
N GLY A 510 -7.85 -7.97 -5.86
CA GLY A 510 -7.03 -6.89 -6.35
C GLY A 510 -7.56 -6.19 -7.59
N ALA A 511 -8.52 -6.77 -8.30
CA ALA A 511 -9.05 -6.18 -9.51
C ALA A 511 -10.30 -5.37 -9.20
N GLU A 512 -10.51 -4.31 -9.99
CA GLU A 512 -11.74 -3.55 -9.90
C GLU A 512 -12.94 -4.47 -10.14
N TYR A 513 -13.98 -4.29 -9.35
CA TYR A 513 -15.11 -5.22 -9.33
C TYR A 513 -16.38 -4.47 -8.98
N GLN A 514 -17.39 -4.58 -9.84
CA GLN A 514 -18.70 -4.01 -9.57
C GLN A 514 -19.46 -4.95 -8.65
N ALA A 515 -19.53 -4.63 -7.37
CA ALA A 515 -20.25 -5.45 -6.42
C ALA A 515 -21.69 -4.96 -6.31
N GLY A 516 -22.59 -5.87 -5.97
CA GLY A 516 -23.97 -5.49 -5.77
C GLY A 516 -24.17 -4.72 -4.48
N ARG A 517 -25.11 -3.77 -4.52
CA ARG A 517 -25.29 -2.86 -3.40
C ARG A 517 -25.83 -3.59 -2.17
N PHE A 518 -26.90 -4.35 -2.36
CA PHE A 518 -27.51 -5.10 -1.25
C PHE A 518 -26.55 -6.12 -0.67
N ALA A 519 -25.89 -6.89 -1.53
CA ALA A 519 -25.03 -7.99 -1.07
C ALA A 519 -23.76 -7.48 -0.42
N LEU A 520 -23.14 -6.45 -1.01
CA LEU A 520 -21.89 -5.92 -0.47
C LEU A 520 -22.10 -5.30 0.90
N SER A 521 -23.17 -4.52 1.05
CA SER A 521 -23.43 -3.86 2.33
C SER A 521 -23.69 -4.87 3.44
N LEU A 522 -24.45 -5.93 3.13
CA LEU A 522 -24.65 -6.99 4.11
C LEU A 522 -23.32 -7.66 4.47
N ARG A 523 -22.56 -8.08 3.46
CA ARG A 523 -21.31 -8.76 3.71
C ARG A 523 -20.31 -7.90 4.48
N LYS A 524 -20.19 -6.62 4.10
CA LYS A 524 -19.31 -5.72 4.83
C LYS A 524 -19.77 -5.52 6.27
N HIS A 525 -21.09 -5.43 6.48
CA HIS A 525 -21.59 -5.26 7.84
C HIS A 525 -21.29 -6.48 8.68
N CYS A 526 -21.49 -7.68 8.13
CA CYS A 526 -21.10 -8.91 8.81
C CYS A 526 -19.62 -8.89 9.14
N PHE A 527 -18.77 -8.71 8.11
CA PHE A 527 -17.32 -8.75 8.33
C PHE A 527 -16.89 -7.70 9.34
N GLY A 528 -17.46 -6.50 9.25
CA GLY A 528 -17.03 -5.43 10.14
C GLY A 528 -17.31 -5.73 11.59
N VAL A 529 -18.51 -6.25 11.90
CA VAL A 529 -18.88 -6.57 13.27
C VAL A 529 -18.09 -7.76 13.78
N ILE A 530 -17.92 -8.77 12.93
CA ILE A 530 -17.24 -10.00 13.33
C ILE A 530 -15.75 -9.76 13.59
N LEU A 531 -15.09 -8.94 12.77
CA LEU A 531 -13.66 -8.74 12.96
C LEU A 531 -13.30 -7.55 13.84
N GLY A 532 -14.21 -6.62 14.09
CA GLY A 532 -13.99 -5.58 15.05
C GLY A 532 -13.71 -4.25 14.40
N ALA A 533 -14.28 -3.95 13.25
CA ALA A 533 -13.83 -2.82 12.43
C ALA A 533 -13.99 -1.49 13.14
N ASN A 534 -14.91 -1.42 14.09
CA ASN A 534 -15.03 -0.23 14.93
C ASN A 534 -13.72 0.09 15.62
N THR A 535 -13.10 -0.93 16.22
CA THR A 535 -11.90 -0.71 17.01
C THR A 535 -10.66 -0.50 16.14
N ARG A 536 -10.60 -1.13 14.96
CA ARG A 536 -9.49 -1.00 14.03
C ARG A 536 -10.00 -0.39 12.73
N PRO A 537 -10.16 0.93 12.67
CA PRO A 537 -10.63 1.57 11.45
C PRO A 537 -9.68 1.47 10.29
N ASP A 538 -8.52 0.83 10.44
CA ASP A 538 -7.64 0.60 9.30
C ASP A 538 -7.89 -0.72 8.59
N LEU A 539 -9.03 -1.35 8.80
CA LEU A 539 -9.23 -2.62 8.13
C LEU A 539 -9.79 -2.34 6.74
N ASP A 540 -9.24 -3.00 5.73
CA ASP A 540 -9.72 -2.87 4.34
C ASP A 540 -10.66 -4.03 4.08
N LEU A 541 -11.97 -3.76 4.05
CA LEU A 541 -12.94 -4.82 3.85
C LEU A 541 -13.48 -4.82 2.44
N ARG A 542 -12.84 -4.12 1.51
CA ARG A 542 -13.34 -4.05 0.14
C ARG A 542 -13.16 -5.39 -0.56
N ASP A 543 -11.97 -5.97 -0.43
CA ASP A 543 -11.62 -7.20 -1.13
C ASP A 543 -11.83 -8.36 -0.18
N PRO A 544 -12.80 -9.25 -0.43
CA PRO A 544 -13.06 -10.39 0.46
C PRO A 544 -12.30 -11.67 0.16
N ILE A 545 -11.43 -11.71 -0.86
CA ILE A 545 -10.81 -12.99 -1.20
C ILE A 545 -9.29 -12.89 -1.34
N CYS A 546 -8.75 -11.68 -1.41
CA CYS A 546 -7.31 -11.54 -1.57
C CYS A 546 -6.55 -12.18 -0.41
N ASP A 547 -5.32 -12.58 -0.69
CA ASP A 547 -4.52 -13.33 0.29
C ASP A 547 -4.35 -12.56 1.59
N ASP A 548 -4.04 -11.27 1.51
CA ASP A 548 -3.87 -10.47 2.71
C ASP A 548 -5.11 -10.51 3.60
N PHE A 549 -6.30 -10.37 3.00
CA PHE A 549 -7.49 -10.34 3.83
C PHE A 549 -7.83 -11.73 4.37
N PHE A 550 -7.68 -12.76 3.54
CA PHE A 550 -7.97 -14.12 4.00
C PHE A 550 -7.01 -14.54 5.10
N GLN A 551 -5.74 -14.15 4.97
CA GLN A 551 -4.76 -14.41 6.03
C GLN A 551 -5.15 -13.70 7.31
N LEU A 552 -5.53 -12.42 7.19
CA LEU A 552 -5.95 -11.66 8.37
C LEU A 552 -7.15 -12.33 9.04
N TRP A 553 -8.09 -12.83 8.24
CA TRP A 553 -9.23 -13.56 8.79
C TRP A 553 -8.77 -14.77 9.59
N GLN A 554 -7.92 -15.61 8.99
CA GLN A 554 -7.46 -16.81 9.69
C GLN A 554 -6.58 -16.46 10.89
N ASP A 555 -5.71 -15.46 10.76
CA ASP A 555 -4.85 -15.07 11.87
C ASP A 555 -5.67 -14.58 13.06
N MET A 556 -6.72 -13.79 12.80
CA MET A 556 -7.57 -13.32 13.88
C MET A 556 -8.27 -14.50 14.54
N ALA A 557 -8.82 -15.41 13.73
CA ALA A 557 -9.49 -16.59 14.27
C ALA A 557 -8.54 -17.38 15.19
N GLU A 558 -7.29 -17.54 14.77
CA GLU A 558 -6.33 -18.29 15.58
C GLU A 558 -5.92 -17.51 16.82
N SER A 559 -5.64 -16.21 16.65
CA SER A 559 -5.21 -15.40 17.78
C SER A 559 -6.29 -15.28 18.85
N ASN A 560 -7.53 -14.98 18.44
CA ASN A 560 -8.64 -14.90 19.38
C ASN A 560 -8.91 -16.23 20.06
N ALA A 561 -8.96 -17.32 19.30
CA ALA A 561 -9.22 -18.64 19.88
C ALA A 561 -8.20 -18.99 20.94
N ASN A 562 -6.93 -18.67 20.70
CA ASN A 562 -5.87 -18.96 21.67
C ASN A 562 -6.07 -18.16 22.95
N ILE A 563 -6.42 -16.87 22.82
CA ILE A 563 -6.60 -16.04 24.01
C ILE A 563 -7.78 -16.53 24.83
N TYR A 564 -8.93 -16.74 24.18
CA TYR A 564 -10.11 -17.23 24.88
C TYR A 564 -9.83 -18.55 25.59
N GLU A 565 -9.09 -19.45 24.95
CA GLU A 565 -8.73 -20.71 25.60
C GLU A 565 -7.77 -20.48 26.76
N GLN A 566 -6.86 -19.53 26.62
CA GLN A 566 -5.90 -19.23 27.68
C GLN A 566 -6.59 -18.64 28.91
N ILE A 567 -7.62 -17.83 28.70
CA ILE A 567 -8.23 -17.07 29.78
C ILE A 567 -9.42 -17.81 30.38
N PHE A 568 -10.22 -18.51 29.57
CA PHE A 568 -11.47 -19.06 30.05
C PHE A 568 -11.52 -20.58 30.02
N ARG A 569 -10.57 -21.23 29.33
CA ARG A 569 -10.60 -22.68 29.14
C ARG A 569 -11.99 -23.11 28.67
N CYS A 570 -12.53 -22.35 27.72
CA CYS A 570 -13.91 -22.54 27.29
C CYS A 570 -14.05 -23.67 26.29
N LEU A 571 -15.18 -24.30 26.33
CA LEU A 571 -15.56 -25.34 25.40
C LEU A 571 -16.49 -24.79 24.32
N PRO A 572 -16.40 -25.28 23.07
CA PRO A 572 -15.53 -26.37 22.64
C PRO A 572 -14.08 -25.91 22.49
N SER A 573 -13.17 -26.88 22.39
CA SER A 573 -11.75 -26.59 22.32
C SER A 573 -11.04 -27.75 21.65
N ASN A 574 -9.95 -27.44 20.96
CA ASN A 574 -9.10 -28.48 20.40
C ASN A 574 -8.31 -29.24 21.47
N ALA A 575 -8.25 -28.73 22.69
CA ALA A 575 -7.47 -29.32 23.76
C ALA A 575 -8.15 -30.50 24.45
N THR A 576 -9.39 -30.83 24.09
CA THR A 576 -10.13 -31.93 24.73
C THR A 576 -10.58 -32.89 23.64
N ARG A 577 -9.71 -33.83 23.28
CA ARG A 577 -9.99 -34.77 22.19
C ARG A 577 -10.82 -35.97 22.62
N SER A 578 -10.98 -36.22 23.92
CA SER A 578 -11.77 -37.35 24.40
C SER A 578 -12.50 -36.92 25.67
N LEU A 579 -13.47 -37.72 26.10
CA LEU A 579 -14.17 -37.37 27.33
C LEU A 579 -13.27 -37.50 28.55
N ARG A 580 -12.39 -38.50 28.59
CA ARG A 580 -11.49 -38.65 29.73
C ARG A 580 -10.54 -37.47 29.86
N THR A 581 -10.01 -36.97 28.75
CA THR A 581 -9.18 -35.78 28.90
C THR A 581 -10.06 -34.56 29.16
N LEU A 582 -11.32 -34.59 28.73
CA LEU A 582 -12.27 -33.55 29.08
C LEU A 582 -12.55 -33.53 30.58
N ARG A 583 -12.66 -34.71 31.21
CA ARG A 583 -13.01 -34.77 32.62
C ARG A 583 -11.92 -34.13 33.48
N GLU A 584 -10.65 -34.39 33.16
CA GLU A 584 -9.55 -33.78 33.89
C GLU A 584 -9.33 -32.32 33.50
N TYR A 585 -9.72 -31.96 32.27
CA TYR A 585 -9.47 -30.60 31.78
C TYR A 585 -10.39 -29.60 32.47
N VAL A 586 -11.65 -29.98 32.71
CA VAL A 586 -12.58 -29.06 33.38
C VAL A 586 -12.37 -29.00 34.88
N ALA A 587 -11.58 -29.93 35.45
CA ALA A 587 -11.31 -29.88 36.89
C ALA A 587 -10.33 -28.77 37.28
N VAL A 588 -9.94 -27.92 36.33
CA VAL A 588 -8.95 -26.88 36.54
C VAL A 588 -9.67 -25.54 36.53
N GLU A 589 -9.32 -24.68 37.48
CA GLU A 589 -9.94 -23.36 37.54
C GLU A 589 -9.30 -22.41 36.53
N PRO A 590 -10.09 -21.76 35.68
CA PRO A 590 -9.52 -20.91 34.63
C PRO A 590 -8.98 -19.59 35.18
N LEU A 591 -8.09 -18.98 34.39
CA LEU A 591 -7.44 -17.74 34.80
C LEU A 591 -8.43 -16.61 35.00
N ALA A 592 -9.52 -16.62 34.24
CA ALA A 592 -10.58 -15.62 34.38
C ALA A 592 -10.97 -15.39 35.83
N THR A 593 -11.09 -16.48 36.61
CA THR A 593 -11.41 -16.37 38.03
C THR A 593 -10.21 -16.45 38.95
N VAL A 594 -9.11 -17.09 38.53
CA VAL A 594 -7.92 -17.16 39.38
C VAL A 594 -7.33 -15.78 39.61
N SER A 595 -7.16 -15.00 38.54
CA SER A 595 -6.61 -13.65 38.64
C SER A 595 -7.32 -12.78 37.62
N PRO A 596 -8.47 -12.23 37.97
CA PRO A 596 -9.22 -11.36 37.05
C PRO A 596 -8.37 -10.23 36.48
N PRO A 597 -7.51 -9.56 37.28
CA PRO A 597 -6.67 -8.51 36.66
C PRO A 597 -5.76 -9.03 35.56
N LEU A 598 -5.09 -10.16 35.78
CA LEU A 598 -4.24 -10.74 34.73
C LEU A 598 -5.09 -11.16 33.55
N ALA A 599 -6.23 -11.80 33.81
CA ALA A 599 -7.15 -12.20 32.75
C ALA A 599 -7.58 -10.99 31.92
N ARG A 600 -8.01 -9.92 32.62
CA ARG A 600 -8.47 -8.71 31.95
C ARG A 600 -7.40 -8.14 31.03
N SER A 601 -6.15 -8.09 31.49
CA SER A 601 -5.06 -7.53 30.70
C SER A 601 -4.85 -8.32 29.41
N GLU A 602 -4.85 -9.65 29.49
CA GLU A 602 -4.63 -10.46 28.29
C GLU A 602 -5.81 -10.36 27.33
N LEU A 603 -7.02 -10.18 27.84
CA LEU A 603 -8.19 -10.05 26.97
C LEU A 603 -8.15 -8.78 26.12
N THR A 604 -7.29 -7.82 26.45
CA THR A 604 -7.15 -6.62 25.63
C THR A 604 -6.60 -6.91 24.24
N GLN A 605 -6.07 -8.10 24.00
CA GLN A 605 -5.52 -8.46 22.70
C GLN A 605 -6.55 -9.12 21.80
N VAL A 606 -7.75 -9.42 22.32
CA VAL A 606 -8.82 -9.95 21.48
C VAL A 606 -9.34 -8.85 20.57
N GLN A 607 -9.42 -9.14 19.28
CA GLN A 607 -9.96 -8.23 18.28
C GLN A 607 -11.16 -8.88 17.63
N GLY A 608 -12.33 -8.25 17.78
CA GLY A 608 -13.54 -8.82 17.22
C GLY A 608 -13.97 -10.07 17.97
N HIS A 609 -14.90 -10.80 17.34
CA HIS A 609 -15.49 -11.97 17.95
C HIS A 609 -15.13 -13.27 17.24
N LEU A 610 -14.44 -13.19 16.11
CA LEU A 610 -14.18 -14.36 15.28
C LEU A 610 -13.23 -15.32 15.97
N VAL A 611 -13.64 -16.58 16.11
CA VAL A 611 -12.78 -17.64 16.63
C VAL A 611 -12.84 -18.82 15.69
N HIS A 612 -11.70 -19.49 15.49
CA HIS A 612 -11.67 -20.70 14.69
C HIS A 612 -12.58 -21.77 15.29
N PHE A 613 -13.32 -22.47 14.43
CA PHE A 613 -14.17 -23.56 14.88
C PHE A 613 -13.34 -24.80 15.14
N PRO A 614 -13.28 -25.28 16.38
CA PRO A 614 -12.39 -26.41 16.69
C PRO A 614 -12.85 -27.72 16.08
N LEU A 615 -12.05 -28.22 15.13
CA LEU A 615 -12.40 -29.40 14.37
C LEU A 615 -12.06 -30.70 15.10
N LYS A 616 -11.32 -30.62 16.20
CA LYS A 616 -10.82 -31.79 16.90
C LYS A 616 -11.49 -32.01 18.26
N PHE A 617 -12.48 -31.20 18.60
CA PHE A 617 -13.17 -31.35 19.88
C PHE A 617 -13.81 -32.73 19.98
N LEU A 618 -13.39 -33.52 20.98
CA LEU A 618 -13.95 -34.86 21.20
C LEU A 618 -13.79 -35.77 19.98
N GLU A 619 -12.71 -35.58 19.20
CA GLU A 619 -12.55 -36.34 17.96
C GLU A 619 -12.25 -37.81 18.19
N ASP A 620 -12.00 -38.23 19.44
CA ASP A 620 -11.77 -39.63 19.76
C ASP A 620 -13.03 -40.33 20.24
N GLU A 621 -14.18 -39.68 20.19
CA GLU A 621 -15.44 -40.23 20.67
C GLU A 621 -16.40 -40.49 19.51
N SER A 622 -17.27 -41.49 19.70
CA SER A 622 -18.25 -41.82 18.66
C SER A 622 -19.37 -40.79 18.59
N LEU A 623 -19.76 -40.21 19.73
CA LEU A 623 -20.74 -39.14 19.85
C LEU A 623 -22.15 -39.48 19.40
N LEU A 624 -22.39 -40.73 18.90
CA LEU A 624 -23.83 -40.91 18.74
C LEU A 624 -24.43 -41.60 19.95
N PRO A 625 -25.69 -41.29 20.31
CA PRO A 625 -26.27 -41.86 21.53
C PRO A 625 -26.98 -43.17 21.24
N PRO A 626 -26.80 -44.19 22.09
CA PRO A 626 -27.53 -45.45 21.99
C PRO A 626 -28.69 -45.52 22.97
N GLY A 632 -31.49 -44.14 21.13
CA GLY A 632 -31.02 -45.39 20.58
C GLY A 632 -31.93 -45.97 19.51
N MET A 633 -33.21 -46.15 19.86
CA MET A 633 -34.21 -46.59 18.91
C MET A 633 -34.87 -45.42 18.20
N ILE A 634 -34.48 -44.21 18.58
CA ILE A 634 -34.87 -42.95 17.94
C ILE A 634 -34.25 -42.90 16.55
N PRO A 635 -35.01 -42.57 15.49
CA PRO A 635 -34.37 -42.45 14.18
C PRO A 635 -33.33 -41.33 14.19
N LEU A 636 -32.21 -41.56 13.50
CA LEU A 636 -31.10 -40.61 13.54
C LEU A 636 -31.45 -39.31 12.84
N GLU A 637 -32.33 -39.39 11.85
CA GLU A 637 -32.84 -38.32 10.99
C GLU A 637 -33.67 -37.28 11.73
N VAL A 638 -33.95 -37.48 13.01
CA VAL A 638 -34.55 -36.42 13.82
C VAL A 638 -33.60 -35.22 13.89
N TRP A 639 -32.29 -35.48 13.87
CA TRP A 639 -31.27 -34.45 14.05
C TRP A 639 -30.67 -33.95 12.75
N THR A 640 -30.89 -34.65 11.63
CA THR A 640 -30.23 -34.29 10.38
C THR A 640 -31.13 -33.39 9.52
N ARG B 22 -5.76 -26.59 -17.32
CA ARG B 22 -6.29 -25.25 -17.15
C ARG B 22 -5.54 -24.25 -18.02
N ASP B 23 -5.91 -22.98 -17.91
CA ASP B 23 -5.64 -21.95 -18.90
C ASP B 23 -4.47 -21.07 -18.48
N PHE B 24 -4.04 -20.24 -19.43
CA PHE B 24 -2.98 -19.24 -19.25
C PHE B 24 -3.45 -17.86 -19.66
N LEU B 25 -4.76 -17.63 -19.60
CA LEU B 25 -5.36 -16.34 -19.96
C LEU B 25 -5.29 -15.36 -18.79
N GLN B 26 -5.32 -15.87 -17.56
CA GLN B 26 -5.25 -15.07 -16.35
C GLN B 26 -4.14 -15.60 -15.44
N LEU B 27 -3.81 -14.83 -14.42
CA LEU B 27 -2.88 -15.27 -13.39
C LEU B 27 -3.57 -16.21 -12.40
N HIS B 28 -2.75 -16.92 -11.61
CA HIS B 28 -3.26 -17.95 -10.73
C HIS B 28 -2.75 -17.79 -9.30
N ARG B 29 -2.91 -18.83 -8.49
CA ARG B 29 -2.40 -18.83 -7.12
C ARG B 29 -0.94 -18.39 -7.06
N HIS B 30 -0.62 -17.57 -6.06
CA HIS B 30 0.71 -16.98 -5.88
C HIS B 30 1.09 -16.05 -7.03
N ASP B 31 0.08 -15.59 -7.78
CA ASP B 31 0.29 -14.73 -8.94
C ASP B 31 1.18 -15.41 -9.97
N SER B 32 1.02 -16.73 -10.09
CA SER B 32 1.79 -17.51 -11.05
C SER B 32 1.07 -17.59 -12.39
N TYR B 33 1.86 -17.75 -13.45
CA TYR B 33 1.27 -17.90 -14.78
C TYR B 33 0.61 -19.27 -14.96
N ALA B 34 0.94 -20.24 -14.11
CA ALA B 34 0.47 -21.61 -14.23
C ALA B 34 -0.36 -22.01 -13.02
N PRO B 35 -1.43 -22.78 -13.22
CA PRO B 35 -2.24 -23.24 -12.10
C PRO B 35 -1.60 -24.45 -11.44
N PRO B 36 -2.00 -24.79 -10.22
CA PRO B 36 -1.54 -26.05 -9.62
C PRO B 36 -2.10 -27.26 -10.35
N ARG B 37 -1.25 -28.27 -10.51
CA ARG B 37 -1.61 -29.48 -11.24
C ARG B 37 -1.71 -30.69 -10.31
N PRO B 38 -2.92 -31.07 -9.88
CA PRO B 38 -3.05 -32.29 -9.08
C PRO B 38 -2.68 -33.53 -9.90
N GLY B 39 -2.29 -34.58 -9.18
CA GLY B 39 -2.03 -35.85 -9.84
C GLY B 39 -0.75 -35.86 -10.65
N THR B 40 0.22 -35.02 -10.30
CA THR B 40 1.47 -34.91 -11.03
C THR B 40 2.49 -35.89 -10.47
N LEU B 41 3.10 -36.67 -11.35
CA LEU B 41 4.23 -37.53 -10.97
C LEU B 41 5.48 -36.66 -10.87
N ALA B 42 6.14 -36.71 -9.71
CA ALA B 42 7.33 -35.92 -9.45
C ALA B 42 8.33 -36.76 -8.66
N ARG B 43 9.61 -36.61 -8.99
CA ARG B 43 10.68 -37.31 -8.29
C ARG B 43 11.80 -36.33 -7.99
N TRP B 44 12.23 -36.29 -6.72
CA TRP B 44 13.33 -35.41 -6.34
C TRP B 44 14.67 -36.12 -6.52
N PHE B 45 15.71 -35.31 -6.68
CA PHE B 45 17.07 -35.82 -6.72
C PHE B 45 17.92 -35.00 -5.76
N VAL B 46 18.77 -35.68 -5.00
CA VAL B 46 19.79 -35.04 -4.19
C VAL B 46 21.14 -35.39 -4.79
N ASN B 47 21.92 -34.35 -5.14
CA ASN B 47 23.24 -34.46 -5.75
C ASN B 47 23.12 -34.77 -7.24
N GLY B 48 24.15 -34.42 -8.01
CA GLY B 48 24.10 -34.48 -9.46
C GLY B 48 24.08 -35.88 -10.03
N ALA B 49 24.55 -36.89 -9.27
CA ALA B 49 24.75 -38.21 -9.85
C ALA B 49 23.45 -38.78 -10.40
N GLY B 50 22.39 -38.79 -9.58
CA GLY B 50 21.13 -39.34 -10.03
C GLY B 50 20.36 -38.43 -10.96
N TYR B 51 20.48 -37.11 -10.78
CA TYR B 51 19.82 -36.17 -11.68
C TYR B 51 20.36 -36.28 -13.10
N PHE B 52 21.68 -36.24 -13.26
CA PHE B 52 22.29 -36.33 -14.59
C PHE B 52 22.05 -37.70 -15.22
N ALA B 53 22.04 -38.76 -14.42
CA ALA B 53 21.70 -40.08 -14.97
C ALA B 53 20.28 -40.10 -15.52
N ALA B 54 19.33 -39.53 -14.78
CA ALA B 54 17.94 -39.53 -15.22
C ALA B 54 17.73 -38.62 -16.43
N VAL B 55 18.45 -37.51 -16.49
CA VAL B 55 18.49 -36.69 -17.70
C VAL B 55 18.95 -37.52 -18.89
N ALA B 56 19.99 -38.33 -18.71
CA ALA B 56 20.48 -39.15 -19.81
C ALA B 56 19.41 -40.13 -20.30
N ASP B 57 18.74 -40.82 -19.38
CA ASP B 57 17.68 -41.74 -19.77
C ASP B 57 16.58 -41.03 -20.52
N ALA B 58 16.21 -39.82 -20.08
CA ALA B 58 15.11 -39.10 -20.72
C ALA B 58 15.50 -38.65 -22.11
N ILE B 59 16.73 -38.15 -22.27
CA ILE B 59 17.22 -37.75 -23.59
C ILE B 59 17.13 -38.91 -24.57
N LEU B 60 17.52 -40.11 -24.12
CA LEU B 60 17.50 -41.30 -24.98
C LEU B 60 16.10 -41.62 -25.51
N ARG B 61 15.07 -41.33 -24.74
CA ARG B 61 13.71 -41.68 -25.13
C ARG B 61 12.97 -40.53 -25.83
N ALA B 62 13.65 -39.42 -26.10
CA ALA B 62 13.03 -38.30 -26.79
C ALA B 62 12.62 -38.70 -28.20
N GLN B 63 11.44 -38.27 -28.62
CA GLN B 63 10.94 -38.59 -29.95
C GLN B 63 10.77 -37.38 -30.86
N GLU B 64 10.61 -36.18 -30.30
CA GLU B 64 10.31 -35.01 -31.10
C GLU B 64 11.17 -33.80 -30.75
N GLU B 65 11.25 -33.44 -29.47
CA GLU B 65 11.81 -32.16 -29.07
C GLU B 65 12.55 -32.28 -27.74
N ILE B 66 13.65 -31.53 -27.62
CA ILE B 66 14.35 -31.32 -26.36
C ILE B 66 14.58 -29.82 -26.19
N PHE B 67 14.09 -29.27 -25.09
CA PHE B 67 14.28 -27.87 -24.72
C PHE B 67 15.28 -27.78 -23.57
N ILE B 68 16.21 -26.84 -23.68
CA ILE B 68 17.27 -26.68 -22.69
C ILE B 68 17.49 -25.20 -22.41
N THR B 69 17.42 -24.83 -21.13
CA THR B 69 17.89 -23.54 -20.65
C THR B 69 19.03 -23.78 -19.66
N ASP B 70 20.05 -22.94 -19.71
CA ASP B 70 21.17 -23.09 -18.81
C ASP B 70 21.80 -21.74 -18.55
N TRP B 71 22.23 -21.54 -17.31
CA TRP B 71 23.16 -20.45 -17.01
C TRP B 71 24.55 -20.74 -17.56
N TRP B 72 24.97 -22.00 -17.47
CA TRP B 72 26.22 -22.48 -18.03
C TRP B 72 26.00 -23.89 -18.54
N LEU B 73 26.39 -24.17 -19.77
CA LEU B 73 26.29 -25.51 -20.33
C LEU B 73 27.67 -25.95 -20.79
N SER B 74 28.18 -27.04 -20.20
CA SER B 74 29.44 -27.62 -20.65
C SER B 74 29.14 -28.74 -21.63
N PRO B 75 29.42 -28.55 -22.92
CA PRO B 75 29.00 -29.56 -23.92
C PRO B 75 29.61 -30.94 -23.70
N GLU B 76 30.86 -31.01 -23.25
CA GLU B 76 31.57 -32.27 -23.14
C GLU B 76 31.43 -32.94 -21.78
N VAL B 77 30.46 -32.52 -20.96
CA VAL B 77 30.28 -33.13 -19.66
C VAL B 77 29.71 -34.54 -19.84
N TYR B 78 30.14 -35.46 -18.99
CA TYR B 78 29.66 -36.84 -19.04
C TYR B 78 28.49 -36.98 -18.07
N LEU B 79 27.39 -37.57 -18.53
CA LEU B 79 26.19 -37.69 -17.71
C LEU B 79 26.15 -38.94 -16.85
N LYS B 80 26.91 -39.97 -17.19
CA LYS B 80 27.04 -41.15 -16.34
C LYS B 80 28.51 -41.47 -16.13
N ARG B 81 28.83 -41.99 -14.94
CA ARG B 81 30.19 -42.13 -14.48
C ARG B 81 30.40 -43.51 -13.90
N PRO B 82 31.62 -44.08 -14.00
CA PRO B 82 32.74 -43.43 -14.69
C PRO B 82 32.66 -43.62 -16.20
N ALA B 83 33.16 -42.64 -16.93
CA ALA B 83 33.15 -42.68 -18.38
C ALA B 83 34.06 -43.76 -18.94
N HIS B 84 33.52 -44.55 -19.87
CA HIS B 84 34.31 -45.52 -20.62
C HIS B 84 34.31 -45.26 -22.11
N SER B 85 33.54 -44.28 -22.58
CA SER B 85 33.41 -43.99 -24.00
C SER B 85 32.73 -42.63 -24.13
N ASP B 86 32.38 -42.26 -25.38
CA ASP B 86 31.65 -41.01 -25.64
C ASP B 86 30.18 -41.11 -25.28
N ASP B 87 29.65 -42.32 -25.09
CA ASP B 87 28.28 -42.49 -24.64
C ASP B 87 28.09 -41.76 -23.31
N TRP B 88 26.87 -41.24 -23.11
CA TRP B 88 26.43 -40.52 -21.93
C TRP B 88 27.11 -39.15 -21.82
N ARG B 89 27.95 -38.78 -22.79
CA ARG B 89 28.45 -37.42 -22.90
C ARG B 89 27.35 -36.55 -23.49
N LEU B 90 27.11 -35.40 -22.86
CA LEU B 90 25.92 -34.63 -23.19
C LEU B 90 25.86 -34.29 -24.67
N ASP B 91 26.97 -33.81 -25.23
CA ASP B 91 26.98 -33.41 -26.63
C ASP B 91 26.72 -34.59 -27.56
N ILE B 92 27.30 -35.75 -27.26
CA ILE B 92 27.09 -36.95 -28.08
C ILE B 92 25.63 -37.39 -28.03
N MET B 93 25.01 -37.35 -26.85
CA MET B 93 23.63 -37.79 -26.75
C MET B 93 22.70 -36.88 -27.55
N LEU B 94 22.90 -35.57 -27.45
CA LEU B 94 22.07 -34.63 -28.19
C LEU B 94 22.32 -34.75 -29.70
N LYS B 95 23.57 -34.96 -30.09
CA LYS B 95 23.90 -35.11 -31.51
C LYS B 95 23.25 -36.37 -32.08
N ARG B 96 23.23 -37.46 -31.31
CA ARG B 96 22.63 -38.70 -31.77
C ARG B 96 21.12 -38.57 -31.93
N LYS B 97 20.45 -37.91 -30.98
CA LYS B 97 19.01 -37.70 -31.09
C LYS B 97 18.69 -36.80 -32.27
N ALA B 98 19.48 -35.74 -32.48
CA ALA B 98 19.27 -34.87 -33.63
C ALA B 98 19.38 -35.65 -34.93
N GLU B 99 20.31 -36.61 -35.00
CA GLU B 99 20.44 -37.41 -36.20
C GLU B 99 19.22 -38.30 -36.45
N GLU B 100 18.41 -38.58 -35.43
CA GLU B 100 17.15 -39.29 -35.65
C GLU B 100 15.98 -38.35 -35.90
N GLY B 101 16.24 -37.04 -36.00
CA GLY B 101 15.22 -36.07 -36.32
C GLY B 101 14.69 -35.27 -35.16
N VAL B 102 15.21 -35.49 -33.95
CA VAL B 102 14.77 -34.70 -32.80
C VAL B 102 15.34 -33.29 -32.91
N ARG B 103 14.50 -32.30 -32.66
CA ARG B 103 14.90 -30.90 -32.66
C ARG B 103 15.32 -30.48 -31.25
N VAL B 104 16.55 -29.98 -31.13
CA VAL B 104 17.09 -29.52 -29.85
C VAL B 104 17.17 -28.00 -29.89
N SER B 105 16.47 -27.36 -28.96
CA SER B 105 16.47 -25.91 -28.82
C SER B 105 17.07 -25.55 -27.47
N ILE B 106 18.09 -24.71 -27.49
CA ILE B 106 18.90 -24.42 -26.30
C ILE B 106 18.97 -22.91 -26.10
N LEU B 107 18.67 -22.46 -24.89
CA LEU B 107 18.79 -21.07 -24.49
C LEU B 107 19.91 -20.97 -23.48
N LEU B 108 20.99 -20.27 -23.86
CA LEU B 108 22.16 -20.11 -23.03
C LEU B 108 22.30 -18.66 -22.59
N PHE B 109 22.73 -18.45 -21.35
CA PHE B 109 23.05 -17.10 -20.89
C PHE B 109 24.28 -16.57 -21.64
N LYS B 110 24.20 -15.32 -22.08
CA LYS B 110 25.32 -14.67 -22.76
C LYS B 110 25.99 -13.76 -21.73
N GLU B 111 27.09 -14.25 -21.15
CA GLU B 111 27.75 -13.54 -20.07
C GLU B 111 28.59 -12.39 -20.62
N VAL B 112 28.91 -11.45 -19.73
CA VAL B 112 29.84 -10.36 -20.03
C VAL B 112 31.25 -10.91 -19.91
N GLU B 113 31.94 -11.04 -21.04
CA GLU B 113 33.27 -11.64 -21.11
C GLU B 113 34.24 -11.00 -20.12
N LEU B 116 32.37 -13.08 -16.20
CA LEU B 116 32.51 -14.53 -16.15
C LEU B 116 33.40 -15.11 -17.23
N GLY B 117 33.80 -16.35 -17.01
CA GLY B 117 34.67 -17.08 -17.90
C GLY B 117 34.00 -18.37 -18.36
N ILE B 118 32.68 -18.35 -18.48
CA ILE B 118 31.98 -19.56 -18.93
C ILE B 118 31.99 -19.73 -20.44
N ASN B 119 32.28 -18.68 -21.19
CA ASN B 119 32.47 -18.77 -22.65
C ASN B 119 31.26 -19.43 -23.32
N SER B 120 30.13 -18.71 -23.26
CA SER B 120 28.92 -19.20 -23.91
C SER B 120 29.09 -19.27 -25.42
N GLY B 121 30.02 -18.50 -25.97
CA GLY B 121 30.32 -18.60 -27.39
C GLY B 121 30.85 -19.97 -27.76
N TYR B 122 31.74 -20.52 -26.93
CA TYR B 122 32.25 -21.87 -27.18
C TYR B 122 31.13 -22.90 -27.03
N SER B 123 30.32 -22.78 -25.98
CA SER B 123 29.20 -23.69 -25.82
C SER B 123 28.31 -23.66 -27.05
N LYS B 124 28.03 -22.46 -27.55
CA LYS B 124 27.14 -22.31 -28.69
C LYS B 124 27.74 -22.94 -29.95
N ARG B 125 28.99 -22.56 -30.27
CA ARG B 125 29.64 -23.09 -31.46
C ARG B 125 29.80 -24.61 -31.40
N ALA B 126 30.10 -25.16 -30.22
CA ALA B 126 30.27 -26.60 -30.10
C ALA B 126 28.95 -27.34 -30.33
N LEU B 127 27.86 -26.85 -29.73
CA LEU B 127 26.58 -27.54 -29.84
C LEU B 127 26.03 -27.46 -31.26
N MET B 128 26.17 -26.30 -31.91
CA MET B 128 25.61 -26.14 -33.25
C MET B 128 26.48 -26.81 -34.31
N LEU B 129 27.74 -27.11 -34.00
CA LEU B 129 28.54 -27.89 -34.93
C LEU B 129 28.09 -29.34 -34.99
N LEU B 130 27.38 -29.81 -33.96
CA LEU B 130 27.01 -31.21 -33.84
C LEU B 130 26.06 -31.65 -34.95
N HIS B 131 24.96 -30.91 -35.14
CA HIS B 131 23.94 -31.29 -36.11
C HIS B 131 23.04 -30.09 -36.36
N PRO B 132 22.51 -29.94 -37.58
CA PRO B 132 21.61 -28.82 -37.87
C PRO B 132 20.33 -28.82 -37.06
N ASN B 133 19.94 -29.96 -36.48
CA ASN B 133 18.73 -30.03 -35.67
C ASN B 133 18.92 -29.42 -34.28
N ILE B 134 20.12 -28.97 -33.94
CA ILE B 134 20.39 -28.34 -32.66
C ILE B 134 20.50 -26.84 -32.89
N LYS B 135 19.65 -26.07 -32.21
CA LYS B 135 19.61 -24.63 -32.36
C LYS B 135 19.83 -23.99 -31.01
N VAL B 136 20.72 -23.00 -30.96
CA VAL B 136 21.08 -22.33 -29.72
C VAL B 136 20.86 -20.83 -29.89
N MET B 137 20.22 -20.21 -28.91
CA MET B 137 20.17 -18.75 -28.80
C MET B 137 20.79 -18.31 -27.48
N ARG B 138 21.46 -17.18 -27.52
CA ARG B 138 22.04 -16.56 -26.34
C ARG B 138 21.32 -15.25 -26.02
N HIS B 139 21.28 -14.91 -24.73
CA HIS B 139 20.59 -13.69 -24.31
C HIS B 139 21.14 -13.30 -22.95
N PRO B 140 21.27 -12.00 -22.66
CA PRO B 140 20.93 -10.90 -23.57
C PRO B 140 22.10 -10.44 -24.41
N ASP B 141 21.81 -9.62 -25.42
CA ASP B 141 22.86 -8.96 -26.19
C ASP B 141 23.25 -7.64 -25.56
N GLN B 142 22.27 -6.93 -25.00
CA GLN B 142 22.50 -5.64 -24.38
C GLN B 142 23.22 -5.81 -23.04
N VAL B 143 23.98 -4.78 -22.66
CA VAL B 143 24.66 -4.78 -21.37
C VAL B 143 23.67 -4.65 -20.22
N THR B 144 23.83 -5.54 -19.23
CA THR B 144 23.00 -5.55 -18.03
C THR B 144 23.75 -6.27 -16.91
N LEU B 145 23.34 -6.00 -15.68
CA LEU B 145 23.89 -6.70 -14.53
C LEU B 145 23.30 -8.09 -14.34
N TRP B 146 22.14 -8.36 -14.91
CA TRP B 146 21.37 -9.55 -14.57
C TRP B 146 21.57 -10.65 -15.60
N ALA B 147 21.18 -11.85 -15.21
CA ALA B 147 21.47 -13.05 -15.96
C ALA B 147 20.21 -13.91 -16.07
N HIS B 148 20.21 -14.79 -17.08
CA HIS B 148 19.25 -15.87 -17.14
C HIS B 148 19.78 -17.05 -16.33
N HIS B 149 19.10 -17.36 -15.22
CA HIS B 149 19.59 -18.29 -14.22
C HIS B 149 18.88 -19.63 -14.21
N GLU B 150 17.73 -19.75 -14.84
CA GLU B 150 16.97 -20.98 -14.70
C GLU B 150 17.66 -22.13 -15.42
N LYS B 151 17.53 -23.31 -14.83
CA LYS B 151 18.05 -24.54 -15.39
C LYS B 151 16.87 -25.44 -15.70
N LEU B 152 16.70 -25.77 -16.99
CA LEU B 152 15.54 -26.54 -17.39
C LEU B 152 15.94 -27.46 -18.53
N LEU B 153 15.36 -28.67 -18.53
CA LEU B 153 15.41 -29.58 -19.66
C LEU B 153 14.05 -30.26 -19.76
N VAL B 154 13.42 -30.14 -20.93
CA VAL B 154 12.10 -30.70 -21.18
C VAL B 154 12.19 -31.65 -22.36
N VAL B 155 11.62 -32.84 -22.19
CA VAL B 155 11.55 -33.85 -23.24
C VAL B 155 10.11 -33.95 -23.70
N ASP B 156 9.90 -33.76 -25.01
CA ASP B 156 8.61 -33.92 -25.68
C ASP B 156 7.50 -33.14 -24.99
N GLN B 157 7.87 -32.05 -24.31
CA GLN B 157 6.92 -31.19 -23.58
C GLN B 157 6.07 -31.98 -22.59
N VAL B 158 6.58 -33.13 -22.11
CA VAL B 158 5.82 -33.98 -21.19
C VAL B 158 6.66 -34.39 -20.01
N VAL B 159 7.98 -34.22 -20.11
CA VAL B 159 8.91 -34.55 -19.04
C VAL B 159 9.88 -33.38 -18.89
N ALA B 160 9.98 -32.85 -17.68
CA ALA B 160 10.74 -31.63 -17.45
C ALA B 160 11.61 -31.76 -16.20
N PHE B 161 12.88 -31.45 -16.34
CA PHE B 161 13.84 -31.44 -15.25
C PHE B 161 14.17 -30.00 -14.91
N LEU B 162 14.16 -29.68 -13.62
CA LEU B 162 14.61 -28.37 -13.17
C LEU B 162 15.25 -28.51 -11.80
N GLY B 163 15.78 -27.40 -11.30
CA GLY B 163 16.43 -27.39 -10.00
C GLY B 163 17.65 -26.51 -10.04
N GLY B 164 18.65 -26.86 -9.23
CA GLY B 164 19.86 -26.08 -9.14
C GLY B 164 21.00 -26.56 -10.01
N LEU B 165 20.82 -27.66 -10.74
CA LEU B 165 21.91 -28.30 -11.46
C LEU B 165 21.92 -27.85 -12.91
N ASP B 166 23.00 -27.18 -13.31
CA ASP B 166 23.30 -26.95 -14.71
C ASP B 166 23.99 -28.17 -15.30
N LEU B 167 23.85 -28.35 -16.61
CA LEU B 167 24.64 -29.37 -17.32
C LEU B 167 26.04 -28.79 -17.54
N ALA B 168 26.81 -28.75 -16.45
CA ALA B 168 28.05 -27.98 -16.43
C ALA B 168 29.09 -28.70 -15.58
N TYR B 169 30.33 -28.27 -15.73
CA TYR B 169 31.44 -28.82 -14.98
C TYR B 169 31.29 -28.55 -13.48
N GLY B 170 31.77 -29.49 -12.68
CA GLY B 170 31.76 -29.38 -11.25
C GLY B 170 30.47 -29.75 -10.54
N ARG B 171 29.41 -30.05 -11.28
CA ARG B 171 28.11 -30.23 -10.63
C ARG B 171 27.86 -31.67 -10.23
N TRP B 172 28.41 -32.63 -10.96
CA TRP B 172 28.17 -34.04 -10.66
C TRP B 172 28.79 -34.39 -9.31
N ASP B 173 28.00 -35.00 -8.44
CA ASP B 173 28.51 -35.53 -7.19
C ASP B 173 27.52 -36.57 -6.66
N ASP B 174 27.91 -37.24 -5.59
CA ASP B 174 27.07 -38.24 -4.95
C ASP B 174 27.28 -38.17 -3.44
N LEU B 175 26.61 -39.08 -2.72
CA LEU B 175 26.67 -39.06 -1.26
C LEU B 175 28.09 -39.19 -0.71
N HIS B 176 29.00 -39.76 -1.48
CA HIS B 176 30.37 -39.94 -1.00
C HIS B 176 31.14 -38.64 -0.92
N TYR B 177 30.75 -37.62 -1.68
CA TYR B 177 31.41 -36.31 -1.72
C TYR B 177 32.93 -36.45 -1.75
N ARG B 178 33.41 -37.20 -2.74
CA ARG B 178 34.83 -37.53 -2.81
C ARG B 178 35.66 -36.26 -2.95
N LEU B 179 36.68 -36.13 -2.10
CA LEU B 179 37.62 -35.01 -2.24
C LEU B 179 38.72 -35.28 -3.25
N THR B 180 39.01 -36.53 -3.57
CA THR B 180 40.08 -36.86 -4.50
C THR B 180 39.58 -37.74 -5.62
N ASP B 181 40.40 -37.83 -6.67
CA ASP B 181 40.08 -38.58 -7.88
C ASP B 181 41.41 -38.93 -8.54
N LEU B 182 42.16 -39.86 -7.95
CA LEU B 182 43.48 -40.21 -8.46
C LEU B 182 43.55 -41.56 -9.16
N GLY B 183 42.48 -42.36 -9.12
CA GLY B 183 42.51 -43.65 -9.77
C GLY B 183 43.23 -44.72 -8.96
N ASP B 205 41.82 -42.87 -25.12
CA ASP B 205 40.88 -43.98 -24.99
C ASP B 205 40.51 -44.18 -23.51
N LEU B 206 39.20 -44.19 -23.23
CA LEU B 206 38.70 -44.23 -21.86
C LEU B 206 38.13 -45.58 -21.44
N SER B 207 38.36 -46.65 -22.21
CA SER B 207 37.69 -47.92 -21.90
C SER B 207 38.01 -48.40 -20.50
N HIS B 208 39.22 -48.11 -20.01
CA HIS B 208 39.69 -48.48 -18.67
C HIS B 208 39.81 -47.26 -17.75
N ASN B 209 39.05 -46.21 -18.03
CA ASN B 209 39.10 -44.96 -17.26
C ASN B 209 38.48 -45.14 -15.89
N GLN B 210 39.14 -44.59 -14.87
CA GLN B 210 38.59 -44.60 -13.52
C GLN B 210 38.32 -43.23 -12.92
N PHE B 211 38.65 -42.14 -13.60
CA PHE B 211 38.37 -40.83 -13.01
C PHE B 211 36.89 -40.52 -13.12
N PHE B 212 36.32 -40.00 -12.02
CA PHE B 212 34.92 -39.56 -12.06
C PHE B 212 34.79 -38.15 -12.63
N TRP B 213 35.83 -37.33 -12.49
CA TRP B 213 35.80 -35.95 -12.97
C TRP B 213 37.00 -35.79 -13.90
N LEU B 214 36.74 -35.89 -15.21
CA LEU B 214 37.79 -35.76 -16.19
C LEU B 214 38.09 -34.29 -16.45
N GLY B 215 39.38 -33.96 -16.57
CA GLY B 215 39.76 -32.63 -17.01
C GLY B 215 39.12 -31.53 -16.20
N LYS B 216 38.48 -30.59 -16.92
CA LYS B 216 37.88 -29.41 -16.31
C LYS B 216 36.79 -29.73 -15.29
N ASP B 217 36.31 -30.98 -15.22
CA ASP B 217 35.28 -31.31 -14.23
C ASP B 217 35.85 -31.40 -12.83
N TYR B 218 37.13 -31.73 -12.69
CA TYR B 218 37.79 -31.79 -11.40
C TYR B 218 38.23 -30.39 -11.00
N SER B 219 37.61 -29.83 -9.96
CA SER B 219 37.84 -28.43 -9.66
C SER B 219 37.56 -28.15 -8.19
N ASN B 220 38.16 -27.06 -7.72
CA ASN B 220 37.89 -26.51 -6.39
C ASN B 220 37.58 -25.04 -6.66
N LEU B 221 36.28 -24.74 -6.72
CA LEU B 221 35.81 -23.43 -7.17
C LEU B 221 36.41 -22.27 -6.37
N ILE B 222 36.62 -22.47 -5.08
CA ILE B 222 37.22 -21.43 -4.26
C ILE B 222 38.70 -21.28 -4.59
N THR B 223 39.37 -22.37 -4.96
CA THR B 223 40.80 -22.27 -5.22
C THR B 223 41.04 -21.49 -6.50
N LYS B 224 40.41 -21.89 -7.59
CA LYS B 224 40.62 -21.23 -8.87
C LYS B 224 39.38 -21.46 -9.74
N ASP B 225 38.91 -20.39 -10.38
CA ASP B 225 37.81 -20.47 -11.33
C ASP B 225 38.25 -21.13 -12.64
N TRP B 226 37.28 -21.66 -13.37
CA TRP B 226 37.57 -22.40 -14.59
C TRP B 226 38.23 -21.52 -15.64
N VAL B 227 39.22 -22.09 -16.33
CA VAL B 227 39.93 -21.48 -17.44
C VAL B 227 39.99 -22.49 -18.58
N GLN B 228 40.20 -21.97 -19.79
CA GLN B 228 40.49 -22.78 -20.98
C GLN B 228 39.46 -23.88 -21.18
N LEU B 229 38.21 -23.46 -21.34
CA LEU B 229 37.12 -24.44 -21.49
C LEU B 229 37.11 -25.11 -22.85
N ASP B 230 37.82 -24.57 -23.85
CA ASP B 230 37.94 -25.28 -25.11
C ASP B 230 38.94 -26.45 -25.07
N ARG B 231 39.66 -26.63 -23.96
CA ARG B 231 40.41 -27.87 -23.74
C ARG B 231 39.79 -28.64 -22.58
N PRO B 232 38.70 -29.38 -22.85
CA PRO B 232 37.93 -29.97 -21.74
C PRO B 232 38.62 -31.11 -21.03
N PHE B 233 39.52 -31.85 -21.69
CA PHE B 233 40.13 -33.02 -21.07
C PHE B 233 41.50 -32.71 -20.49
N GLU B 234 41.81 -31.43 -20.34
CA GLU B 234 43.05 -30.96 -19.74
C GLU B 234 42.77 -30.50 -18.31
N ASP B 235 43.60 -30.92 -17.37
CA ASP B 235 43.46 -30.44 -16.00
C ASP B 235 43.86 -28.97 -15.92
N PHE B 236 43.18 -28.23 -15.05
CA PHE B 236 43.56 -26.85 -14.76
C PHE B 236 43.87 -26.61 -13.30
N ILE B 237 43.77 -27.63 -12.45
CA ILE B 237 44.34 -27.61 -11.10
C ILE B 237 45.09 -28.91 -10.90
N ASP B 238 46.00 -28.89 -9.93
CA ASP B 238 46.88 -30.04 -9.73
C ASP B 238 46.07 -31.10 -8.99
N ARG B 239 45.79 -32.19 -9.70
CA ARG B 239 44.93 -33.24 -9.17
C ARG B 239 45.56 -33.90 -7.95
N GLU B 240 46.90 -33.89 -7.87
CA GLU B 240 47.64 -34.58 -6.83
C GLU B 240 47.85 -33.74 -5.57
N THR B 241 47.64 -32.42 -5.63
CA THR B 241 47.85 -31.57 -4.46
C THR B 241 46.63 -30.79 -4.00
N THR B 242 45.63 -30.56 -4.86
CA THR B 242 44.49 -29.73 -4.51
C THR B 242 43.23 -30.58 -4.52
N PRO B 243 42.54 -30.72 -3.38
CA PRO B 243 41.32 -31.53 -3.36
C PRO B 243 40.17 -30.87 -4.10
N ARG B 244 39.26 -31.71 -4.57
CA ARG B 244 37.98 -31.26 -5.10
C ARG B 244 37.19 -30.49 -4.05
N MET B 245 36.34 -29.59 -4.51
CA MET B 245 35.28 -29.05 -3.69
C MET B 245 33.99 -29.80 -4.01
N PRO B 246 33.44 -30.57 -3.09
CA PRO B 246 32.21 -31.31 -3.37
C PRO B 246 31.02 -30.40 -3.60
N TRP B 247 30.11 -30.87 -4.45
CA TRP B 247 28.96 -30.08 -4.91
C TRP B 247 27.70 -30.79 -4.47
N ARG B 248 26.90 -30.11 -3.66
CA ARG B 248 25.63 -30.64 -3.20
C ARG B 248 24.53 -29.82 -3.84
N ASP B 249 23.51 -30.49 -4.36
CA ASP B 249 22.43 -29.81 -5.06
C ASP B 249 21.18 -30.67 -4.97
N VAL B 250 20.05 -30.06 -5.32
CA VAL B 250 18.77 -30.72 -5.34
C VAL B 250 18.11 -30.43 -6.68
N GLY B 251 17.55 -31.47 -7.31
CA GLY B 251 16.78 -31.31 -8.52
C GLY B 251 15.46 -32.03 -8.41
N VAL B 252 14.68 -31.97 -9.49
CA VAL B 252 13.39 -32.61 -9.54
C VAL B 252 13.02 -32.85 -11.00
N VAL B 253 12.29 -33.93 -11.25
CA VAL B 253 11.64 -34.18 -12.53
C VAL B 253 10.14 -34.19 -12.31
N VAL B 254 9.40 -33.55 -13.22
CA VAL B 254 7.95 -33.59 -13.19
C VAL B 254 7.45 -34.11 -14.53
N HIS B 255 6.27 -34.74 -14.49
CA HIS B 255 5.63 -35.27 -15.66
C HIS B 255 4.29 -34.60 -15.89
N GLY B 256 3.79 -34.72 -17.11
CA GLY B 256 2.44 -34.29 -17.41
C GLY B 256 2.26 -32.80 -17.54
N LEU B 257 1.16 -32.31 -16.99
CA LEU B 257 0.78 -30.91 -17.19
C LEU B 257 1.83 -29.91 -16.70
N PRO B 258 2.46 -30.07 -15.53
CA PRO B 258 3.51 -29.10 -15.16
C PRO B 258 4.70 -29.10 -16.10
N ALA B 259 4.99 -30.23 -16.76
CA ALA B 259 6.04 -30.22 -17.77
C ALA B 259 5.61 -29.41 -18.98
N ARG B 260 4.33 -29.50 -19.35
CA ARG B 260 3.78 -28.59 -20.36
C ARG B 260 3.96 -27.15 -19.93
N ASP B 261 3.68 -26.85 -18.66
CA ASP B 261 3.81 -25.49 -18.15
C ASP B 261 5.26 -25.01 -18.25
N LEU B 262 6.20 -25.87 -17.86
CA LEU B 262 7.62 -25.52 -17.97
C LEU B 262 8.05 -25.38 -19.42
N ALA B 263 7.52 -26.24 -20.30
CA ALA B 263 7.78 -26.10 -21.73
C ALA B 263 7.26 -24.78 -22.26
N ARG B 264 6.11 -24.34 -21.74
CA ARG B 264 5.49 -23.09 -22.18
C ARG B 264 6.35 -21.89 -21.81
N HIS B 265 7.04 -21.96 -20.67
CA HIS B 265 7.99 -20.91 -20.30
C HIS B 265 9.14 -20.84 -21.31
N PHE B 266 9.72 -21.99 -21.65
CA PHE B 266 10.79 -22.00 -22.65
C PHE B 266 10.34 -21.39 -23.97
N ILE B 267 9.15 -21.78 -24.45
CA ILE B 267 8.67 -21.27 -25.72
C ILE B 267 8.51 -19.76 -25.68
N GLN B 268 7.98 -19.23 -24.57
CA GLN B 268 7.84 -17.78 -24.45
C GLN B 268 9.21 -17.11 -24.48
N ARG B 269 10.17 -17.65 -23.71
CA ARG B 269 11.52 -17.12 -23.73
C ARG B 269 12.15 -17.26 -25.10
N TRP B 270 11.94 -18.41 -25.75
CA TRP B 270 12.52 -18.65 -27.06
C TRP B 270 12.00 -17.64 -28.08
N ASN B 271 10.68 -17.52 -28.18
CA ASN B 271 10.12 -16.61 -29.18
C ASN B 271 10.40 -15.14 -28.85
N PHE B 272 10.44 -14.80 -27.55
CA PHE B 272 10.85 -13.44 -27.19
C PHE B 272 12.29 -13.18 -27.59
N THR B 273 13.18 -14.15 -27.32
CA THR B 273 14.58 -13.99 -27.67
C THR B 273 14.77 -13.84 -29.18
N LYS B 274 13.93 -14.51 -29.97
CA LYS B 274 13.99 -14.39 -31.42
C LYS B 274 13.90 -12.94 -31.86
N THR B 275 13.07 -12.15 -31.19
CA THR B 275 12.88 -10.75 -31.55
C THR B 275 14.00 -9.84 -31.07
N THR B 276 15.03 -10.36 -30.41
CA THR B 276 16.02 -9.49 -29.80
C THR B 276 17.19 -9.14 -30.71
N LYS B 277 17.37 -9.84 -31.83
CA LYS B 277 18.39 -9.42 -32.79
C LYS B 277 18.13 -10.09 -34.14
N ALA B 278 18.69 -9.45 -35.18
CA ALA B 278 18.36 -9.79 -36.55
C ALA B 278 18.67 -11.25 -36.85
N LYS B 279 19.84 -11.72 -36.42
CA LYS B 279 20.25 -13.10 -36.67
C LYS B 279 19.21 -14.10 -36.21
N TYR B 280 18.53 -13.83 -35.09
CA TYR B 280 17.58 -14.79 -34.55
C TYR B 280 16.23 -14.70 -35.23
N LYS B 281 15.94 -13.60 -35.92
CA LYS B 281 14.68 -13.40 -36.62
C LYS B 281 14.55 -14.24 -37.87
N THR B 282 15.65 -14.79 -38.38
CA THR B 282 15.62 -15.53 -39.64
C THR B 282 14.95 -16.89 -39.44
N PRO B 283 14.46 -17.50 -40.52
CA PRO B 283 13.74 -18.78 -40.38
C PRO B 283 14.58 -19.94 -39.90
N THR B 284 15.90 -19.80 -39.86
CA THR B 284 16.73 -20.88 -39.32
C THR B 284 16.49 -21.11 -37.83
N TYR B 285 15.91 -20.15 -37.11
CA TYR B 285 15.39 -20.38 -35.77
C TYR B 285 13.87 -20.45 -35.74
N PRO B 286 13.28 -21.64 -35.85
CA PRO B 286 11.82 -21.75 -35.98
C PRO B 286 11.13 -21.24 -34.72
N TYR B 287 9.94 -20.67 -34.90
CA TYR B 287 9.06 -20.46 -33.76
C TYR B 287 8.72 -21.81 -33.14
N LEU B 288 8.66 -21.84 -31.81
CA LEU B 288 8.21 -23.03 -31.12
C LEU B 288 6.76 -22.84 -30.64
N LEU B 289 6.04 -23.95 -30.55
CA LEU B 289 4.62 -23.93 -30.24
C LEU B 289 4.33 -25.00 -29.19
N PRO B 290 3.50 -24.70 -28.19
CA PRO B 290 3.27 -25.68 -27.13
C PRO B 290 2.27 -26.75 -27.53
N LYS B 291 2.55 -27.99 -27.12
CA LYS B 291 1.55 -29.05 -27.15
C LYS B 291 0.42 -28.72 -26.20
N SER B 292 -0.81 -29.01 -26.60
CA SER B 292 -1.98 -28.61 -25.81
C SER B 292 -2.78 -29.75 -25.21
N THR B 293 -2.85 -30.91 -25.85
CA THR B 293 -3.76 -31.98 -25.44
C THR B 293 -3.05 -33.26 -25.04
N SER B 294 -3.72 -34.01 -24.16
CA SER B 294 -3.33 -35.38 -23.76
C SER B 294 -1.93 -35.42 -23.15
N THR B 295 -1.87 -34.90 -21.92
CA THR B 295 -0.63 -34.94 -21.14
C THR B 295 -0.76 -35.94 -20.00
N LEU B 303 9.70 -42.61 -18.33
CA LEU B 303 9.12 -42.35 -17.02
C LEU B 303 9.89 -43.08 -15.92
N PRO B 304 10.45 -42.33 -14.98
CA PRO B 304 11.06 -42.95 -13.79
C PRO B 304 10.05 -43.27 -12.70
N GLY B 305 10.54 -43.52 -11.49
CA GLY B 305 9.68 -43.81 -10.36
C GLY B 305 9.39 -42.62 -9.46
N GLY B 306 8.27 -41.94 -9.73
CA GLY B 306 7.93 -40.73 -9.04
C GLY B 306 6.82 -40.94 -8.02
N GLN B 307 6.44 -39.83 -7.38
CA GLN B 307 5.43 -39.83 -6.34
C GLN B 307 4.26 -38.97 -6.80
N CYS B 308 3.04 -39.44 -6.54
CA CYS B 308 1.86 -38.64 -6.89
C CYS B 308 1.76 -37.44 -5.95
N THR B 309 1.69 -36.25 -6.54
CA THR B 309 1.70 -35.00 -5.78
C THR B 309 0.89 -33.97 -6.54
N THR B 310 0.68 -32.82 -5.89
CA THR B 310 0.19 -31.64 -6.56
C THR B 310 1.37 -30.71 -6.81
N VAL B 311 1.58 -30.34 -8.07
CA VAL B 311 2.75 -29.57 -8.47
C VAL B 311 2.26 -28.29 -9.13
N GLN B 312 2.82 -27.16 -8.73
CA GLN B 312 2.58 -25.89 -9.37
C GLN B 312 3.91 -25.28 -9.80
N VAL B 313 4.02 -24.90 -11.06
CA VAL B 313 5.24 -24.27 -11.56
C VAL B 313 5.27 -22.81 -11.13
N LEU B 314 6.47 -22.30 -10.86
CA LEU B 314 6.64 -20.91 -10.47
C LEU B 314 7.90 -20.37 -11.12
N ARG B 315 7.98 -19.05 -11.23
CA ARG B 315 9.12 -18.46 -11.91
C ARG B 315 9.29 -17.02 -11.46
N SER B 316 10.49 -16.51 -11.71
CA SER B 316 10.79 -15.08 -11.65
C SER B 316 11.19 -14.68 -13.06
N VAL B 317 10.43 -13.75 -13.66
CA VAL B 317 10.77 -13.22 -14.98
C VAL B 317 10.37 -11.75 -15.04
N ASP B 318 10.98 -11.04 -15.99
CA ASP B 318 10.75 -9.61 -16.16
C ASP B 318 10.59 -9.28 -17.63
N ARG B 319 10.26 -8.02 -17.90
CA ARG B 319 10.23 -7.48 -19.26
C ARG B 319 11.52 -7.79 -19.98
N TRP B 320 12.67 -7.53 -19.34
CA TRP B 320 13.95 -7.69 -20.02
C TRP B 320 14.19 -9.15 -20.39
N SER B 321 13.68 -10.07 -19.57
CA SER B 321 13.98 -11.49 -19.69
C SER B 321 12.91 -12.29 -20.41
N ALA B 322 11.67 -11.78 -20.47
CA ALA B 322 10.55 -12.47 -21.09
C ALA B 322 9.53 -11.40 -21.49
N GLY B 323 8.33 -11.84 -21.85
CA GLY B 323 7.36 -10.85 -22.29
C GLY B 323 6.66 -10.09 -21.18
N THR B 324 6.94 -10.41 -19.92
CA THR B 324 5.99 -10.17 -18.85
C THR B 324 6.73 -10.16 -17.52
N LEU B 325 6.04 -9.70 -16.48
CA LEU B 325 6.59 -9.61 -15.14
C LEU B 325 6.03 -10.74 -14.29
N GLU B 326 6.90 -11.39 -13.51
CA GLU B 326 6.43 -12.37 -12.55
C GLU B 326 7.47 -12.55 -11.45
N ASN B 327 6.98 -12.74 -10.23
CA ASN B 327 7.79 -13.11 -9.07
C ASN B 327 7.02 -14.09 -8.21
N SER B 328 6.54 -15.19 -8.82
CA SER B 328 5.72 -16.14 -8.09
C SER B 328 6.52 -17.08 -7.19
N ILE B 329 7.83 -17.20 -7.41
CA ILE B 329 8.67 -17.95 -6.48
C ILE B 329 8.68 -17.25 -5.13
N LEU B 330 8.91 -15.94 -5.13
CA LEU B 330 8.90 -15.16 -3.89
C LEU B 330 7.55 -15.29 -3.17
N ASN B 331 6.45 -15.10 -3.91
CA ASN B 331 5.12 -15.18 -3.30
C ASN B 331 4.87 -16.53 -2.66
N ALA B 332 5.31 -17.60 -3.32
CA ALA B 332 5.15 -18.95 -2.77
C ALA B 332 6.03 -19.15 -1.55
N TYR B 333 7.24 -18.60 -1.57
CA TYR B 333 8.12 -18.66 -0.41
C TYR B 333 7.46 -18.02 0.80
N LEU B 334 6.95 -16.79 0.63
CA LEU B 334 6.35 -16.07 1.76
C LEU B 334 5.16 -16.85 2.32
N HIS B 335 4.30 -17.34 1.43
CA HIS B 335 3.08 -18.02 1.86
C HIS B 335 3.42 -19.33 2.56
N THR B 336 4.46 -20.02 2.09
CA THR B 336 4.84 -21.29 2.70
C THR B 336 5.35 -21.06 4.12
N ILE B 337 6.15 -20.01 4.32
CA ILE B 337 6.59 -19.65 5.66
C ILE B 337 5.39 -19.27 6.52
N ARG B 338 4.52 -18.40 6.00
CA ARG B 338 3.36 -17.95 6.78
C ARG B 338 2.51 -19.13 7.23
N GLU B 339 2.34 -20.13 6.36
CA GLU B 339 1.44 -21.24 6.62
C GLU B 339 2.13 -22.46 7.22
N SER B 340 3.43 -22.39 7.45
CA SER B 340 4.10 -23.55 8.03
C SER B 340 3.64 -23.72 9.47
N GLN B 341 3.59 -24.97 9.93
CA GLN B 341 3.05 -25.27 11.23
C GLN B 341 4.02 -25.94 12.18
N HIS B 342 5.14 -26.48 11.69
CA HIS B 342 5.97 -27.31 12.55
C HIS B 342 7.46 -27.03 12.37
N PHE B 343 7.91 -26.92 11.12
CA PHE B 343 9.32 -26.67 10.87
C PHE B 343 9.54 -26.24 9.43
N LEU B 344 10.68 -25.59 9.21
CA LEU B 344 11.19 -25.29 7.88
C LEU B 344 12.59 -25.86 7.75
N TYR B 345 12.88 -26.45 6.60
CA TYR B 345 14.23 -26.87 6.26
C TYR B 345 14.63 -26.09 5.02
N ILE B 346 15.63 -25.23 5.15
CA ILE B 346 16.09 -24.39 4.06
C ILE B 346 17.53 -24.76 3.74
N GLU B 347 17.77 -25.16 2.50
CA GLU B 347 19.10 -25.45 2.00
C GLU B 347 19.28 -24.57 0.75
N ASN B 348 20.13 -23.55 0.85
CA ASN B 348 20.27 -22.59 -0.23
C ASN B 348 21.69 -22.06 -0.30
N GLN B 349 22.12 -21.74 -1.52
CA GLN B 349 23.45 -21.22 -1.77
C GLN B 349 23.64 -19.83 -1.16
N PHE B 350 22.60 -19.01 -1.11
CA PHE B 350 22.70 -17.66 -0.59
C PHE B 350 21.57 -17.43 0.41
N PHE B 351 21.74 -16.42 1.27
CA PHE B 351 20.74 -16.12 2.27
C PHE B 351 20.79 -14.62 2.58
N ILE B 352 20.28 -13.83 1.64
CA ILE B 352 20.32 -12.37 1.71
C ILE B 352 18.88 -11.87 1.68
N SER B 353 18.44 -11.28 2.79
CA SER B 353 17.04 -10.92 2.99
C SER B 353 16.99 -9.95 4.17
N CYS B 354 15.78 -9.79 4.74
CA CYS B 354 15.49 -8.82 5.80
C CYS B 354 15.49 -7.41 5.22
N SER B 355 14.33 -6.99 4.72
CA SER B 355 14.24 -5.78 3.94
C SER B 355 14.51 -4.55 4.80
N ASP B 356 15.21 -3.58 4.22
CA ASP B 356 15.32 -2.24 4.78
C ASP B 356 14.71 -1.18 3.87
N GLY B 357 14.00 -1.59 2.82
CA GLY B 357 13.41 -0.67 1.87
C GLY B 357 14.39 -0.07 0.88
N ARG B 358 15.69 -0.29 1.04
CA ARG B 358 16.66 0.37 0.16
C ARG B 358 17.63 -0.62 -0.49
N THR B 359 18.52 -1.22 0.31
CA THR B 359 19.56 -2.09 -0.24
C THR B 359 19.06 -3.52 -0.47
N VAL B 360 18.34 -4.08 0.49
CA VAL B 360 17.78 -5.43 0.40
C VAL B 360 16.27 -5.32 0.54
N LEU B 361 15.53 -6.00 -0.33
CA LEU B 361 14.10 -5.76 -0.45
C LEU B 361 13.22 -6.96 -0.14
N ASN B 362 13.63 -8.19 -0.43
CA ASN B 362 12.75 -9.32 -0.18
C ASN B 362 12.55 -9.53 1.32
N LYS B 363 11.41 -10.12 1.67
CA LYS B 363 10.93 -10.18 3.04
C LYS B 363 10.92 -11.59 3.60
N VAL B 364 11.72 -12.49 3.03
CA VAL B 364 11.74 -13.88 3.48
C VAL B 364 12.21 -13.97 4.92
N GLY B 365 13.30 -13.27 5.26
CA GLY B 365 13.76 -13.24 6.64
C GLY B 365 12.72 -12.69 7.59
N ASP B 366 12.03 -11.62 7.16
CA ASP B 366 10.99 -11.03 8.01
C ASP B 366 9.87 -12.02 8.28
N GLU B 367 9.52 -12.84 7.28
CA GLU B 367 8.50 -13.86 7.50
C GLU B 367 8.98 -14.94 8.46
N ILE B 368 10.25 -15.35 8.33
CA ILE B 368 10.82 -16.31 9.27
C ILE B 368 10.78 -15.74 10.68
N VAL B 369 11.21 -14.48 10.81
CA VAL B 369 11.17 -13.81 12.11
C VAL B 369 9.76 -13.79 12.66
N ASP B 370 8.79 -13.39 11.83
CA ASP B 370 7.40 -13.31 12.31
C ASP B 370 6.91 -14.68 12.76
N ARG B 371 7.28 -15.74 12.03
CA ARG B 371 6.86 -17.08 12.40
C ARG B 371 7.47 -17.51 13.73
N ILE B 372 8.76 -17.26 13.92
CA ILE B 372 9.38 -17.62 15.20
C ILE B 372 8.76 -16.82 16.34
N LEU B 373 8.56 -15.51 16.12
CA LEU B 373 7.97 -14.69 17.18
C LEU B 373 6.54 -15.13 17.50
N LYS B 374 5.78 -15.58 16.50
CA LYS B 374 4.43 -16.05 16.76
C LYS B 374 4.45 -17.40 17.46
N ALA B 375 5.30 -18.32 17.00
CA ALA B 375 5.42 -19.62 17.65
C ALA B 375 5.81 -19.45 19.12
N HIS B 376 6.69 -18.49 19.40
CA HIS B 376 7.10 -18.23 20.77
C HIS B 376 5.94 -17.65 21.58
N LYS B 377 5.11 -16.80 20.95
CA LYS B 377 3.99 -16.20 21.67
C LYS B 377 2.90 -17.22 21.98
N GLN B 378 2.65 -18.17 21.07
CA GLN B 378 1.60 -19.16 21.32
C GLN B 378 2.12 -20.39 22.04
N GLY B 379 3.43 -20.49 22.26
CA GLY B 379 4.01 -21.63 22.94
C GLY B 379 4.17 -22.86 22.09
N TRP B 380 4.28 -22.69 20.78
CA TRP B 380 4.41 -23.82 19.87
C TRP B 380 5.86 -24.30 19.79
N CYS B 381 6.02 -25.61 19.59
CA CYS B 381 7.30 -26.15 19.16
C CYS B 381 7.46 -25.94 17.67
N TYR B 382 8.46 -25.13 17.30
CA TYR B 382 8.70 -24.71 15.93
C TYR B 382 10.19 -24.57 15.70
N ARG B 383 10.70 -25.13 14.61
CA ARG B 383 12.12 -25.13 14.31
C ARG B 383 12.35 -24.64 12.89
N VAL B 384 13.41 -23.86 12.71
CA VAL B 384 13.86 -23.42 11.40
C VAL B 384 15.29 -23.92 11.22
N TYR B 385 15.50 -24.78 10.22
CA TYR B 385 16.82 -25.28 9.88
C TYR B 385 17.31 -24.55 8.64
N VAL B 386 18.48 -23.94 8.74
CA VAL B 386 19.08 -23.20 7.63
C VAL B 386 20.42 -23.83 7.33
N LEU B 387 20.59 -24.30 6.10
CA LEU B 387 21.82 -24.94 5.65
C LEU B 387 22.44 -24.09 4.56
N LEU B 388 23.64 -23.57 4.81
CA LEU B 388 24.27 -22.68 3.86
C LEU B 388 25.68 -23.18 3.55
N PRO B 389 26.19 -22.86 2.36
CA PRO B 389 27.62 -23.11 2.09
C PRO B 389 28.48 -22.27 3.01
N LEU B 390 29.55 -22.88 3.54
CA LEU B 390 30.38 -22.16 4.50
C LEU B 390 31.10 -20.98 3.88
N LEU B 391 31.32 -20.98 2.57
CA LEU B 391 31.94 -19.89 1.85
C LEU B 391 31.30 -19.72 0.48
N PRO B 392 31.19 -18.50 -0.01
CA PRO B 392 30.60 -18.30 -1.33
C PRO B 392 31.49 -18.87 -2.42
N GLY B 393 30.85 -19.21 -3.54
CA GLY B 393 31.52 -19.88 -4.63
C GLY B 393 32.26 -18.96 -5.57
N PHE B 394 33.27 -18.27 -5.07
CA PHE B 394 34.14 -17.46 -5.91
C PHE B 394 35.60 -17.76 -5.60
N GLU B 395 36.46 -17.50 -6.57
CA GLU B 395 37.89 -17.74 -6.44
C GLU B 395 38.47 -16.70 -5.49
N GLY B 396 38.90 -17.13 -4.31
CA GLY B 396 39.47 -16.20 -3.35
C GLY B 396 40.30 -16.83 -2.26
N ASP B 397 41.49 -16.29 -2.03
CA ASP B 397 42.39 -16.80 -0.99
C ASP B 397 41.83 -16.38 0.37
N ILE B 398 41.15 -17.31 1.03
CA ILE B 398 40.53 -17.06 2.33
C ILE B 398 41.55 -16.74 3.41
N SER B 399 42.81 -17.15 3.23
CA SER B 399 43.84 -16.81 4.19
C SER B 399 44.21 -15.33 4.15
N THR B 400 43.96 -14.66 3.02
CA THR B 400 44.07 -13.21 2.91
C THR B 400 42.81 -12.48 3.36
N GLY B 401 41.70 -13.19 3.51
CA GLY B 401 40.42 -12.58 3.82
C GLY B 401 39.34 -12.86 2.81
N GLY B 402 39.64 -13.59 1.74
CA GLY B 402 38.70 -13.75 0.64
C GLY B 402 38.70 -12.55 -0.28
N GLY B 403 38.38 -12.77 -1.54
CA GLY B 403 38.14 -11.67 -2.46
C GLY B 403 37.04 -10.73 -2.01
N ASN B 404 36.85 -9.65 -2.78
CA ASN B 404 35.79 -8.70 -2.45
C ASN B 404 34.41 -9.27 -2.75
N SER B 405 34.31 -10.15 -3.74
CA SER B 405 33.05 -10.85 -3.98
C SER B 405 32.67 -11.71 -2.78
N ILE B 406 33.61 -12.51 -2.28
CA ILE B 406 33.35 -13.32 -1.09
C ILE B 406 32.96 -12.44 0.08
N GLN B 407 33.67 -11.31 0.25
CA GLN B 407 33.43 -10.42 1.37
C GLN B 407 32.10 -9.70 1.26
N ALA B 408 31.73 -9.28 0.05
CA ALA B 408 30.41 -8.66 -0.16
C ALA B 408 29.27 -9.61 0.19
N ILE B 409 29.34 -10.86 -0.25
CA ILE B 409 28.30 -11.82 0.10
C ILE B 409 28.26 -12.07 1.60
N LEU B 410 29.43 -12.22 2.23
CA LEU B 410 29.47 -12.41 3.68
C LEU B 410 28.84 -11.22 4.41
N HIS B 411 29.13 -9.99 3.94
CA HIS B 411 28.54 -8.81 4.56
C HIS B 411 27.02 -8.93 4.58
N PHE B 412 26.41 -9.20 3.42
CA PHE B 412 24.96 -9.22 3.35
C PHE B 412 24.40 -10.47 4.01
N THR B 413 25.17 -11.57 4.00
CA THR B 413 24.77 -12.77 4.72
C THR B 413 24.75 -12.52 6.22
N TYR B 414 25.82 -11.92 6.76
CA TYR B 414 25.88 -11.68 8.19
C TYR B 414 24.92 -10.58 8.61
N ARG B 415 24.67 -9.61 7.72
CA ARG B 415 23.64 -8.61 7.99
C ARG B 415 22.28 -9.26 8.16
N THR B 416 22.02 -10.32 7.39
CA THR B 416 20.78 -11.07 7.54
C THR B 416 20.77 -11.89 8.82
N LEU B 417 21.88 -12.56 9.13
CA LEU B 417 21.88 -13.56 10.19
C LEU B 417 21.91 -12.94 11.58
N CYS B 418 22.89 -12.05 11.84
CA CYS B 418 23.16 -11.71 13.24
C CYS B 418 23.79 -10.35 13.47
N ARG B 419 23.95 -9.50 12.46
CA ARG B 419 24.70 -8.25 12.62
C ARG B 419 23.84 -7.08 12.15
N GLY B 420 23.49 -6.21 13.10
CA GLY B 420 22.71 -5.02 12.83
C GLY B 420 21.26 -5.16 13.24
N GLU B 421 20.56 -4.03 13.18
CA GLU B 421 19.20 -3.92 13.65
C GLU B 421 18.22 -4.79 12.86
N TYR B 422 18.55 -5.14 11.62
CA TYR B 422 17.61 -5.88 10.77
C TYR B 422 17.80 -7.38 10.83
N SER B 423 18.85 -7.85 11.49
CA SER B 423 19.20 -9.27 11.42
C SER B 423 18.16 -10.11 12.17
N ILE B 424 18.04 -11.36 11.74
CA ILE B 424 17.10 -12.29 12.38
C ILE B 424 17.42 -12.41 13.87
N LEU B 425 18.68 -12.70 14.20
CA LEU B 425 19.05 -12.96 15.59
C LEU B 425 18.88 -11.74 16.48
N HIS B 426 19.13 -10.53 15.97
CA HIS B 426 18.96 -9.34 16.80
C HIS B 426 17.49 -9.15 17.16
N ARG B 427 16.59 -9.37 16.21
CA ARG B 427 15.18 -9.20 16.50
C ARG B 427 14.64 -10.32 17.37
N LEU B 428 15.15 -11.55 17.19
CA LEU B 428 14.76 -12.65 18.05
C LEU B 428 15.27 -12.48 19.48
N LYS B 429 16.55 -12.12 19.62
CA LYS B 429 17.12 -11.93 20.96
C LYS B 429 16.35 -10.86 21.72
N ALA B 430 15.96 -9.79 21.03
CA ALA B 430 15.24 -8.69 21.67
C ALA B 430 13.92 -9.17 22.26
N ALA B 431 13.25 -10.10 21.59
CA ALA B 431 11.97 -10.63 22.07
C ALA B 431 12.11 -11.78 23.06
N MET B 432 13.09 -12.67 22.88
CA MET B 432 13.09 -13.91 23.64
C MET B 432 14.44 -14.25 24.26
N GLY B 433 15.42 -13.35 24.20
CA GLY B 433 16.72 -13.64 24.78
C GLY B 433 17.36 -14.85 24.16
N THR B 434 18.05 -15.64 25.00
CA THR B 434 18.80 -16.79 24.52
C THR B 434 17.92 -17.92 24.03
N ALA B 435 16.59 -17.81 24.21
CA ALA B 435 15.68 -18.82 23.68
C ALA B 435 15.71 -18.91 22.16
N TRP B 436 16.26 -17.93 21.46
CA TRP B 436 16.34 -17.98 20.01
C TRP B 436 16.99 -19.25 19.48
N ARG B 437 17.85 -19.89 20.28
CA ARG B 437 18.50 -21.11 19.82
C ARG B 437 17.53 -22.28 19.73
N ASP B 438 16.40 -22.20 20.43
CA ASP B 438 15.36 -23.23 20.35
C ASP B 438 14.56 -23.17 19.04
N TYR B 439 14.69 -22.13 18.25
CA TYR B 439 13.81 -21.93 17.11
C TYR B 439 14.52 -21.90 15.76
N ILE B 440 15.82 -21.67 15.71
CA ILE B 440 16.55 -21.60 14.45
C ILE B 440 17.95 -22.17 14.62
N SER B 441 18.40 -22.90 13.60
CA SER B 441 19.74 -23.48 13.56
C SER B 441 20.32 -23.19 12.19
N ILE B 442 21.46 -22.50 12.16
CA ILE B 442 22.14 -22.17 10.91
C ILE B 442 23.41 -23.02 10.84
N CYS B 443 23.51 -23.84 9.82
CA CYS B 443 24.62 -24.79 9.72
C CYS B 443 25.22 -24.80 8.32
N GLY B 444 26.40 -25.42 8.23
CA GLY B 444 27.06 -25.67 6.96
C GLY B 444 27.54 -27.11 6.91
N LEU B 445 28.25 -27.43 5.83
CA LEU B 445 28.74 -28.79 5.64
C LEU B 445 30.24 -28.78 5.36
N ARG B 446 30.91 -29.82 5.86
CA ARG B 446 32.35 -30.01 5.71
C ARG B 446 32.61 -31.51 5.67
N THR B 447 33.63 -31.92 4.91
CA THR B 447 34.06 -33.31 4.91
C THR B 447 35.58 -33.35 4.99
N HIS B 448 36.12 -34.57 5.10
CA HIS B 448 37.57 -34.74 5.14
C HIS B 448 37.96 -36.01 4.38
N GLY B 449 39.22 -36.06 4.00
CA GLY B 449 39.76 -37.17 3.27
C GLY B 449 41.26 -37.21 3.46
N GLU B 450 41.94 -37.89 2.53
CA GLU B 450 43.39 -38.05 2.62
C GLU B 450 44.01 -37.68 1.28
N LEU B 451 45.06 -36.86 1.32
CA LEU B 451 45.80 -36.50 0.12
C LEU B 451 47.24 -36.15 0.49
N GLY B 452 48.19 -36.68 -0.27
CA GLY B 452 49.59 -36.43 0.03
C GLY B 452 50.07 -36.98 1.34
N GLY B 453 49.40 -38.01 1.87
CA GLY B 453 49.85 -38.64 3.09
C GLY B 453 49.41 -37.95 4.37
N HIS B 454 48.41 -37.08 4.31
CA HIS B 454 47.89 -36.41 5.49
C HIS B 454 46.43 -36.09 5.26
N PRO B 455 45.66 -35.89 6.33
CA PRO B 455 44.24 -35.54 6.16
C PRO B 455 44.08 -34.20 5.47
N VAL B 456 43.05 -34.11 4.63
CA VAL B 456 42.64 -32.84 4.04
C VAL B 456 41.16 -32.66 4.27
N SER B 457 40.72 -31.41 4.23
CA SER B 457 39.32 -31.07 4.47
C SER B 457 38.89 -30.00 3.49
N GLU B 458 37.60 -30.02 3.15
CA GLU B 458 37.02 -28.99 2.30
C GLU B 458 35.54 -28.90 2.65
N LEU B 459 34.99 -27.71 2.53
CA LEU B 459 33.55 -27.58 2.69
C LEU B 459 32.82 -28.24 1.53
N ILE B 460 31.63 -28.75 1.82
CA ILE B 460 30.71 -29.20 0.79
C ILE B 460 29.91 -27.99 0.34
N TYR B 461 30.02 -27.63 -0.94
CA TYR B 461 29.38 -26.41 -1.41
C TYR B 461 27.88 -26.67 -1.53
N ILE B 462 27.09 -26.01 -0.69
CA ILE B 462 25.65 -26.17 -0.71
C ILE B 462 25.09 -25.30 -1.83
N HIS B 463 24.82 -25.92 -2.98
CA HIS B 463 24.26 -25.22 -4.12
C HIS B 463 22.75 -25.45 -4.26
N SER B 464 22.18 -26.31 -3.43
CA SER B 464 20.75 -26.59 -3.51
C SER B 464 19.94 -25.30 -3.39
N LYS B 465 18.70 -25.36 -3.90
CA LYS B 465 17.72 -24.29 -3.68
C LYS B 465 16.40 -24.98 -3.35
N VAL B 466 16.30 -25.46 -2.11
CA VAL B 466 15.17 -26.27 -1.68
C VAL B 466 14.64 -25.73 -0.36
N LEU B 467 13.33 -25.84 -0.18
CA LEU B 467 12.66 -25.55 1.07
C LEU B 467 11.72 -26.71 1.36
N ILE B 468 11.71 -27.19 2.61
CA ILE B 468 10.77 -28.20 3.04
C ILE B 468 9.99 -27.63 4.22
N ALA B 469 8.67 -27.79 4.19
CA ALA B 469 7.81 -27.38 5.31
C ALA B 469 6.96 -28.55 5.77
N ASP B 470 7.00 -28.81 7.07
CA ASP B 470 6.04 -29.67 7.75
C ASP B 470 6.02 -31.11 7.22
N ASP B 471 7.10 -31.54 6.55
CA ASP B 471 7.14 -32.87 5.92
C ASP B 471 5.98 -33.06 4.95
N ARG B 472 5.51 -31.96 4.34
CA ARG B 472 4.35 -32.00 3.46
C ARG B 472 4.50 -31.15 2.21
N THR B 473 5.34 -30.12 2.20
CA THR B 473 5.44 -29.17 1.10
C THR B 473 6.91 -28.94 0.78
N VAL B 474 7.22 -28.86 -0.51
CA VAL B 474 8.59 -28.67 -0.98
C VAL B 474 8.58 -27.63 -2.10
N ILE B 475 9.55 -26.73 -2.06
CA ILE B 475 9.86 -25.85 -3.18
C ILE B 475 11.26 -26.19 -3.69
N ILE B 476 11.35 -26.50 -4.98
CA ILE B 476 12.62 -26.82 -5.63
C ILE B 476 12.74 -25.97 -6.89
N GLY B 477 13.90 -25.38 -7.10
CA GLY B 477 14.10 -24.54 -8.27
C GLY B 477 15.52 -24.03 -8.37
N SER B 478 15.68 -22.96 -9.14
CA SER B 478 16.96 -22.30 -9.33
C SER B 478 17.11 -21.05 -8.49
N ALA B 479 16.06 -20.62 -7.79
CA ALA B 479 16.02 -19.31 -7.15
C ALA B 479 16.77 -19.36 -5.82
N ASN B 480 17.88 -18.62 -5.72
CA ASN B 480 18.52 -18.40 -4.44
C ASN B 480 17.64 -17.48 -3.59
N ILE B 481 17.93 -17.46 -2.28
CA ILE B 481 17.29 -16.52 -1.37
C ILE B 481 18.14 -15.24 -1.37
N ASN B 482 17.82 -14.36 -2.32
CA ASN B 482 18.40 -13.04 -2.42
C ASN B 482 17.51 -12.22 -3.35
N ASP B 483 17.77 -10.91 -3.39
CA ASP B 483 16.95 -10.06 -4.25
C ASP B 483 17.15 -10.38 -5.73
N ARG B 484 18.37 -10.76 -6.11
CA ARG B 484 18.67 -11.04 -7.52
C ARG B 484 17.76 -12.13 -8.09
N SER B 485 17.54 -13.19 -7.32
CA SER B 485 16.73 -14.32 -7.80
C SER B 485 15.23 -14.12 -7.60
N LEU B 486 14.81 -13.41 -6.55
CA LEU B 486 13.44 -13.49 -6.10
C LEU B 486 12.57 -12.32 -6.57
N LEU B 487 13.16 -11.15 -6.83
CA LEU B 487 12.34 -9.98 -7.14
C LEU B 487 11.62 -10.11 -8.48
N GLY B 488 12.10 -10.96 -9.37
CA GLY B 488 11.54 -11.04 -10.71
C GLY B 488 12.16 -10.06 -11.68
N LYS B 489 12.34 -8.82 -11.23
CA LYS B 489 12.88 -7.77 -12.08
C LYS B 489 14.32 -8.04 -12.51
N ARG B 490 15.02 -8.93 -11.81
CA ARG B 490 16.44 -9.08 -12.04
C ARG B 490 16.72 -10.39 -12.77
N ASP B 491 17.34 -11.35 -12.10
CA ASP B 491 17.63 -12.64 -12.73
C ASP B 491 16.32 -13.39 -12.98
N SER B 492 16.28 -14.13 -14.08
CA SER B 492 15.20 -15.06 -14.32
C SER B 492 15.47 -16.39 -13.61
N GLU B 493 14.42 -16.96 -13.03
CA GLU B 493 14.52 -18.16 -12.20
C GLU B 493 13.29 -19.03 -12.43
N LEU B 494 13.42 -20.31 -12.09
CA LEU B 494 12.31 -21.26 -12.13
C LEU B 494 12.24 -22.02 -10.81
N ALA B 495 11.01 -22.44 -10.47
CA ALA B 495 10.81 -23.35 -9.34
C ALA B 495 9.51 -24.10 -9.55
N VAL B 496 9.35 -25.19 -8.80
CA VAL B 496 8.09 -25.91 -8.70
C VAL B 496 7.70 -26.00 -7.23
N LEU B 497 6.41 -25.83 -6.96
CA LEU B 497 5.85 -26.06 -5.63
C LEU B 497 5.20 -27.44 -5.60
N ILE B 498 5.67 -28.29 -4.69
CA ILE B 498 5.28 -29.70 -4.67
C ILE B 498 4.57 -29.93 -3.34
N GLU B 499 3.27 -30.21 -3.40
CA GLU B 499 2.44 -30.44 -2.22
C GLU B 499 1.99 -31.89 -2.22
N ASP B 500 2.20 -32.57 -1.10
CA ASP B 500 1.84 -33.98 -1.02
C ASP B 500 0.33 -34.15 -0.90
N THR B 501 -0.21 -35.14 -1.63
CA THR B 501 -1.58 -35.59 -1.44
C THR B 501 -1.67 -36.97 -0.81
N GLU B 502 -0.60 -37.74 -0.82
CA GLU B 502 -0.47 -39.03 -0.18
C GLU B 502 0.45 -38.91 1.02
N THR B 503 0.17 -39.68 2.06
CA THR B 503 0.83 -39.50 3.35
C THR B 503 1.46 -40.80 3.82
N GLU B 504 2.30 -40.67 4.85
CA GLU B 504 2.96 -41.77 5.53
C GLU B 504 2.85 -41.56 7.03
N PRO B 505 2.67 -42.64 7.80
CA PRO B 505 2.71 -42.48 9.26
C PRO B 505 4.08 -41.98 9.69
N SER B 506 4.10 -40.91 10.47
CA SER B 506 5.35 -40.36 10.97
C SER B 506 5.11 -39.77 12.35
N LEU B 507 6.04 -38.93 12.80
CA LEU B 507 5.98 -38.30 14.11
C LEU B 507 6.21 -36.81 13.93
N MET B 508 5.64 -36.02 14.85
CA MET B 508 5.85 -34.58 14.88
C MET B 508 5.75 -34.09 16.31
N ASN B 509 6.88 -33.70 16.89
CA ASN B 509 6.98 -33.33 18.30
C ASN B 509 6.32 -34.38 19.19
N GLY B 510 6.70 -35.65 18.96
CA GLY B 510 6.24 -36.75 19.77
C GLY B 510 4.87 -37.28 19.43
N ALA B 511 4.07 -36.54 18.68
CA ALA B 511 2.72 -36.96 18.34
C ALA B 511 2.71 -37.66 16.99
N GLU B 512 1.79 -38.62 16.87
CA GLU B 512 1.56 -39.28 15.59
C GLU B 512 1.20 -38.24 14.53
N TYR B 513 1.76 -38.38 13.33
CA TYR B 513 1.66 -37.35 12.31
C TYR B 513 1.67 -37.97 10.92
N GLN B 514 0.66 -37.65 10.12
CA GLN B 514 0.62 -38.10 8.73
C GLN B 514 1.49 -37.16 7.91
N ALA B 515 2.70 -37.61 7.57
CA ALA B 515 3.62 -36.81 6.75
C ALA B 515 3.44 -37.14 5.28
N GLY B 516 3.73 -36.16 4.43
CA GLY B 516 3.67 -36.39 3.00
C GLY B 516 4.82 -37.25 2.49
N ARG B 517 4.51 -38.05 1.47
CA ARG B 517 5.48 -39.04 0.99
C ARG B 517 6.68 -38.39 0.33
N PHE B 518 6.43 -37.47 -0.61
CA PHE B 518 7.51 -36.79 -1.33
C PHE B 518 8.37 -35.97 -0.37
N ALA B 519 7.75 -35.20 0.52
CA ALA B 519 8.49 -34.29 1.37
C ALA B 519 9.26 -35.03 2.46
N LEU B 520 8.63 -36.05 3.06
CA LEU B 520 9.30 -36.81 4.12
C LEU B 520 10.50 -37.54 3.59
N SER B 521 10.36 -38.19 2.44
CA SER B 521 11.48 -38.95 1.86
C SER B 521 12.64 -38.02 1.52
N LEU B 522 12.34 -36.86 0.95
CA LEU B 522 13.38 -35.88 0.68
C LEU B 522 14.05 -35.41 1.97
N ARG B 523 13.25 -34.99 2.95
CA ARG B 523 13.80 -34.49 4.21
C ARG B 523 14.62 -35.54 4.95
N LYS B 524 14.12 -36.77 5.02
CA LYS B 524 14.90 -37.84 5.66
C LYS B 524 16.20 -38.11 4.93
N HIS B 525 16.18 -38.07 3.59
CA HIS B 525 17.41 -38.30 2.84
C HIS B 525 18.44 -37.22 3.11
N CYS B 526 18.00 -35.94 3.13
CA CYS B 526 18.90 -34.86 3.51
C CYS B 526 19.47 -35.09 4.90
N PHE B 527 18.61 -35.25 5.91
CA PHE B 527 19.08 -35.41 7.29
C PHE B 527 20.00 -36.62 7.41
N GLY B 528 19.65 -37.72 6.74
CA GLY B 528 20.43 -38.94 6.88
C GLY B 528 21.85 -38.78 6.37
N VAL B 529 22.01 -38.14 5.20
CA VAL B 529 23.34 -37.95 4.63
C VAL B 529 24.13 -36.94 5.45
N ILE B 530 23.48 -35.85 5.88
CA ILE B 530 24.14 -34.79 6.60
C ILE B 530 24.61 -35.24 7.99
N LEU B 531 23.80 -36.02 8.69
CA LEU B 531 24.18 -36.44 10.04
C LEU B 531 24.94 -37.75 10.13
N GLY B 532 24.91 -38.58 9.10
CA GLY B 532 25.73 -39.76 9.04
C GLY B 532 24.96 -41.03 9.30
N ALA B 533 23.70 -41.10 8.89
CA ALA B 533 22.82 -42.17 9.37
C ALA B 533 23.31 -43.56 8.96
N ASN B 534 24.08 -43.62 7.88
CA ASN B 534 24.72 -44.87 7.50
C ASN B 534 25.57 -45.41 8.63
N THR B 535 26.38 -44.54 9.23
CA THR B 535 27.32 -44.98 10.25
C THR B 535 26.65 -45.23 11.60
N ARG B 536 25.58 -44.49 11.91
CA ARG B 536 24.84 -44.65 13.17
C ARG B 536 23.42 -45.04 12.84
N PRO B 537 23.16 -46.32 12.58
CA PRO B 537 21.81 -46.78 12.27
C PRO B 537 20.83 -46.68 13.42
N ASP B 538 21.27 -46.21 14.60
CA ASP B 538 20.35 -45.95 15.69
C ASP B 538 19.78 -44.55 15.71
N LEU B 539 19.89 -43.79 14.62
CA LEU B 539 19.37 -42.44 14.66
C LEU B 539 17.88 -42.49 14.30
N ASP B 540 17.06 -41.79 15.09
CA ASP B 540 15.62 -41.70 14.83
C ASP B 540 15.36 -40.40 14.07
N LEU B 541 15.10 -40.51 12.77
CA LEU B 541 14.88 -39.33 11.97
C LEU B 541 13.41 -39.12 11.66
N ARG B 542 12.52 -39.80 12.37
CA ARG B 542 11.09 -39.67 12.10
C ARG B 542 10.60 -38.29 12.51
N ASP B 543 10.97 -37.87 13.73
CA ASP B 543 10.49 -36.62 14.30
C ASP B 543 11.55 -35.55 14.06
N PRO B 544 11.28 -34.54 13.24
CA PRO B 544 12.27 -33.48 12.97
C PRO B 544 12.23 -32.29 13.92
N ILE B 545 11.36 -32.26 14.93
CA ILE B 545 11.24 -31.06 15.75
C ILE B 545 11.30 -31.34 17.24
N CYS B 546 11.17 -32.61 17.64
CA CYS B 546 11.18 -32.91 19.07
C CYS B 546 12.49 -32.46 19.71
N ASP B 547 12.43 -32.19 21.01
CA ASP B 547 13.57 -31.62 21.73
C ASP B 547 14.82 -32.49 21.63
N ASP B 548 14.67 -33.80 21.83
CA ASP B 548 15.82 -34.71 21.74
C ASP B 548 16.54 -34.59 20.41
N PHE B 549 15.79 -34.57 19.30
CA PHE B 549 16.45 -34.53 18.00
C PHE B 549 17.07 -33.16 17.71
N PHE B 550 16.38 -32.09 18.08
CA PHE B 550 16.94 -30.75 17.86
C PHE B 550 18.22 -30.54 18.65
N GLN B 551 18.26 -31.05 19.88
CA GLN B 551 19.49 -30.98 20.67
C GLN B 551 20.61 -31.76 19.98
N LEU B 552 20.29 -32.96 19.51
CA LEU B 552 21.28 -33.78 18.81
C LEU B 552 21.80 -33.09 17.55
N TRP B 553 20.92 -32.42 16.81
CA TRP B 553 21.36 -31.65 15.64
C TRP B 553 22.39 -30.60 16.04
N GLN B 554 22.07 -29.78 17.04
CA GLN B 554 23.00 -28.73 17.46
C GLN B 554 24.26 -29.32 18.06
N ASP B 555 24.13 -30.38 18.86
CA ASP B 555 25.30 -31.02 19.47
C ASP B 555 26.25 -31.55 18.41
N MET B 556 25.71 -32.19 17.37
CA MET B 556 26.56 -32.70 16.31
C MET B 556 27.26 -31.55 15.60
N ALA B 557 26.49 -30.50 15.26
CA ALA B 557 27.06 -29.33 14.60
C ALA B 557 28.20 -28.74 15.42
N GLU B 558 28.02 -28.64 16.74
CA GLU B 558 29.06 -28.08 17.59
C GLU B 558 30.23 -29.04 17.71
N SER B 559 29.96 -30.32 17.92
CA SER B 559 31.03 -31.30 18.08
C SER B 559 31.89 -31.40 16.82
N ASN B 560 31.24 -31.51 15.65
CA ASN B 560 31.97 -31.55 14.39
C ASN B 560 32.76 -30.26 14.16
N ALA B 561 32.12 -29.10 14.37
CA ALA B 561 32.81 -27.83 14.17
C ALA B 561 34.05 -27.73 15.04
N ASN B 562 33.95 -28.20 16.29
CA ASN B 562 35.10 -28.17 17.18
C ASN B 562 36.23 -29.07 16.68
N ILE B 563 35.88 -30.27 16.19
CA ILE B 563 36.91 -31.19 15.72
C ILE B 563 37.60 -30.65 14.48
N TYR B 564 36.82 -30.21 13.48
CA TYR B 564 37.42 -29.66 12.27
C TYR B 564 38.34 -28.49 12.59
N GLU B 565 37.91 -27.62 13.51
CA GLU B 565 38.76 -26.51 13.92
C GLU B 565 40.00 -27.01 14.65
N GLN B 566 39.84 -28.06 15.46
CA GLN B 566 40.98 -28.62 16.20
C GLN B 566 42.01 -29.25 15.27
N ILE B 567 41.55 -29.88 14.19
CA ILE B 567 42.42 -30.66 13.33
C ILE B 567 42.94 -29.84 12.15
N PHE B 568 42.11 -28.96 11.60
CA PHE B 568 42.46 -28.30 10.35
C PHE B 568 42.62 -26.79 10.48
N ARG B 569 42.19 -26.19 11.59
CA ARG B 569 42.18 -24.74 11.73
C ARG B 569 41.55 -24.10 10.50
N CYS B 570 40.42 -24.68 10.07
CA CYS B 570 39.83 -24.26 8.81
C CYS B 570 39.00 -23.00 8.98
N LEU B 571 38.96 -22.22 7.94
CA LEU B 571 38.18 -21.01 7.79
C LEU B 571 36.92 -21.30 6.98
N PRO B 572 35.80 -20.63 7.27
CA PRO B 572 35.65 -19.59 8.29
C PRO B 572 35.60 -20.19 9.70
N SER B 573 35.77 -19.34 10.71
CA SER B 573 35.82 -19.80 12.09
C SER B 573 35.43 -18.66 13.01
N ASN B 574 34.84 -19.01 14.15
CA ASN B 574 34.55 -18.01 15.17
C ASN B 574 35.81 -17.53 15.87
N ALA B 575 36.94 -18.21 15.70
CA ALA B 575 38.16 -17.86 16.39
C ALA B 575 38.92 -16.70 15.73
N THR B 576 38.43 -16.20 14.59
CA THR B 576 39.08 -15.13 13.84
C THR B 576 38.09 -13.99 13.61
N ARG B 577 38.00 -13.07 14.58
CA ARG B 577 37.04 -11.97 14.49
C ARG B 577 37.53 -10.79 13.67
N SER B 578 38.82 -10.72 13.34
CA SER B 578 39.32 -9.61 12.55
C SER B 578 40.39 -10.13 11.59
N LEU B 579 40.75 -9.29 10.60
CA LEU B 579 41.80 -9.70 9.67
C LEU B 579 43.17 -9.77 10.35
N ARG B 580 43.45 -8.86 11.28
CA ARG B 580 44.74 -8.90 11.97
C ARG B 580 44.91 -10.19 12.77
N THR B 581 43.87 -10.65 13.46
CA THR B 581 44.03 -11.93 14.12
C THR B 581 43.97 -13.07 13.12
N LEU B 582 43.31 -12.85 11.98
CA LEU B 582 43.33 -13.84 10.90
C LEU B 582 44.72 -14.00 10.31
N ARG B 583 45.47 -12.90 10.16
CA ARG B 583 46.78 -12.99 9.53
C ARG B 583 47.73 -13.85 10.34
N GLU B 584 47.70 -13.69 11.67
CA GLU B 584 48.54 -14.50 12.55
C GLU B 584 47.97 -15.91 12.74
N TYR B 585 46.65 -16.07 12.59
CA TYR B 585 46.03 -17.36 12.84
C TYR B 585 46.39 -18.36 11.75
N VAL B 586 46.45 -17.91 10.50
CA VAL B 586 46.82 -18.79 9.40
C VAL B 586 48.30 -19.06 9.33
N ALA B 587 49.11 -18.28 10.06
CA ALA B 587 50.55 -18.51 10.07
C ALA B 587 50.95 -19.74 10.87
N VAL B 588 49.99 -20.53 11.35
CA VAL B 588 50.24 -21.68 12.21
C VAL B 588 49.94 -22.93 11.39
N GLU B 589 50.82 -23.91 11.48
CA GLU B 589 50.60 -25.15 10.73
C GLU B 589 49.62 -26.03 11.47
N PRO B 590 48.56 -26.51 10.80
CA PRO B 590 47.54 -27.31 11.50
C PRO B 590 48.04 -28.72 11.78
N LEU B 591 47.38 -29.35 12.76
CA LEU B 591 47.77 -30.69 13.19
C LEU B 591 47.64 -31.70 12.06
N ALA B 592 46.67 -31.50 11.16
CA ALA B 592 46.49 -32.38 10.02
C ALA B 592 47.81 -32.69 9.31
N THR B 593 48.66 -31.69 9.13
CA THR B 593 49.96 -31.92 8.50
C THR B 593 51.10 -32.08 9.50
N VAL B 594 50.97 -31.51 10.71
CA VAL B 594 52.02 -31.65 11.71
C VAL B 594 52.15 -33.11 12.15
N SER B 595 51.03 -33.74 12.46
CA SER B 595 51.01 -35.15 12.90
C SER B 595 49.76 -35.80 12.33
N PRO B 596 49.83 -36.28 11.10
CA PRO B 596 48.68 -36.94 10.46
C PRO B 596 48.09 -38.07 11.31
N PRO B 597 48.92 -38.91 11.96
CA PRO B 597 48.30 -39.96 12.80
C PRO B 597 47.44 -39.44 13.92
N LEU B 598 47.90 -38.42 14.66
CA LEU B 598 47.07 -37.86 15.72
C LEU B 598 45.81 -37.22 15.13
N ALA B 599 45.96 -36.49 14.03
CA ALA B 599 44.81 -35.90 13.36
C ALA B 599 43.81 -36.97 12.96
N ARG B 600 44.30 -38.03 12.30
CA ARG B 600 43.46 -39.12 11.84
C ARG B 600 42.68 -39.76 12.98
N SER B 601 43.36 -39.99 14.11
CA SER B 601 42.69 -40.60 15.26
C SER B 601 41.57 -39.74 15.79
N GLU B 602 41.80 -38.43 15.89
CA GLU B 602 40.78 -37.51 16.40
C GLU B 602 39.62 -37.36 15.43
N LEU B 603 39.88 -37.48 14.13
CA LEU B 603 38.83 -37.37 13.12
C LEU B 603 37.81 -38.50 13.19
N THR B 604 38.12 -39.59 13.90
CA THR B 604 37.16 -40.68 14.06
C THR B 604 35.92 -40.27 14.86
N GLN B 605 35.94 -39.12 15.53
CA GLN B 605 34.78 -38.69 16.30
C GLN B 605 33.83 -37.82 15.49
N VAL B 606 34.19 -37.44 14.27
CA VAL B 606 33.27 -36.71 13.40
C VAL B 606 32.18 -37.66 12.92
N GLN B 607 30.93 -37.25 13.08
CA GLN B 607 29.78 -38.01 12.60
C GLN B 607 29.04 -37.13 11.61
N GLY B 608 28.94 -37.59 10.36
CA GLY B 608 28.28 -36.82 9.34
C GLY B 608 29.10 -35.59 8.94
N HIS B 609 28.45 -34.69 8.22
CA HIS B 609 29.11 -33.51 7.67
C HIS B 609 28.64 -32.20 8.29
N LEU B 610 27.62 -32.24 9.14
CA LEU B 610 27.02 -31.02 9.65
C LEU B 610 27.98 -30.26 10.56
N VAL B 611 28.24 -28.99 10.25
CA VAL B 611 29.04 -28.12 11.09
C VAL B 611 28.28 -26.82 11.34
N HIS B 612 28.39 -26.29 12.55
CA HIS B 612 27.81 -24.99 12.89
C HIS B 612 28.35 -23.90 11.99
N PHE B 613 27.45 -23.02 11.54
CA PHE B 613 27.85 -21.88 10.73
C PHE B 613 28.41 -20.78 11.61
N PRO B 614 29.69 -20.42 11.47
CA PRO B 614 30.28 -19.42 12.38
C PRO B 614 29.75 -18.02 12.19
N LEU B 615 29.02 -17.52 13.17
CA LEU B 615 28.36 -16.23 13.07
C LEU B 615 29.28 -15.07 13.42
N LYS B 616 30.46 -15.36 13.94
CA LYS B 616 31.37 -14.32 14.41
C LYS B 616 32.61 -14.18 13.55
N PHE B 617 32.69 -14.91 12.43
CA PHE B 617 33.84 -14.82 11.56
C PHE B 617 34.01 -13.40 11.04
N LEU B 618 35.16 -12.79 11.36
CA LEU B 618 35.48 -11.44 10.92
C LEU B 618 34.44 -10.41 11.37
N GLU B 619 33.81 -10.62 12.53
CA GLU B 619 32.74 -9.71 12.96
C GLU B 619 33.27 -8.34 13.37
N ASP B 620 34.58 -8.17 13.46
CA ASP B 620 35.19 -6.89 13.78
C ASP B 620 35.58 -6.11 12.53
N GLU B 621 35.21 -6.60 11.35
CA GLU B 621 35.56 -6.00 10.08
C GLU B 621 34.30 -5.45 9.40
N SER B 622 34.50 -4.41 8.58
CA SER B 622 33.39 -3.80 7.86
C SER B 622 32.89 -4.67 6.71
N LEU B 623 33.79 -5.41 6.06
CA LEU B 623 33.45 -6.37 5.01
C LEU B 623 32.82 -5.75 3.76
N LEU B 624 32.63 -4.40 3.74
CA LEU B 624 32.21 -4.04 2.39
C LEU B 624 33.42 -3.61 1.55
N PRO B 625 33.39 -3.88 0.24
CA PRO B 625 34.55 -3.60 -0.61
C PRO B 625 34.49 -2.21 -1.21
N PRO B 626 35.62 -1.49 -1.23
CA PRO B 626 35.73 -0.19 -1.89
C PRO B 626 36.38 -0.28 -3.27
N GLY B 632 33.27 -0.76 -5.06
CA GLY B 632 33.04 0.50 -4.37
C GLY B 632 32.05 1.40 -5.09
N MET B 633 32.32 1.70 -6.35
CA MET B 633 31.37 2.46 -7.15
C MET B 633 30.37 1.54 -7.83
N ILE B 634 30.59 0.25 -7.68
CA ILE B 634 29.72 -0.85 -8.09
C ILE B 634 28.45 -0.82 -7.26
N PRO B 635 27.25 -0.87 -7.84
CA PRO B 635 26.06 -0.93 -6.98
C PRO B 635 26.10 -2.19 -6.12
N LEU B 636 25.66 -2.05 -4.87
CA LEU B 636 25.78 -3.16 -3.92
C LEU B 636 24.86 -4.32 -4.31
N GLU B 637 23.75 -3.97 -4.96
CA GLU B 637 22.69 -4.84 -5.45
C GLU B 637 23.15 -5.79 -6.55
N VAL B 638 24.40 -5.66 -7.02
CA VAL B 638 24.97 -6.67 -7.91
C VAL B 638 25.04 -8.03 -7.21
N TRP B 639 25.25 -8.03 -5.89
CA TRP B 639 25.44 -9.26 -5.14
C TRP B 639 24.18 -9.72 -4.41
N THR B 640 23.17 -8.88 -4.29
CA THR B 640 21.98 -9.20 -3.52
C THR B 640 20.88 -9.76 -4.41
N ARG C 22 -49.21 21.13 -8.17
CA ARG C 22 -49.88 22.41 -8.01
C ARG C 22 -49.12 23.52 -8.73
N ASP C 23 -49.60 24.75 -8.61
CA ASP C 23 -49.27 25.81 -9.54
C ASP C 23 -48.21 26.74 -8.95
N PHE C 24 -47.68 27.62 -9.81
CA PHE C 24 -46.73 28.65 -9.42
C PHE C 24 -47.19 30.01 -9.92
N LEU C 25 -48.49 30.15 -10.13
CA LEU C 25 -49.12 31.39 -10.62
C LEU C 25 -49.40 32.37 -9.48
N GLN C 26 -49.66 31.86 -8.29
CA GLN C 26 -49.96 32.69 -7.13
C GLN C 26 -49.04 32.31 -5.97
N LEU C 27 -49.06 33.15 -4.94
CA LEU C 27 -48.35 32.84 -3.71
C LEU C 27 -49.16 31.85 -2.88
N HIS C 28 -48.51 31.25 -1.89
CA HIS C 28 -49.16 30.18 -1.16
C HIS C 28 -49.08 30.43 0.35
N ARG C 29 -49.36 29.39 1.15
CA ARG C 29 -49.24 29.51 2.60
C ARG C 29 -47.90 30.11 3.00
N HIS C 30 -47.94 31.03 3.98
CA HIS C 30 -46.76 31.75 4.46
C HIS C 30 -46.12 32.64 3.39
N ASP C 31 -46.88 32.96 2.33
CA ASP C 31 -46.37 33.78 1.23
C ASP C 31 -45.16 33.11 0.57
N SER C 32 -45.17 31.79 0.51
CA SER C 32 -44.11 31.01 -0.11
C SER C 32 -44.39 30.81 -1.59
N TYR C 33 -43.33 30.64 -2.37
CA TYR C 33 -43.53 30.37 -3.80
C TYR C 33 -44.06 28.97 -4.04
N ALA C 34 -43.91 28.05 -3.08
CA ALA C 34 -44.29 26.67 -3.28
C ALA C 34 -45.42 26.25 -2.33
N PRO C 35 -46.36 25.46 -2.79
CA PRO C 35 -47.43 24.99 -1.91
C PRO C 35 -46.98 23.80 -1.07
N PRO C 36 -47.69 23.48 0.00
CA PRO C 36 -47.38 22.24 0.73
C PRO C 36 -47.71 21.00 -0.10
N ARG C 37 -46.85 20.00 0.00
CA ARG C 37 -46.97 18.77 -0.77
C ARG C 37 -47.31 17.62 0.16
N PRO C 38 -48.58 17.22 0.26
CA PRO C 38 -48.93 16.04 1.06
C PRO C 38 -48.34 14.78 0.49
N GLY C 39 -48.16 13.79 1.37
CA GLY C 39 -47.71 12.49 0.95
C GLY C 39 -46.25 12.46 0.57
N THR C 40 -45.46 13.39 1.10
CA THR C 40 -44.04 13.50 0.78
C THR C 40 -43.22 12.61 1.70
N LEU C 41 -42.36 11.79 1.10
CA LEU C 41 -41.38 11.03 1.88
C LEU C 41 -40.22 11.95 2.24
N ALA C 42 -39.91 12.04 3.53
CA ALA C 42 -38.86 12.92 4.01
C ALA C 42 -38.09 12.19 5.12
N ARG C 43 -36.77 12.38 5.12
CA ARG C 43 -35.92 11.79 6.13
C ARG C 43 -34.93 12.84 6.63
N TRP C 44 -34.85 12.99 7.95
CA TRP C 44 -33.92 13.95 8.54
C TRP C 44 -32.57 13.29 8.75
N PHE C 45 -31.53 14.12 8.83
CA PHE C 45 -30.19 13.68 9.17
C PHE C 45 -29.64 14.58 10.25
N VAL C 46 -28.99 13.99 11.25
CA VAL C 46 -28.23 14.72 12.25
C VAL C 46 -26.76 14.38 12.05
N ASN C 47 -25.94 15.42 11.85
CA ASN C 47 -24.51 15.33 11.62
C ASN C 47 -24.19 14.91 10.20
N GLY C 48 -22.98 15.26 9.73
CA GLY C 48 -22.62 15.07 8.34
C GLY C 48 -22.45 13.62 7.90
N ALA C 49 -22.18 12.71 8.84
CA ALA C 49 -21.79 11.35 8.47
C ALA C 49 -22.86 10.67 7.64
N GLY C 50 -24.11 10.67 8.13
CA GLY C 50 -25.18 10.03 7.39
C GLY C 50 -25.66 10.86 6.22
N TYR C 51 -25.61 12.19 6.37
CA TYR C 51 -26.00 13.07 5.27
C TYR C 51 -25.05 12.92 4.08
N PHE C 52 -23.74 13.00 4.32
CA PHE C 52 -22.80 12.88 3.22
C PHE C 52 -22.80 11.49 2.60
N ALA C 53 -23.02 10.45 3.42
CA ALA C 53 -23.17 9.11 2.87
C ALA C 53 -24.41 9.02 1.98
N ALA C 54 -25.52 9.58 2.44
CA ALA C 54 -26.76 9.51 1.66
C ALA C 54 -26.69 10.39 0.42
N VAL C 55 -26.02 11.54 0.51
CA VAL C 55 -25.71 12.31 -0.69
C VAL C 55 -24.93 11.47 -1.69
N ALA C 56 -23.93 10.73 -1.19
CA ALA C 56 -23.12 9.88 -2.06
C ALA C 56 -23.97 8.81 -2.74
N ASP C 57 -24.85 8.16 -1.98
CA ASP C 57 -25.73 7.13 -2.53
C ASP C 57 -26.61 7.69 -3.64
N ALA C 58 -27.13 8.91 -3.46
CA ALA C 58 -28.04 9.48 -4.45
C ALA C 58 -27.31 9.84 -5.73
N ILE C 59 -26.11 10.39 -5.62
CA ILE C 59 -25.29 10.72 -6.78
C ILE C 59 -25.04 9.47 -7.63
N LEU C 60 -24.74 8.35 -6.98
CA LEU C 60 -24.47 7.10 -7.69
C LEU C 60 -25.64 6.65 -8.56
N ARG C 61 -26.87 6.93 -8.14
CA ARG C 61 -28.04 6.47 -8.86
C ARG C 61 -28.59 7.51 -9.83
N ALA C 62 -27.91 8.65 -9.97
CA ALA C 62 -28.33 9.70 -10.88
C ALA C 62 -28.30 9.22 -12.32
N GLN C 63 -29.32 9.59 -13.09
CA GLN C 63 -29.40 9.19 -14.49
C GLN C 63 -29.32 10.35 -15.47
N GLU C 64 -29.66 11.57 -15.06
CA GLU C 64 -29.74 12.69 -15.99
C GLU C 64 -29.05 13.96 -15.49
N GLU C 65 -29.37 14.39 -14.26
CA GLU C 65 -28.97 15.72 -13.80
C GLU C 65 -28.67 15.69 -12.31
N ILE C 66 -27.68 16.49 -11.92
CA ILE C 66 -27.40 16.81 -10.52
C ILE C 66 -27.29 18.31 -10.40
N PHE C 67 -28.12 18.90 -9.53
CA PHE C 67 -28.08 20.33 -9.23
C PHE C 67 -27.50 20.53 -7.86
N ILE C 68 -26.58 21.49 -7.73
CA ILE C 68 -25.89 21.76 -6.48
C ILE C 68 -25.77 23.26 -6.27
N THR C 69 -26.23 23.74 -5.11
CA THR C 69 -25.93 25.08 -4.63
C THR C 69 -25.17 24.95 -3.33
N ASP C 70 -24.18 25.82 -3.13
CA ASP C 70 -23.38 25.78 -1.93
C ASP C 70 -22.86 27.16 -1.62
N TRP C 71 -22.81 27.48 -0.34
CA TRP C 71 -22.03 28.63 0.10
C TRP C 71 -20.53 28.33 0.00
N TRP C 72 -20.13 27.10 0.33
CA TRP C 72 -18.76 26.65 0.17
C TRP C 72 -18.78 25.19 -0.25
N LEU C 73 -18.05 24.87 -1.31
CA LEU C 73 -17.92 23.49 -1.78
C LEU C 73 -16.44 23.13 -1.83
N SER C 74 -16.05 22.13 -1.05
CA SER C 74 -14.69 21.61 -1.10
C SER C 74 -14.63 20.41 -2.03
N PRO C 75 -14.02 20.53 -3.21
CA PRO C 75 -14.10 19.42 -4.19
C PRO C 75 -13.53 18.09 -3.70
N GLU C 76 -12.45 18.11 -2.91
CA GLU C 76 -11.78 16.89 -2.52
C GLU C 76 -12.27 16.33 -1.19
N VAL C 77 -13.42 16.79 -0.70
CA VAL C 77 -13.94 16.26 0.55
C VAL C 77 -14.43 14.83 0.34
N TYR C 78 -14.24 13.98 1.33
CA TYR C 78 -14.69 12.60 1.25
C TYR C 78 -16.08 12.47 1.86
N LEU C 79 -16.99 11.80 1.13
CA LEU C 79 -18.37 11.66 1.57
C LEU C 79 -18.61 10.44 2.45
N LYS C 80 -17.73 9.43 2.39
CA LYS C 80 -17.79 8.30 3.29
C LYS C 80 -16.43 8.08 3.93
N ARG C 81 -16.46 7.63 5.19
CA ARG C 81 -15.26 7.58 6.01
C ARG C 81 -15.19 6.24 6.72
N PRO C 82 -13.97 5.73 6.98
CA PRO C 82 -12.74 6.41 6.58
C PRO C 82 -12.40 6.14 5.11
N ALA C 83 -11.77 7.12 4.48
CA ALA C 83 -11.39 7.00 3.08
C ALA C 83 -10.32 5.94 2.89
N HIS C 84 -10.53 5.06 1.92
CA HIS C 84 -9.52 4.09 1.54
C HIS C 84 -9.07 4.23 0.10
N SER C 85 -9.68 5.12 -0.68
CA SER C 85 -9.36 5.30 -2.09
C SER C 85 -10.02 6.59 -2.57
N ASP C 86 -9.96 6.84 -3.87
CA ASP C 86 -10.60 8.01 -4.46
C ASP C 86 -12.12 7.85 -4.58
N ASP C 87 -12.63 6.62 -4.45
CA ASP C 87 -14.07 6.41 -4.44
C ASP C 87 -14.69 7.22 -3.29
N TRP C 88 -15.92 7.69 -3.51
CA TRP C 88 -16.69 8.47 -2.56
C TRP C 88 -16.12 9.87 -2.35
N ARG C 89 -15.05 10.24 -3.04
CA ARG C 89 -14.61 11.63 -3.05
C ARG C 89 -15.56 12.39 -3.98
N LEU C 90 -16.06 13.53 -3.52
CA LEU C 90 -17.16 14.18 -4.22
C LEU C 90 -16.78 14.49 -5.66
N ASP C 91 -15.59 15.04 -5.88
CA ASP C 91 -15.19 15.40 -7.23
C ASP C 91 -15.08 14.17 -8.12
N ILE C 92 -14.54 13.07 -7.59
CA ILE C 92 -14.42 11.84 -8.36
C ILE C 92 -15.80 11.30 -8.71
N MET C 93 -16.73 11.34 -7.74
CA MET C 93 -18.06 10.82 -8.00
C MET C 93 -18.78 11.63 -9.07
N LEU C 94 -18.69 12.95 -8.99
CA LEU C 94 -19.33 13.80 -9.99
C LEU C 94 -18.68 13.63 -11.36
N LYS C 95 -17.35 13.51 -11.40
CA LYS C 95 -16.68 13.31 -12.68
C LYS C 95 -17.10 11.99 -13.33
N ARG C 96 -17.25 10.94 -12.52
CA ARG C 96 -17.66 9.64 -13.06
C ARG C 96 -19.08 9.70 -13.60
N LYS C 97 -19.99 10.36 -12.88
CA LYS C 97 -21.35 10.50 -13.37
C LYS C 97 -21.40 11.34 -14.63
N ALA C 98 -20.61 12.42 -14.68
CA ALA C 98 -20.55 13.23 -15.89
C ALA C 98 -20.07 12.41 -17.08
N GLU C 99 -19.12 11.50 -16.86
CA GLU C 99 -18.65 10.65 -17.95
C GLU C 99 -19.72 9.70 -18.47
N GLU C 100 -20.76 9.42 -17.68
CA GLU C 100 -21.89 8.62 -18.15
C GLU C 100 -22.99 9.48 -18.75
N GLY C 101 -22.77 10.79 -18.87
CA GLY C 101 -23.73 11.67 -19.51
C GLY C 101 -24.56 12.51 -18.57
N VAL C 102 -24.37 12.40 -17.26
CA VAL C 102 -25.12 13.23 -16.33
C VAL C 102 -24.59 14.66 -16.39
N ARG C 103 -25.50 15.62 -16.45
CA ARG C 103 -25.15 17.03 -16.45
C ARG C 103 -25.13 17.54 -15.00
N VAL C 104 -23.99 18.08 -14.59
CA VAL C 104 -23.83 18.64 -13.25
C VAL C 104 -23.78 20.15 -13.36
N SER C 105 -24.72 20.82 -12.71
CA SER C 105 -24.80 22.27 -12.67
C SER C 105 -24.61 22.71 -11.23
N ILE C 106 -23.65 23.60 -11.01
CA ILE C 106 -23.21 23.98 -9.66
C ILE C 106 -23.23 25.50 -9.55
N LEU C 107 -23.88 26.00 -8.50
CA LEU C 107 -23.93 27.41 -8.16
C LEU C 107 -23.11 27.61 -6.89
N LEU C 108 -22.01 28.34 -7.01
CA LEU C 108 -21.10 28.58 -5.90
C LEU C 108 -21.15 30.05 -5.51
N PHE C 109 -21.08 30.32 -4.21
CA PHE C 109 -20.94 31.70 -3.76
C PHE C 109 -19.59 32.24 -4.20
N LYS C 110 -19.59 33.46 -4.72
CA LYS C 110 -18.37 34.17 -5.13
C LYS C 110 -18.02 35.14 -4.02
N GLU C 111 -17.08 34.75 -3.16
CA GLU C 111 -16.74 35.54 -1.99
C GLU C 111 -15.84 36.71 -2.35
N VAL C 112 -15.80 37.68 -1.44
CA VAL C 112 -14.87 38.80 -1.53
C VAL C 112 -13.52 38.31 -1.02
N GLU C 113 -12.56 38.15 -1.93
CA GLU C 113 -11.25 37.60 -1.59
C GLU C 113 -10.61 38.30 -0.39
N LEU C 116 -12.98 36.44 2.79
CA LEU C 116 -12.86 35.02 3.05
C LEU C 116 -11.68 34.36 2.37
N GLY C 117 -11.36 33.15 2.84
CA GLY C 117 -10.27 32.38 2.31
C GLY C 117 -10.77 31.04 1.82
N ILE C 118 -12.01 31.01 1.33
CA ILE C 118 -12.57 29.76 0.82
C ILE C 118 -12.14 29.48 -0.61
N ASN C 119 -11.65 30.48 -1.32
CA ASN C 119 -11.07 30.31 -2.65
C ASN C 119 -12.06 29.59 -3.58
N SER C 120 -13.16 30.30 -3.86
CA SER C 120 -14.15 29.75 -4.78
C SER C 120 -13.59 29.62 -6.18
N GLY C 121 -12.54 30.39 -6.50
CA GLY C 121 -11.89 30.23 -7.79
C GLY C 121 -11.28 28.85 -7.94
N TYR C 122 -10.61 28.36 -6.88
CA TYR C 122 -10.06 27.01 -6.94
C TYR C 122 -11.18 25.98 -7.02
N SER C 123 -12.23 26.13 -6.19
CA SER C 123 -13.34 25.20 -6.25
C SER C 123 -13.94 25.18 -7.66
N LYS C 124 -14.12 26.38 -8.25
CA LYS C 124 -14.73 26.46 -9.57
C LYS C 124 -13.83 25.83 -10.62
N ARG C 125 -12.56 26.26 -10.67
CA ARG C 125 -11.62 25.73 -11.65
C ARG C 125 -11.42 24.23 -11.50
N ALA C 126 -11.39 23.72 -10.27
CA ALA C 126 -11.19 22.29 -10.07
C ALA C 126 -12.38 21.48 -10.59
N LEU C 127 -13.60 21.93 -10.30
CA LEU C 127 -14.79 21.18 -10.71
C LEU C 127 -14.96 21.18 -12.22
N MET C 128 -14.72 22.32 -12.88
CA MET C 128 -14.92 22.39 -14.31
C MET C 128 -13.79 21.75 -15.11
N LEU C 129 -12.63 21.53 -14.50
CA LEU C 129 -11.57 20.80 -15.16
C LEU C 129 -11.89 19.32 -15.30
N LEU C 130 -12.80 18.80 -14.47
CA LEU C 130 -13.06 17.36 -14.45
C LEU C 130 -13.65 16.87 -15.76
N HIS C 131 -14.72 17.51 -16.24
CA HIS C 131 -15.42 17.07 -17.44
C HIS C 131 -16.33 18.17 -17.93
N PRO C 132 -16.52 18.29 -19.25
CA PRO C 132 -17.43 19.33 -19.77
C PRO C 132 -18.87 19.19 -19.31
N ASN C 133 -19.29 18.01 -18.84
CA ASN C 133 -20.66 17.85 -18.37
C ASN C 133 -20.87 18.46 -16.99
N ILE C 134 -19.83 19.00 -16.37
CA ILE C 134 -19.93 19.67 -15.08
C ILE C 134 -19.85 21.16 -15.35
N LYS C 135 -20.86 21.90 -14.94
CA LYS C 135 -20.91 23.34 -15.20
C LYS C 135 -21.06 24.07 -13.87
N VAL C 136 -20.24 25.10 -13.67
CA VAL C 136 -20.22 25.87 -12.44
C VAL C 136 -20.41 27.35 -12.79
N MET C 137 -21.31 28.02 -12.07
CA MET C 137 -21.41 29.47 -12.09
C MET C 137 -21.17 30.01 -10.69
N ARG C 138 -20.55 31.18 -10.63
CA ARG C 138 -20.33 31.88 -9.38
C ARG C 138 -21.15 33.15 -9.35
N HIS C 139 -21.56 33.54 -8.15
CA HIS C 139 -22.38 34.74 -7.98
C HIS C 139 -22.24 35.18 -6.54
N PRO C 140 -22.23 36.49 -6.26
CA PRO C 140 -22.35 37.52 -7.29
C PRO C 140 -21.01 38.03 -7.82
N ASP C 141 -21.08 38.77 -8.92
CA ASP C 141 -19.96 39.48 -9.48
C ASP C 141 -19.85 40.87 -8.86
N GLN C 142 -21.00 41.48 -8.59
CA GLN C 142 -21.09 42.82 -8.03
C GLN C 142 -20.67 42.81 -6.57
N VAL C 143 -20.15 43.95 -6.10
CA VAL C 143 -19.80 44.11 -4.70
C VAL C 143 -21.05 44.17 -3.83
N THR C 144 -21.08 43.36 -2.78
CA THR C 144 -22.21 43.35 -1.86
C THR C 144 -21.76 42.77 -0.54
N LEU C 145 -22.50 43.09 0.53
CA LEU C 145 -22.27 42.49 1.83
C LEU C 145 -22.84 41.09 1.96
N TRP C 146 -23.79 40.72 1.11
CA TRP C 146 -24.59 39.53 1.33
C TRP C 146 -24.09 38.37 0.48
N ALA C 147 -24.53 37.17 0.82
CA ALA C 147 -24.01 35.93 0.27
C ALA C 147 -25.16 35.00 -0.10
N HIS C 148 -24.86 34.06 -1.01
CA HIS C 148 -25.73 32.92 -1.23
C HIS C 148 -25.41 31.83 -0.22
N HIS C 149 -26.36 31.56 0.67
CA HIS C 149 -26.15 30.71 1.84
C HIS C 149 -26.79 29.34 1.75
N GLU C 150 -27.72 29.13 0.82
CA GLU C 150 -28.48 27.90 0.84
C GLU C 150 -27.59 26.73 0.43
N LYS C 151 -27.86 25.57 1.03
CA LYS C 151 -27.17 24.34 0.72
C LYS C 151 -28.19 23.38 0.13
N LEU C 152 -27.98 22.98 -1.11
CA LEU C 152 -28.95 22.15 -1.80
C LEU C 152 -28.23 21.18 -2.73
N LEU C 153 -28.76 19.97 -2.82
CA LEU C 153 -28.36 19.02 -3.85
C LEU C 153 -29.60 18.28 -4.30
N VAL C 154 -29.90 18.35 -5.60
CA VAL C 154 -31.07 17.71 -6.17
C VAL C 154 -30.60 16.74 -7.26
N VAL C 155 -31.12 15.52 -7.22
CA VAL C 155 -30.82 14.51 -8.23
C VAL C 155 -32.06 14.29 -9.08
N ASP C 156 -31.91 14.48 -10.39
CA ASP C 156 -32.96 14.20 -11.38
C ASP C 156 -34.29 14.87 -11.04
N GLN C 157 -34.23 15.99 -10.32
CA GLN C 157 -35.43 16.75 -9.92
C GLN C 157 -36.45 15.89 -9.17
N VAL C 158 -36.01 14.82 -8.51
CA VAL C 158 -36.95 13.92 -7.82
C VAL C 158 -36.45 13.63 -6.41
N VAL C 159 -35.19 13.92 -6.14
CA VAL C 159 -34.58 13.72 -4.82
C VAL C 159 -33.79 14.98 -4.49
N ALA C 160 -34.08 15.59 -3.34
CA ALA C 160 -33.51 16.88 -3.01
C ALA C 160 -33.02 16.88 -1.57
N PHE C 161 -31.78 17.29 -1.37
CA PHE C 161 -31.18 17.42 -0.05
C PHE C 161 -31.02 18.90 0.28
N LEU C 162 -31.41 19.29 1.49
CA LEU C 162 -31.16 20.64 1.94
C LEU C 162 -30.94 20.61 3.45
N GLY C 163 -30.62 21.78 4.00
CA GLY C 163 -30.38 21.90 5.42
C GLY C 163 -29.22 22.84 5.71
N GLY C 164 -28.50 22.58 6.78
CA GLY C 164 -27.40 23.41 7.21
C GLY C 164 -26.04 22.96 6.76
N LEU C 165 -25.94 21.84 6.06
CA LEU C 165 -24.67 21.19 5.73
C LEU C 165 -24.21 21.59 4.34
N ASP C 166 -23.07 22.28 4.27
CA ASP C 166 -22.37 22.43 2.99
C ASP C 166 -21.53 21.20 2.70
N LEU C 167 -21.30 20.95 1.40
CA LEU C 167 -20.35 19.94 0.96
C LEU C 167 -18.95 20.53 1.07
N ALA C 168 -18.47 20.62 2.31
CA ALA C 168 -17.27 21.40 2.59
C ALA C 168 -16.45 20.75 3.69
N TYR C 169 -15.21 21.22 3.81
CA TYR C 169 -14.29 20.73 4.82
C TYR C 169 -14.81 21.04 6.22
N GLY C 170 -14.51 20.15 7.17
CA GLY C 170 -14.91 20.33 8.54
C GLY C 170 -16.33 19.93 8.89
N ARG C 171 -17.13 19.52 7.92
CA ARG C 171 -18.55 19.29 8.16
C ARG C 171 -18.85 17.85 8.59
N TRP C 172 -18.07 16.88 8.12
CA TRP C 172 -18.35 15.49 8.46
C TRP C 172 -18.14 15.28 9.96
N ASP C 173 -19.14 14.69 10.62
CA ASP C 173 -19.01 14.27 12.01
C ASP C 173 -20.08 13.23 12.28
N ASP C 174 -20.01 12.64 13.49
CA ASP C 174 -20.98 11.65 13.91
C ASP C 174 -21.25 11.83 15.40
N LEU C 175 -22.08 10.94 15.95
CA LEU C 175 -22.47 11.06 17.36
C LEU C 175 -21.26 11.04 18.30
N HIS C 176 -20.14 10.47 17.87
CA HIS C 176 -18.98 10.40 18.74
C HIS C 176 -18.31 11.76 18.94
N TYR C 177 -18.52 12.69 18.00
CA TYR C 177 -17.92 14.02 18.05
C TYR C 177 -16.46 13.96 18.46
N ARG C 178 -15.70 13.18 17.70
CA ARG C 178 -14.31 12.88 18.05
C ARG C 178 -13.50 14.17 18.06
N LEU C 179 -12.77 14.38 19.15
CA LEU C 179 -11.85 15.50 19.26
C LEU C 179 -10.50 15.26 18.62
N THR C 180 -10.11 14.00 18.41
CA THR C 180 -8.80 13.70 17.86
C THR C 180 -8.94 12.81 16.63
N ASP C 181 -7.85 12.74 15.88
CA ASP C 181 -7.76 12.01 14.63
C ASP C 181 -6.29 11.69 14.41
N LEU C 182 -5.77 10.76 15.22
CA LEU C 182 -4.36 10.41 15.19
C LEU C 182 -4.09 9.07 14.54
N GLY C 183 -5.13 8.30 14.22
CA GLY C 183 -4.95 7.01 13.61
C GLY C 183 -4.58 5.98 14.66
N ASP C 205 -1.51 6.81 -1.26
CA ASP C 205 -2.34 5.62 -1.23
C ASP C 205 -3.05 5.51 0.13
N LEU C 206 -4.38 5.38 0.10
CA LEU C 206 -5.19 5.41 1.30
C LEU C 206 -5.72 4.03 1.73
N SER C 207 -5.21 2.94 1.15
CA SER C 207 -5.79 1.63 1.43
C SER C 207 -5.76 1.31 2.92
N HIS C 208 -4.74 1.81 3.63
CA HIS C 208 -4.54 1.63 5.06
C HIS C 208 -4.79 2.93 5.84
N ASN C 209 -5.58 3.84 5.29
CA ASN C 209 -5.85 5.13 5.91
C ASN C 209 -6.75 4.95 7.12
N GLN C 210 -6.40 5.64 8.21
CA GLN C 210 -7.22 5.64 9.40
C GLN C 210 -7.74 7.01 9.80
N PHE C 211 -7.36 8.08 9.12
CA PHE C 211 -7.88 9.39 9.49
C PHE C 211 -9.32 9.56 9.00
N PHE C 212 -10.18 10.10 9.87
CA PHE C 212 -11.53 10.41 9.44
C PHE C 212 -11.59 11.76 8.73
N TRP C 213 -10.67 12.65 9.07
CA TRP C 213 -10.59 14.01 8.51
C TRP C 213 -9.19 14.16 7.93
N LEU C 214 -9.06 13.98 6.62
CA LEU C 214 -7.78 14.11 5.95
C LEU C 214 -7.45 15.58 5.70
N GLY C 215 -6.19 15.93 5.92
CA GLY C 215 -5.71 17.25 5.53
C GLY C 215 -6.57 18.38 6.08
N LYS C 216 -7.01 19.26 5.18
CA LYS C 216 -7.77 20.45 5.55
C LYS C 216 -9.08 20.14 6.25
N ASP C 217 -9.53 18.89 6.27
CA ASP C 217 -10.77 18.56 6.96
C ASP C 217 -10.60 18.60 8.47
N TYR C 218 -9.38 18.35 8.96
CA TYR C 218 -9.08 18.42 10.39
C TYR C 218 -8.82 19.88 10.75
N SER C 219 -9.71 20.47 11.54
CA SER C 219 -9.63 21.90 11.78
C SER C 219 -10.31 22.25 13.09
N ASN C 220 -9.92 23.40 13.63
CA ASN C 220 -10.56 24.03 14.79
C ASN C 220 -10.83 25.45 14.36
N LEU C 221 -12.07 25.71 13.93
CA LEU C 221 -12.43 26.97 13.30
C LEU C 221 -12.07 28.18 14.16
N ILE C 222 -12.16 28.05 15.48
CA ILE C 222 -11.77 29.15 16.35
C ILE C 222 -10.26 29.32 16.36
N THR C 223 -9.51 28.23 16.20
CA THR C 223 -8.06 28.31 16.28
C THR C 223 -7.48 29.01 15.04
N LYS C 224 -7.81 28.53 13.85
CA LYS C 224 -7.22 29.10 12.65
C LYS C 224 -8.14 28.86 11.45
N ASP C 225 -8.32 29.91 10.65
CA ASP C 225 -9.08 29.79 9.42
C ASP C 225 -8.33 29.00 8.35
N TRP C 226 -9.08 28.44 7.40
CA TRP C 226 -8.50 27.58 6.38
C TRP C 226 -7.51 28.35 5.50
N VAL C 227 -6.40 27.68 5.19
CA VAL C 227 -5.38 28.20 4.28
C VAL C 227 -5.01 27.11 3.28
N GLN C 228 -4.43 27.55 2.16
CA GLN C 228 -3.83 26.67 1.16
C GLN C 228 -4.77 25.54 0.73
N LEU C 229 -5.92 25.92 0.16
CA LEU C 229 -6.88 24.92 -0.23
C LEU C 229 -6.46 24.19 -1.51
N ASP C 230 -5.49 24.74 -2.26
CA ASP C 230 -4.93 24.01 -3.39
C ASP C 230 -3.96 22.92 -2.95
N ARG C 231 -3.65 22.82 -1.66
CA ARG C 231 -2.96 21.68 -1.07
C ARG C 231 -3.95 20.97 -0.16
N PRO C 232 -4.87 20.17 -0.72
CA PRO C 232 -5.99 19.64 0.09
C PRO C 232 -5.59 18.60 1.12
N PHE C 233 -4.51 17.86 0.89
CA PHE C 233 -4.10 16.76 1.76
C PHE C 233 -3.02 17.16 2.75
N GLU C 234 -2.82 18.46 2.94
CA GLU C 234 -1.84 18.97 3.90
C GLU C 234 -2.54 19.46 5.17
N ASP C 235 -2.01 19.05 6.32
CA ASP C 235 -2.53 19.57 7.58
C ASP C 235 -2.16 21.04 7.70
N PHE C 236 -3.04 21.82 8.30
CA PHE C 236 -2.72 23.21 8.61
C PHE C 236 -2.83 23.57 10.09
N ILE C 237 -3.18 22.62 10.95
CA ILE C 237 -3.02 22.76 12.39
C ILE C 237 -2.35 21.51 12.93
N ASP C 238 -1.76 21.63 14.11
CA ASP C 238 -0.96 20.55 14.68
C ASP C 238 -1.92 19.51 15.24
N ARG C 239 -1.93 18.34 14.59
CA ARG C 239 -2.85 17.26 14.92
C ARG C 239 -2.60 16.72 16.32
N GLU C 240 -1.36 16.81 16.81
CA GLU C 240 -0.98 16.22 18.09
C GLU C 240 -1.21 17.15 19.27
N THR C 241 -1.42 18.45 19.05
CA THR C 241 -1.61 19.40 20.12
C THR C 241 -2.92 20.16 20.10
N THR C 242 -3.59 20.25 18.95
CA THR C 242 -4.82 21.05 18.83
C THR C 242 -5.99 20.14 18.52
N PRO C 243 -6.99 20.07 19.39
CA PRO C 243 -8.15 19.21 19.12
C PRO C 243 -9.03 19.75 17.99
N ARG C 244 -9.74 18.82 17.37
CA ARG C 244 -10.81 19.17 16.43
C ARG C 244 -11.88 20.00 17.12
N MET C 245 -12.58 20.81 16.33
CA MET C 245 -13.84 21.38 16.76
C MET C 245 -14.96 20.53 16.17
N PRO C 246 -15.73 19.82 16.98
CA PRO C 246 -16.81 19.01 16.43
C PRO C 246 -17.91 19.86 15.80
N TRP C 247 -18.52 19.30 14.76
CA TRP C 247 -19.49 20.02 13.94
C TRP C 247 -20.82 19.30 14.05
N ARG C 248 -21.82 20.00 14.56
CA ARG C 248 -23.18 19.46 14.67
C ARG C 248 -24.07 20.20 13.70
N ASP C 249 -24.89 19.46 12.97
CA ASP C 249 -25.74 20.05 11.94
C ASP C 249 -26.94 19.16 11.73
N VAL C 250 -27.94 19.70 11.05
CA VAL C 250 -29.15 18.96 10.71
C VAL C 250 -29.41 19.16 9.23
N GLY C 251 -29.73 18.07 8.53
CA GLY C 251 -30.14 18.13 7.14
C GLY C 251 -31.42 17.35 6.94
N VAL C 252 -31.86 17.31 5.68
CA VAL C 252 -33.06 16.59 5.33
C VAL C 252 -33.02 16.26 3.85
N VAL C 253 -33.60 15.13 3.49
CA VAL C 253 -33.88 14.76 2.11
C VAL C 253 -35.38 14.67 1.93
N VAL C 254 -35.87 15.19 0.82
CA VAL C 254 -37.27 15.08 0.44
C VAL C 254 -37.34 14.44 -0.93
N HIS C 255 -38.45 13.77 -1.19
CA HIS C 255 -38.70 13.11 -2.46
C HIS C 255 -39.93 13.72 -3.10
N GLY C 256 -40.06 13.52 -4.41
CA GLY C 256 -41.29 13.88 -5.09
C GLY C 256 -41.45 15.36 -5.36
N LEU C 257 -42.67 15.86 -5.14
CA LEU C 257 -43.01 17.23 -5.53
C LEU C 257 -42.16 18.32 -4.89
N PRO C 258 -41.82 18.29 -3.59
CA PRO C 258 -40.94 19.34 -3.06
C PRO C 258 -39.56 19.35 -3.68
N ALA C 259 -39.07 18.20 -4.15
CA ALA C 259 -37.82 18.19 -4.89
C ALA C 259 -37.96 18.88 -6.24
N ARG C 260 -39.11 18.70 -6.90
CA ARG C 260 -39.41 19.49 -8.08
C ARG C 260 -39.40 20.98 -7.76
N ASP C 261 -40.02 21.36 -6.64
CA ASP C 261 -40.06 22.76 -6.23
C ASP C 261 -38.65 23.29 -5.97
N LEU C 262 -37.82 22.50 -5.28
CA LEU C 262 -36.43 22.91 -5.02
C LEU C 262 -35.64 22.97 -6.31
N ALA C 263 -35.89 22.05 -7.25
CA ALA C 263 -35.26 22.12 -8.56
C ALA C 263 -35.66 23.41 -9.26
N ARG C 264 -36.91 23.84 -9.06
CA ARG C 264 -37.40 25.06 -9.70
C ARG C 264 -36.66 26.27 -9.15
N HIS C 265 -36.34 26.26 -7.86
CA HIS C 265 -35.53 27.33 -7.29
C HIS C 265 -34.14 27.37 -7.92
N PHE C 266 -33.48 26.20 -8.01
CA PHE C 266 -32.17 26.15 -8.65
C PHE C 266 -32.24 26.64 -10.09
N ILE C 267 -33.23 26.16 -10.85
CA ILE C 267 -33.36 26.54 -12.24
C ILE C 267 -33.58 28.04 -12.38
N GLN C 268 -34.42 28.62 -11.52
CA GLN C 268 -34.66 30.05 -11.55
C GLN C 268 -33.37 30.81 -11.25
N ARG C 269 -32.66 30.38 -10.19
CA ARG C 269 -31.38 30.99 -9.84
C ARG C 269 -30.35 30.81 -10.95
N TRP C 270 -30.31 29.61 -11.55
CA TRP C 270 -29.34 29.34 -12.61
C TRP C 270 -29.56 30.26 -13.81
N ASN C 271 -30.80 30.29 -14.32
CA ASN C 271 -31.10 31.08 -15.50
C ASN C 271 -31.02 32.58 -15.24
N PHE C 272 -31.35 33.01 -14.01
CA PHE C 272 -31.15 34.40 -13.64
C PHE C 272 -29.68 34.78 -13.66
N THR C 273 -28.81 33.93 -13.11
CA THR C 273 -27.39 34.23 -13.10
C THR C 273 -26.83 34.35 -14.52
N LYS C 274 -27.34 33.56 -15.46
CA LYS C 274 -26.89 33.65 -16.84
C LYS C 274 -27.00 35.07 -17.40
N THR C 275 -28.09 35.78 -17.08
CA THR C 275 -28.24 37.13 -17.62
C THR C 275 -27.40 38.16 -16.90
N THR C 276 -26.64 37.78 -15.88
CA THR C 276 -25.95 38.75 -15.06
C THR C 276 -24.54 39.10 -15.55
N LYS C 277 -23.97 38.32 -16.47
CA LYS C 277 -22.70 38.69 -17.06
C LYS C 277 -22.44 37.92 -18.35
N ALA C 278 -21.58 38.51 -19.18
CA ALA C 278 -21.38 38.08 -20.56
C ALA C 278 -20.94 36.62 -20.68
N LYS C 279 -19.95 36.20 -19.87
CA LYS C 279 -19.45 34.83 -19.95
C LYS C 279 -20.56 33.80 -19.81
N TYR C 280 -21.55 34.08 -18.96
CA TYR C 280 -22.61 33.13 -18.69
C TYR C 280 -23.73 33.17 -19.72
N LYS C 281 -23.80 34.23 -20.53
CA LYS C 281 -24.85 34.33 -21.54
C LYS C 281 -24.63 33.38 -22.71
N THR C 282 -23.42 32.84 -22.87
CA THR C 282 -23.12 32.01 -24.01
C THR C 282 -23.80 30.65 -23.86
N PRO C 283 -24.02 29.92 -24.95
CA PRO C 283 -24.73 28.64 -24.86
C PRO C 283 -24.00 27.56 -24.08
N THR C 284 -22.71 27.74 -23.75
CA THR C 284 -22.02 26.74 -22.94
C THR C 284 -22.60 26.63 -21.54
N TYR C 285 -23.34 27.64 -21.06
CA TYR C 285 -24.16 27.50 -19.86
C TYR C 285 -25.62 27.42 -20.26
N PRO C 286 -26.15 26.21 -20.45
CA PRO C 286 -27.51 26.04 -20.97
C PRO C 286 -28.59 26.57 -20.05
N TYR C 287 -29.68 27.06 -20.65
CA TYR C 287 -30.90 27.25 -19.88
C TYR C 287 -31.32 25.91 -19.30
N LEU C 288 -31.80 25.92 -18.07
CA LEU C 288 -32.36 24.72 -17.45
C LEU C 288 -33.89 24.76 -17.47
N LEU C 289 -34.48 23.57 -17.50
CA LEU C 289 -35.92 23.44 -17.65
C LEU C 289 -36.45 22.42 -16.66
N PRO C 290 -37.58 22.71 -16.02
CA PRO C 290 -38.10 21.81 -14.98
C PRO C 290 -38.86 20.61 -15.52
N LYS C 291 -38.63 19.45 -14.89
CA LYS C 291 -39.50 18.30 -15.09
C LYS C 291 -40.91 18.59 -14.57
N SER C 292 -41.91 18.12 -15.30
CA SER C 292 -43.29 18.44 -14.99
C SER C 292 -44.16 17.27 -14.53
N THR C 293 -43.92 16.05 -14.99
CA THR C 293 -44.84 14.94 -14.74
C THR C 293 -44.22 13.81 -13.94
N SER C 294 -45.09 13.09 -13.22
CA SER C 294 -44.79 11.85 -12.52
C SER C 294 -43.69 12.05 -11.47
N THR C 295 -44.08 12.73 -10.40
CA THR C 295 -43.19 12.95 -9.26
C THR C 295 -43.64 12.11 -8.07
N LEU C 303 -33.77 6.33 -3.34
CA LEU C 303 -34.62 6.57 -2.18
C LEU C 303 -34.07 5.91 -0.93
N PRO C 304 -33.77 6.71 0.08
CA PRO C 304 -33.42 6.16 1.40
C PRO C 304 -34.66 5.80 2.19
N GLY C 305 -34.52 5.60 3.50
CA GLY C 305 -35.68 5.29 4.32
C GLY C 305 -36.28 6.45 5.07
N GLY C 306 -37.28 7.10 4.46
CA GLY C 306 -37.89 8.30 4.98
C GLY C 306 -39.24 8.06 5.59
N GLN C 307 -39.84 9.15 6.06
CA GLN C 307 -41.14 9.14 6.71
C GLN C 307 -42.12 9.97 5.91
N CYS C 308 -43.35 9.48 5.78
CA CYS C 308 -44.40 10.21 5.08
C CYS C 308 -44.84 11.40 5.92
N THR C 309 -44.80 12.59 5.31
CA THR C 309 -45.07 13.86 5.98
C THR C 309 -45.67 14.83 4.97
N THR C 310 -46.10 15.98 5.47
CA THR C 310 -46.44 17.11 4.62
C THR C 310 -45.28 18.10 4.65
N VAL C 311 -44.77 18.42 3.45
CA VAL C 311 -43.57 19.23 3.29
C VAL C 311 -43.95 20.44 2.44
N GLN C 312 -43.54 21.63 2.89
CA GLN C 312 -43.67 22.85 2.10
C GLN C 312 -42.28 23.49 1.99
N VAL C 313 -41.88 23.80 0.76
CA VAL C 313 -40.60 24.45 0.55
C VAL C 313 -40.72 25.93 0.87
N LEU C 314 -39.65 26.50 1.41
CA LEU C 314 -39.60 27.92 1.74
C LEU C 314 -38.21 28.43 1.42
N ARG C 315 -38.10 29.75 1.25
CA ARG C 315 -36.81 30.32 0.87
C ARG C 315 -36.78 31.78 1.26
N SER C 316 -35.56 32.30 1.33
CA SER C 316 -35.28 33.74 1.38
C SER C 316 -34.50 34.06 0.13
N VAL C 317 -35.04 34.94 -0.71
CA VAL C 317 -34.37 35.40 -1.91
C VAL C 317 -34.74 36.86 -2.15
N ASP C 318 -33.92 37.53 -2.94
CA ASP C 318 -34.13 38.95 -3.24
C ASP C 318 -33.91 39.14 -4.74
N ARG C 319 -34.18 40.37 -5.20
CA ARG C 319 -33.88 40.76 -6.57
C ARG C 319 -32.42 40.45 -6.90
N TRP C 320 -31.49 40.86 -6.03
CA TRP C 320 -30.07 40.72 -6.33
C TRP C 320 -29.68 39.25 -6.46
N SER C 321 -30.34 38.38 -5.70
CA SER C 321 -29.96 36.97 -5.55
C SER C 321 -30.76 36.02 -6.44
N ALA C 322 -31.93 36.42 -6.90
CA ALA C 322 -32.81 35.59 -7.71
C ALA C 322 -33.70 36.52 -8.53
N GLY C 323 -34.73 35.97 -9.15
CA GLY C 323 -35.54 36.85 -9.96
C GLY C 323 -36.55 37.70 -9.22
N THR C 324 -36.64 37.54 -7.89
CA THR C 324 -37.87 37.86 -7.18
C THR C 324 -37.54 38.05 -5.72
N LEU C 325 -38.52 38.59 -4.98
CA LEU C 325 -38.37 38.84 -3.56
C LEU C 325 -39.14 37.78 -2.80
N GLU C 326 -38.54 37.23 -1.74
CA GLU C 326 -39.26 36.30 -0.88
C GLU C 326 -38.61 36.25 0.49
N ASN C 327 -39.43 36.15 1.52
CA ASN C 327 -38.97 35.89 2.88
C ASN C 327 -39.94 34.94 3.57
N SER C 328 -40.19 33.79 2.93
CA SER C 328 -41.16 32.83 3.45
C SER C 328 -40.60 31.97 4.57
N ILE C 329 -39.27 31.90 4.73
CA ILE C 329 -38.70 31.23 5.89
C ILE C 329 -39.09 31.96 7.17
N LEU C 330 -38.92 33.29 7.18
CA LEU C 330 -39.32 34.10 8.33
C LEU C 330 -40.79 33.92 8.67
N ASN C 331 -41.66 34.04 7.66
CA ASN C 331 -43.10 33.93 7.89
C ASN C 331 -43.49 32.58 8.48
N ALA C 332 -42.87 31.49 8.01
CA ALA C 332 -43.16 30.17 8.55
C ALA C 332 -42.66 30.01 9.98
N TYR C 333 -41.50 30.58 10.29
CA TYR C 333 -41.00 30.55 11.66
C TYR C 333 -41.99 31.22 12.63
N LEU C 334 -42.42 32.44 12.27
CA LEU C 334 -43.31 33.21 13.14
C LEU C 334 -44.64 32.49 13.38
N HIS C 335 -45.25 31.97 12.29
CA HIS C 335 -46.56 31.35 12.43
C HIS C 335 -46.50 30.09 13.27
N THR C 336 -45.42 29.32 13.13
CA THR C 336 -45.28 28.08 13.90
C THR C 336 -45.14 28.38 15.38
N ILE C 337 -44.36 29.41 15.72
CA ILE C 337 -44.26 29.85 17.12
C ILE C 337 -45.61 30.33 17.63
N ARG C 338 -46.29 31.18 16.84
CA ARG C 338 -47.57 31.72 17.27
C ARG C 338 -48.56 30.62 17.61
N GLU C 339 -48.57 29.55 16.82
CA GLU C 339 -49.57 28.49 16.94
C GLU C 339 -49.08 27.32 17.79
N SER C 340 -47.87 27.37 18.32
CA SER C 340 -47.37 26.27 19.15
C SER C 340 -48.13 26.20 20.46
N GLN C 341 -48.29 24.99 20.99
CA GLN C 341 -49.12 24.77 22.16
C GLN C 341 -48.39 24.18 23.36
N HIS C 342 -47.19 23.62 23.19
CA HIS C 342 -46.59 22.88 24.29
C HIS C 342 -45.11 23.18 24.46
N PHE C 343 -44.36 23.23 23.36
CA PHE C 343 -42.93 23.51 23.48
C PHE C 343 -42.35 23.84 22.11
N LEU C 344 -41.21 24.52 22.16
CA LEU C 344 -40.35 24.74 21.00
C LEU C 344 -38.96 24.23 21.33
N TYR C 345 -38.33 23.57 20.37
CA TYR C 345 -36.93 23.18 20.46
C TYR C 345 -36.22 23.88 19.32
N ILE C 346 -35.31 24.79 19.66
CA ILE C 346 -34.57 25.57 18.67
C ILE C 346 -33.09 25.25 18.80
N GLU C 347 -32.51 24.78 17.70
CA GLU C 347 -31.08 24.51 17.61
C GLU C 347 -30.59 25.33 16.42
N ASN C 348 -29.83 26.38 16.68
CA ASN C 348 -29.44 27.29 15.62
C ASN C 348 -28.08 27.89 15.93
N GLN C 349 -27.32 28.17 14.86
CA GLN C 349 -25.99 28.75 15.01
C GLN C 349 -26.04 30.15 15.59
N PHE C 350 -27.08 30.92 15.27
CA PHE C 350 -27.19 32.30 15.73
C PHE C 350 -28.57 32.54 16.32
N PHE C 351 -28.68 33.59 17.13
CA PHE C 351 -29.93 33.96 17.78
C PHE C 351 -29.94 35.48 17.99
N ILE C 352 -30.15 36.22 16.91
CA ILE C 352 -30.12 37.68 16.89
C ILE C 352 -31.48 38.15 16.42
N SER C 353 -32.22 38.81 17.30
CA SER C 353 -33.62 39.15 17.07
C SER C 353 -34.04 40.18 18.10
N CYS C 354 -35.35 40.37 18.28
CA CYS C 354 -35.95 41.39 19.13
C CYS C 354 -35.80 42.77 18.50
N SER C 355 -36.77 43.12 17.66
CA SER C 355 -36.66 44.30 16.80
C SER C 355 -36.68 45.58 17.61
N ASP C 356 -35.87 46.54 17.19
CA ASP C 356 -35.96 47.93 17.64
C ASP C 356 -36.31 48.89 16.51
N GLY C 357 -36.67 48.38 15.33
CA GLY C 357 -36.98 49.20 14.18
C GLY C 357 -35.80 49.77 13.42
N ARG C 358 -34.58 49.65 13.94
CA ARG C 358 -33.45 50.29 13.28
C ARG C 358 -32.31 49.32 12.98
N THR C 359 -31.64 48.84 14.02
CA THR C 359 -30.46 47.99 13.84
C THR C 359 -30.84 46.53 13.63
N VAL C 360 -31.76 46.01 14.43
CA VAL C 360 -32.23 44.63 14.31
C VAL C 360 -33.73 44.68 14.06
N LEU C 361 -34.20 43.91 13.07
CA LEU C 361 -35.56 44.07 12.58
C LEU C 361 -36.46 42.85 12.74
N ASN C 362 -35.95 41.63 12.62
CA ASN C 362 -36.83 40.48 12.71
C ASN C 362 -37.42 40.31 14.10
N LYS C 363 -38.60 39.67 14.15
CA LYS C 363 -39.44 39.61 15.35
C LYS C 363 -39.57 38.20 15.89
N VAL C 364 -38.63 37.31 15.58
CA VAL C 364 -38.71 35.93 16.05
C VAL C 364 -38.66 35.88 17.57
N GLY C 365 -37.72 36.60 18.17
CA GLY C 365 -37.67 36.67 19.62
C GLY C 365 -38.95 37.24 20.21
N ASP C 366 -39.50 38.29 19.58
CA ASP C 366 -40.74 38.88 20.07
C ASP C 366 -41.89 37.90 20.04
N GLU C 367 -41.95 37.04 19.02
CA GLU C 367 -43.00 36.02 18.98
C GLU C 367 -42.79 34.98 20.06
N ILE C 368 -41.54 34.58 20.29
CA ILE C 368 -41.23 33.64 21.37
C ILE C 368 -41.65 34.25 22.70
N VAL C 369 -41.26 35.51 22.93
CA VAL C 369 -41.63 36.20 24.16
C VAL C 369 -43.14 36.25 24.32
N ASP C 370 -43.85 36.64 23.26
CA ASP C 370 -45.30 36.75 23.32
C ASP C 370 -45.94 35.40 23.62
N ARG C 371 -45.40 34.32 23.03
CA ARG C 371 -45.95 32.99 23.27
C ARG C 371 -45.78 32.59 24.73
N ILE C 372 -44.60 32.83 25.29
CA ILE C 372 -44.35 32.52 26.70
C ILE C 372 -45.27 33.35 27.60
N LEU C 373 -45.44 34.63 27.28
CA LEU C 373 -46.30 35.49 28.09
C LEU C 373 -47.75 35.01 28.07
N LYS C 374 -48.21 34.45 26.95
CA LYS C 374 -49.57 33.94 26.92
C LYS C 374 -49.70 32.67 27.76
N ALA C 375 -48.74 31.75 27.63
CA ALA C 375 -48.76 30.53 28.44
C ALA C 375 -48.76 30.84 29.93
N HIS C 376 -47.97 31.84 30.34
CA HIS C 376 -47.93 32.22 31.76
C HIS C 376 -49.24 32.82 32.22
N LYS C 377 -49.91 33.61 31.37
CA LYS C 377 -51.17 34.23 31.78
C LYS C 377 -52.28 33.19 31.90
N GLN C 378 -52.29 32.19 31.01
CA GLN C 378 -53.32 31.16 31.04
C GLN C 378 -52.94 29.97 31.91
N GLY C 379 -51.73 29.95 32.46
CA GLY C 379 -51.29 28.86 33.31
C GLY C 379 -50.84 27.61 32.60
N TRP C 380 -50.36 27.72 31.37
CA TRP C 380 -49.92 26.55 30.63
C TRP C 380 -48.51 26.14 31.03
N CYS C 381 -48.25 24.84 30.96
CA CYS C 381 -46.89 24.33 30.99
C CYS C 381 -46.31 24.46 29.59
N TYR C 382 -45.27 25.29 29.44
CA TYR C 382 -44.71 25.61 28.14
C TYR C 382 -43.21 25.80 28.28
N ARG C 383 -42.43 25.17 27.41
CA ARG C 383 -40.98 25.21 27.47
C ARG C 383 -40.41 25.59 26.12
N VAL C 384 -39.35 26.40 26.14
CA VAL C 384 -38.59 26.78 24.95
C VAL C 384 -37.15 26.34 25.16
N TYR C 385 -36.67 25.44 24.30
CA TYR C 385 -35.29 24.98 24.34
C TYR C 385 -34.50 25.66 23.23
N VAL C 386 -33.42 26.33 23.60
CA VAL C 386 -32.55 27.04 22.66
C VAL C 386 -31.15 26.46 22.79
N LEU C 387 -30.62 25.96 21.67
CA LEU C 387 -29.28 25.37 21.63
C LEU C 387 -28.41 26.23 20.72
N LEU C 388 -27.36 26.83 21.29
CA LEU C 388 -26.51 27.73 20.53
C LEU C 388 -25.05 27.32 20.69
N PRO C 389 -24.20 27.64 19.73
CA PRO C 389 -22.76 27.44 19.93
C PRO C 389 -22.27 28.36 21.05
N LEU C 390 -21.41 27.82 21.91
CA LEU C 390 -20.95 28.59 23.06
C LEU C 390 -20.12 29.80 22.64
N LEU C 391 -19.51 29.75 21.47
CA LEU C 391 -18.71 30.82 20.89
C LEU C 391 -18.96 30.83 19.39
N PRO C 392 -18.97 31.99 18.76
CA PRO C 392 -19.20 32.03 17.31
C PRO C 392 -18.04 31.39 16.55
N GLY C 393 -18.35 30.90 15.37
CA GLY C 393 -17.39 30.16 14.57
C GLY C 393 -16.50 31.09 13.78
N PHE C 394 -15.72 31.92 14.46
CA PHE C 394 -14.73 32.74 13.80
C PHE C 394 -13.40 32.64 14.53
N GLU C 395 -12.33 32.91 13.81
CA GLU C 395 -10.99 32.83 14.38
C GLU C 395 -10.77 33.98 15.35
N GLY C 396 -10.67 33.65 16.64
CA GLY C 396 -10.45 34.65 17.66
C GLY C 396 -9.97 34.02 18.95
N ASP C 397 -8.90 34.55 19.54
CA ASP C 397 -8.40 34.00 20.79
C ASP C 397 -9.34 34.42 21.90
N ILE C 398 -10.24 33.52 22.29
CA ILE C 398 -11.22 33.83 23.34
C ILE C 398 -10.55 34.09 24.69
N SER C 399 -9.33 33.58 24.90
CA SER C 399 -8.63 33.88 26.14
C SER C 399 -8.16 35.33 26.21
N THR C 400 -7.98 35.99 25.07
CA THR C 400 -7.72 37.43 25.04
C THR C 400 -8.99 38.26 25.04
N GLY C 401 -10.15 37.66 24.79
CA GLY C 401 -11.40 38.38 24.67
C GLY C 401 -12.11 38.19 23.34
N GLY C 402 -11.54 37.46 22.40
CA GLY C 402 -12.08 37.35 21.06
C GLY C 402 -11.77 38.50 20.12
N GLY C 403 -11.71 38.18 18.83
CA GLY C 403 -11.65 39.15 17.75
C GLY C 403 -12.81 40.12 17.71
N ASN C 404 -12.75 41.09 16.79
CA ASN C 404 -13.83 42.05 16.65
C ASN C 404 -15.07 41.39 16.03
N SER C 405 -14.88 40.39 15.17
CA SER C 405 -15.99 39.61 14.65
C SER C 405 -16.71 38.88 15.77
N ILE C 406 -15.96 38.19 16.63
CA ILE C 406 -16.55 37.50 17.77
C ILE C 406 -17.29 38.47 18.68
N GLN C 407 -16.72 39.66 18.92
CA GLN C 407 -17.35 40.61 19.84
C GLN C 407 -18.64 41.18 19.28
N ALA C 408 -18.67 41.49 17.98
CA ALA C 408 -19.91 41.95 17.36
C ALA C 408 -21.03 40.91 17.45
N ILE C 409 -20.73 39.65 17.14
CA ILE C 409 -21.75 38.61 17.25
C ILE C 409 -22.19 38.42 18.70
N LEU C 410 -21.24 38.38 19.63
CA LEU C 410 -21.60 38.25 21.05
C LEU C 410 -22.47 39.40 21.53
N HIS C 411 -22.16 40.63 21.11
CA HIS C 411 -22.97 41.78 21.48
C HIS C 411 -24.43 41.58 21.09
N PHE C 412 -24.68 41.24 19.81
CA PHE C 412 -26.05 41.13 19.34
C PHE C 412 -26.72 39.88 19.86
N THR C 413 -25.95 38.83 20.13
CA THR C 413 -26.51 37.65 20.77
C THR C 413 -26.98 37.98 22.18
N TYR C 414 -26.13 38.65 22.95
CA TYR C 414 -26.49 38.99 24.32
C TYR C 414 -27.55 40.08 24.37
N ARG C 415 -27.56 40.98 23.38
CA ARG C 415 -28.64 41.95 23.28
C ARG C 415 -29.99 41.28 23.11
N THR C 416 -30.02 40.17 22.38
CA THR C 416 -31.26 39.42 22.24
C THR C 416 -31.61 38.66 23.52
N LEU C 417 -30.62 38.02 24.13
CA LEU C 417 -30.89 37.06 25.19
C LEU C 417 -31.21 37.72 26.54
N CYS C 418 -30.35 38.62 27.02
CA CYS C 418 -30.47 38.97 28.44
C CYS C 418 -29.96 40.35 28.83
N ARG C 419 -29.55 41.21 27.89
CA ARG C 419 -28.90 42.47 28.23
C ARG C 419 -29.65 43.61 27.54
N GLY C 420 -30.27 44.47 28.32
CA GLY C 420 -30.99 45.62 27.81
C GLY C 420 -32.50 45.43 27.81
N GLU C 421 -33.18 46.53 27.52
CA GLU C 421 -34.63 46.59 27.61
C GLU C 421 -35.34 45.64 26.64
N TYR C 422 -34.68 45.27 25.55
CA TYR C 422 -35.32 44.47 24.51
C TYR C 422 -35.09 42.98 24.69
N SER C 423 -34.24 42.57 25.62
CA SER C 423 -33.85 41.18 25.70
C SER C 423 -35.02 40.31 26.17
N ILE C 424 -34.98 39.04 25.76
CA ILE C 424 -36.02 38.10 26.15
C ILE C 424 -36.13 38.02 27.67
N LEU C 425 -35.00 37.80 28.35
CA LEU C 425 -35.02 37.59 29.80
C LEU C 425 -35.47 38.84 30.56
N HIS C 426 -35.12 40.03 30.08
CA HIS C 426 -35.53 41.25 30.75
C HIS C 426 -37.04 41.44 30.66
N ARG C 427 -37.63 41.14 29.50
CA ARG C 427 -39.06 41.29 29.31
C ARG C 427 -39.83 40.20 30.06
N LEU C 428 -39.27 38.99 30.15
CA LEU C 428 -39.92 37.94 30.93
C LEU C 428 -39.89 38.28 32.42
N LYS C 429 -38.73 38.69 32.92
CA LYS C 429 -38.61 39.05 34.34
C LYS C 429 -39.60 40.15 34.71
N ALA C 430 -39.77 41.14 33.82
CA ALA C 430 -40.67 42.24 34.11
C ALA C 430 -42.10 41.77 34.30
N ALA C 431 -42.52 40.75 33.54
CA ALA C 431 -43.88 40.22 33.68
C ALA C 431 -44.01 39.16 34.77
N MET C 432 -43.01 38.29 34.95
CA MET C 432 -43.18 37.11 35.78
C MET C 432 -42.03 36.89 36.76
N GLY C 433 -41.09 37.84 36.87
CA GLY C 433 -39.97 37.67 37.78
C GLY C 433 -39.15 36.45 37.45
N THR C 434 -38.67 35.77 38.49
CA THR C 434 -37.79 34.62 38.32
C THR C 434 -38.52 33.40 37.74
N ALA C 435 -39.84 33.47 37.57
CA ALA C 435 -40.55 32.36 36.93
C ALA C 435 -40.13 32.13 35.49
N TRP C 436 -39.44 33.10 34.88
CA TRP C 436 -38.97 32.92 33.50
C TRP C 436 -38.14 31.66 33.33
N ARG C 437 -37.54 31.16 34.41
CA ARG C 437 -36.71 29.96 34.32
C ARG C 437 -37.53 28.71 34.03
N ASP C 438 -38.84 28.74 34.32
CA ASP C 438 -39.76 27.66 34.02
C ASP C 438 -40.14 27.56 32.54
N TYR C 439 -39.83 28.55 31.72
CA TYR C 439 -40.35 28.60 30.36
C TYR C 439 -39.31 28.56 29.26
N ILE C 440 -38.05 28.89 29.55
CA ILE C 440 -37.02 28.91 28.52
C ILE C 440 -35.69 28.43 29.10
N SER C 441 -34.96 27.65 28.32
CA SER C 441 -33.64 27.16 28.70
C SER C 441 -32.72 27.34 27.50
N ILE C 442 -31.63 28.09 27.71
CA ILE C 442 -30.64 28.32 26.66
C ILE C 442 -29.38 27.55 27.03
N CYS C 443 -28.98 26.63 26.16
CA CYS C 443 -27.86 25.73 26.44
C CYS C 443 -26.94 25.62 25.24
N GLY C 444 -25.76 25.05 25.50
CA GLY C 444 -24.79 24.73 24.46
C GLY C 444 -24.27 23.32 24.66
N LEU C 445 -23.31 22.95 23.81
CA LEU C 445 -22.75 21.61 23.87
C LEU C 445 -21.23 21.66 23.97
N ARG C 446 -20.68 20.69 24.70
CA ARG C 446 -19.25 20.56 24.94
C ARG C 446 -18.94 19.08 25.09
N THR C 447 -17.75 18.68 24.65
CA THR C 447 -17.29 17.31 24.87
C THR C 447 -15.84 17.34 25.35
N HIS C 448 -15.31 16.16 25.68
CA HIS C 448 -13.93 16.04 26.11
C HIS C 448 -13.31 14.76 25.58
N GLY C 449 -11.99 14.75 25.55
CA GLY C 449 -11.22 13.63 25.06
C GLY C 449 -9.83 13.67 25.66
N GLU C 450 -8.90 13.00 24.98
CA GLU C 450 -7.52 12.90 25.43
C GLU C 450 -6.59 13.24 24.28
N LEU C 451 -5.61 14.09 24.54
CA LEU C 451 -4.60 14.44 23.55
C LEU C 451 -3.31 14.85 24.26
N GLY C 452 -2.19 14.33 23.79
CA GLY C 452 -0.91 14.65 24.40
C GLY C 452 -0.75 14.14 25.82
N GLY C 453 -1.50 13.12 26.21
CA GLY C 453 -1.35 12.54 27.54
C GLY C 453 -2.12 13.26 28.62
N HIS C 454 -3.08 14.09 28.26
CA HIS C 454 -3.90 14.79 29.22
C HIS C 454 -5.27 15.04 28.61
N PRO C 455 -6.30 15.25 29.43
CA PRO C 455 -7.63 15.54 28.89
C PRO C 455 -7.66 16.86 28.13
N VAL C 456 -8.43 16.89 27.04
CA VAL C 456 -8.71 18.12 26.32
C VAL C 456 -10.21 18.26 26.15
N SER C 457 -10.65 19.50 25.94
CA SER C 457 -12.08 19.79 25.79
C SER C 457 -12.29 20.83 24.70
N GLU C 458 -13.44 20.74 24.04
CA GLU C 458 -13.85 21.72 23.05
C GLU C 458 -15.37 21.76 22.98
N LEU C 459 -15.92 22.94 22.69
CA LEU C 459 -17.35 23.03 22.43
C LEU C 459 -17.69 22.33 21.12
N ILE C 460 -18.90 21.79 21.06
CA ILE C 460 -19.47 21.29 19.81
C ILE C 460 -20.12 22.44 19.06
N TYR C 461 -19.64 22.72 17.85
CA TYR C 461 -20.15 23.87 17.11
C TYR C 461 -21.52 23.53 16.56
N ILE C 462 -22.54 24.22 17.08
CA ILE C 462 -23.92 24.00 16.67
C ILE C 462 -24.16 24.79 15.37
N HIS C 463 -24.09 24.09 14.24
CA HIS C 463 -24.32 24.70 12.95
C HIS C 463 -25.73 24.44 12.41
N SER C 464 -26.51 23.62 13.10
CA SER C 464 -27.85 23.30 12.67
C SER C 464 -28.68 24.57 12.50
N LYS C 465 -29.74 24.47 11.71
CA LYS C 465 -30.77 25.51 11.60
C LYS C 465 -32.09 24.78 11.60
N VAL C 466 -32.50 24.33 12.79
CA VAL C 466 -33.68 23.49 12.94
C VAL C 466 -34.55 24.04 14.06
N LEU C 467 -35.86 23.88 13.88
CA LEU C 467 -36.86 24.18 14.90
C LEU C 467 -37.82 23.00 15.00
N ILE C 468 -38.13 22.58 16.22
CA ILE C 468 -39.16 21.57 16.45
C ILE C 468 -40.23 22.17 17.35
N ALA C 469 -41.49 21.99 16.98
CA ALA C 469 -42.62 22.44 17.79
C ALA C 469 -43.59 21.30 18.08
N ASP C 470 -43.93 21.12 19.36
CA ASP C 470 -45.06 20.31 19.78
C ASP C 470 -44.97 18.84 19.35
N ASP C 471 -43.76 18.36 19.05
CA ASP C 471 -43.53 17.01 18.54
C ASP C 471 -44.33 16.72 17.27
N ARG C 472 -44.60 17.76 16.47
CA ARG C 472 -45.42 17.61 15.27
C ARG C 472 -44.91 18.39 14.06
N THR C 473 -44.14 19.46 14.25
CA THR C 473 -43.77 20.34 13.14
C THR C 473 -42.27 20.63 13.24
N VAL C 474 -41.61 20.66 12.09
CA VAL C 474 -40.18 20.90 11.99
C VAL C 474 -39.88 21.86 10.85
N ILE C 475 -38.99 22.81 11.10
CA ILE C 475 -38.40 23.64 10.05
C ILE C 475 -36.91 23.32 9.99
N ILE C 476 -36.44 22.93 8.80
CA ILE C 476 -35.04 22.62 8.57
C ILE C 476 -34.57 23.38 7.33
N GLY C 477 -33.41 24.00 7.41
CA GLY C 477 -32.91 24.75 6.28
C GLY C 477 -31.54 25.31 6.54
N SER C 478 -31.19 26.34 5.75
CA SER C 478 -29.92 27.03 5.88
C SER C 478 -30.04 28.34 6.63
N ALA C 479 -31.27 28.76 6.95
CA ALA C 479 -31.52 30.11 7.45
C ALA C 479 -31.19 30.14 8.93
N ASN C 480 -30.18 30.91 9.29
CA ASN C 480 -29.92 31.20 10.69
C ASN C 480 -31.00 32.13 11.23
N ILE C 481 -31.08 32.22 12.56
CA ILE C 481 -31.96 33.19 13.21
C ILE C 481 -31.15 34.48 13.35
N ASN C 482 -31.20 35.30 12.31
CA ASN C 482 -30.63 36.64 12.30
C ASN C 482 -31.24 37.39 11.13
N ASP C 483 -31.00 38.69 11.08
CA ASP C 483 -31.56 39.48 10.00
C ASP C 483 -30.98 39.09 8.65
N ARG C 484 -29.70 38.71 8.62
CA ARG C 484 -29.04 38.37 7.37
C ARG C 484 -29.74 37.23 6.63
N SER C 485 -30.15 36.20 7.37
CA SER C 485 -30.78 35.04 6.76
C SER C 485 -32.29 35.20 6.56
N LEU C 486 -32.97 35.93 7.44
CA LEU C 486 -34.42 35.85 7.54
C LEU C 486 -35.15 36.98 6.84
N LEU C 487 -34.52 38.15 6.70
CA LEU C 487 -35.24 39.29 6.16
C LEU C 487 -35.60 39.14 4.68
N GLY C 488 -34.91 38.26 3.96
CA GLY C 488 -35.12 38.15 2.52
C GLY C 488 -34.28 39.07 1.66
N LYS C 489 -34.18 40.35 2.06
CA LYS C 489 -33.45 41.33 1.27
C LYS C 489 -31.97 41.02 1.17
N ARG C 490 -31.44 40.17 2.05
CA ARG C 490 -29.99 39.99 2.17
C ARG C 490 -29.54 38.64 1.62
N ASP C 491 -29.09 37.75 2.50
CA ASP C 491 -28.63 36.43 2.09
C ASP C 491 -29.77 35.60 1.53
N SER C 492 -29.47 34.78 0.53
CA SER C 492 -30.41 33.78 0.07
C SER C 492 -30.32 32.52 0.93
N GLU C 493 -31.48 31.94 1.23
CA GLU C 493 -31.60 30.81 2.14
C GLU C 493 -32.70 29.88 1.65
N LEU C 494 -32.64 28.63 2.11
CA LEU C 494 -33.67 27.64 1.84
C LEU C 494 -34.08 26.98 3.15
N ALA C 495 -35.34 26.54 3.21
CA ALA C 495 -35.82 25.72 4.30
C ALA C 495 -37.02 24.91 3.81
N VAL C 496 -37.35 23.86 4.56
CA VAL C 496 -38.59 23.12 4.37
C VAL C 496 -39.38 23.10 5.67
N LEU C 497 -40.69 23.27 5.57
CA LEU C 497 -41.59 23.10 6.70
C LEU C 497 -42.22 21.72 6.62
N ILE C 498 -42.02 20.91 7.65
CA ILE C 498 -42.42 19.50 7.63
C ILE C 498 -43.44 19.29 8.74
N GLU C 499 -44.68 19.00 8.36
CA GLU C 499 -45.78 18.77 9.30
C GLU C 499 -46.24 17.32 9.21
N ASP C 500 -46.31 16.66 10.36
CA ASP C 500 -46.68 15.25 10.40
C ASP C 500 -48.17 15.05 10.16
N THR C 501 -48.49 14.02 9.37
CA THR C 501 -49.84 13.51 9.22
C THR C 501 -50.06 12.17 9.90
N GLU C 502 -48.97 11.46 10.20
CA GLU C 502 -48.96 10.20 10.93
C GLU C 502 -48.38 10.45 12.32
N THR C 503 -48.88 9.69 13.30
CA THR C 503 -48.60 9.97 14.70
C THR C 503 -48.06 8.74 15.39
N GLU C 504 -47.52 8.96 16.59
CA GLU C 504 -47.00 7.94 17.49
C GLU C 504 -47.53 8.19 18.90
N PRO C 505 -47.84 7.15 19.67
CA PRO C 505 -48.21 7.38 21.06
C PRO C 505 -47.05 8.00 21.82
N SER C 506 -47.32 9.09 22.51
CA SER C 506 -46.29 9.76 23.30
C SER C 506 -46.95 10.38 24.53
N LEU C 507 -46.23 11.30 25.17
CA LEU C 507 -46.69 11.97 26.38
C LEU C 507 -46.51 13.48 26.20
N MET C 508 -47.36 14.24 26.89
CA MET C 508 -47.22 15.70 26.89
C MET C 508 -47.76 16.20 28.22
N ASN C 509 -46.86 16.66 29.09
CA ASN C 509 -47.20 17.05 30.46
C ASN C 509 -48.05 15.98 31.15
N GLY C 510 -47.57 14.74 31.07
CA GLY C 510 -48.20 13.63 31.75
C GLY C 510 -49.39 13.02 31.05
N ALA C 511 -49.96 13.69 30.04
CA ALA C 511 -51.13 13.16 29.36
C ALA C 511 -50.70 12.40 28.10
N GLU C 512 -51.47 11.37 27.77
CA GLU C 512 -51.26 10.66 26.51
C GLU C 512 -51.36 11.63 25.35
N TYR C 513 -50.47 11.47 24.37
CA TYR C 513 -50.33 12.43 23.29
C TYR C 513 -49.86 11.73 22.03
N GLN C 514 -50.61 11.91 20.94
CA GLN C 514 -50.21 11.37 19.65
C GLN C 514 -49.19 12.33 19.04
N ALA C 515 -47.92 11.96 19.09
CA ALA C 515 -46.86 12.76 18.52
C ALA C 515 -46.59 12.33 17.09
N GLY C 516 -46.11 13.27 16.28
CA GLY C 516 -45.76 12.96 14.91
C GLY C 516 -44.48 12.15 14.80
N ARG C 517 -44.46 11.28 13.79
CA ARG C 517 -43.36 10.32 13.65
C ARG C 517 -42.07 11.03 13.31
N PHE C 518 -42.11 11.91 12.31
CA PHE C 518 -40.90 12.64 11.91
C PHE C 518 -40.39 13.52 13.04
N ALA C 519 -41.28 14.27 13.69
CA ALA C 519 -40.84 15.23 14.69
C ALA C 519 -40.37 14.53 15.97
N LEU C 520 -41.10 13.51 16.42
CA LEU C 520 -40.73 12.82 17.65
C LEU C 520 -39.39 12.09 17.51
N SER C 521 -39.19 11.39 16.39
CA SER C 521 -37.95 10.66 16.20
C SER C 521 -36.76 11.61 16.12
N LEU C 522 -36.91 12.73 15.41
CA LEU C 522 -35.87 13.74 15.38
C LEU C 522 -35.62 14.32 16.76
N ARG C 523 -36.69 14.75 17.43
CA ARG C 523 -36.55 15.36 18.75
C ARG C 523 -35.94 14.39 19.75
N LYS C 524 -36.37 13.13 19.74
CA LYS C 524 -35.77 12.14 20.61
C LYS C 524 -34.31 11.94 20.28
N HIS C 525 -33.95 11.97 19.00
CA HIS C 525 -32.56 11.80 18.62
C HIS C 525 -31.73 12.97 19.14
N CYS C 526 -32.23 14.20 18.99
CA CYS C 526 -31.55 15.34 19.58
C CYS C 526 -31.38 15.16 21.08
N PHE C 527 -32.50 14.96 21.79
CA PHE C 527 -32.43 14.81 23.24
C PHE C 527 -31.54 13.66 23.66
N GLY C 528 -31.63 12.52 22.95
CA GLY C 528 -30.86 11.35 23.34
C GLY C 528 -29.36 11.55 23.25
N VAL C 529 -28.91 12.14 22.15
CA VAL C 529 -27.48 12.37 21.97
C VAL C 529 -26.97 13.45 22.93
N ILE C 530 -27.75 14.52 23.10
CA ILE C 530 -27.32 15.63 23.93
C ILE C 530 -27.24 15.25 25.40
N LEU C 531 -28.20 14.46 25.89
CA LEU C 531 -28.17 14.15 27.30
C LEU C 531 -27.41 12.88 27.65
N GLY C 532 -27.14 11.98 26.72
CA GLY C 532 -26.30 10.84 27.01
C GLY C 532 -27.10 9.57 27.14
N ALA C 533 -28.22 9.44 26.41
CA ALA C 533 -29.15 8.35 26.64
C ALA C 533 -28.51 6.97 26.47
N ASN C 534 -27.45 6.88 25.65
CA ASN C 534 -26.66 5.65 25.57
C ASN C 534 -26.15 5.23 26.94
N THR C 535 -25.57 6.18 27.69
CA THR C 535 -24.92 5.85 28.95
C THR C 535 -25.92 5.64 30.09
N ARG C 536 -27.05 6.36 30.07
CA ARG C 536 -28.10 6.24 31.07
C ARG C 536 -29.37 5.78 30.39
N PRO C 537 -29.51 4.47 30.15
CA PRO C 537 -30.72 3.96 29.50
C PRO C 537 -31.97 4.09 30.33
N ASP C 538 -31.90 4.64 31.54
CA ASP C 538 -33.11 4.92 32.29
C ASP C 538 -33.69 6.31 32.06
N LEU C 539 -33.30 6.99 31.00
CA LEU C 539 -33.85 8.32 30.80
C LEU C 539 -35.18 8.19 30.07
N ASP C 540 -36.20 8.89 30.55
CA ASP C 540 -37.52 8.90 29.90
C ASP C 540 -37.58 10.14 29.01
N LEU C 541 -37.46 9.94 27.71
CA LEU C 541 -37.47 11.07 26.79
C LEU C 541 -38.80 11.20 26.08
N ARG C 542 -39.83 10.50 26.56
CA ARG C 542 -41.13 10.54 25.90
C ARG C 542 -41.79 11.90 26.09
N ASP C 543 -41.78 12.41 27.32
CA ASP C 543 -42.46 13.66 27.65
C ASP C 543 -41.44 14.79 27.63
N PRO C 544 -41.54 15.74 26.70
CA PRO C 544 -40.58 16.85 26.61
C PRO C 544 -40.91 18.09 27.42
N ILE C 545 -42.01 18.13 28.17
CA ILE C 545 -42.38 19.38 28.84
C ILE C 545 -42.69 19.20 30.32
N CYS C 546 -42.85 17.96 30.78
CA CYS C 546 -43.20 17.75 32.17
C CYS C 546 -42.14 18.33 33.11
N ASP C 547 -42.59 18.68 34.32
CA ASP C 547 -41.75 19.37 35.30
C ASP C 547 -40.48 18.59 35.63
N ASP C 548 -40.62 17.28 35.88
CA ASP C 548 -39.47 16.44 36.20
C ASP C 548 -38.40 16.49 35.13
N PHE C 549 -38.79 16.43 33.85
CA PHE C 549 -37.81 16.40 32.78
C PHE C 549 -37.13 17.75 32.60
N PHE C 550 -37.88 18.85 32.73
CA PHE C 550 -37.26 20.16 32.58
C PHE C 550 -36.24 20.41 33.68
N GLN C 551 -36.51 19.96 34.91
CA GLN C 551 -35.53 20.06 35.98
C GLN C 551 -34.28 19.25 35.63
N LEU C 552 -34.48 18.01 35.16
CA LEU C 552 -33.35 17.17 34.77
C LEU C 552 -32.52 17.82 33.67
N TRP C 553 -33.19 18.45 32.69
CA TRP C 553 -32.49 19.17 31.64
C TRP C 553 -31.61 20.27 32.22
N GLN C 554 -32.18 21.12 33.09
CA GLN C 554 -31.42 22.23 33.66
C GLN C 554 -30.32 21.73 34.59
N ASP C 555 -30.59 20.69 35.39
CA ASP C 555 -29.58 20.15 36.30
C ASP C 555 -28.37 19.63 35.53
N MET C 556 -28.60 18.91 34.44
CA MET C 556 -27.49 18.39 33.65
C MET C 556 -26.69 19.55 33.05
N ALA C 557 -27.39 20.53 32.47
CA ALA C 557 -26.71 21.69 31.89
C ALA C 557 -25.82 22.38 32.91
N GLU C 558 -26.30 22.57 34.14
CA GLU C 558 -25.49 23.24 35.15
C GLU C 558 -24.36 22.35 35.63
N SER C 559 -24.65 21.07 35.88
CA SER C 559 -23.60 20.17 36.38
C SER C 559 -22.46 20.01 35.38
N ASN C 560 -22.80 19.75 34.11
CA ASN C 560 -21.76 19.62 33.10
C ASN C 560 -20.96 20.91 32.91
N ALA C 561 -21.65 22.05 32.78
CA ALA C 561 -20.92 23.31 32.59
C ALA C 561 -19.98 23.60 33.75
N ASN C 562 -20.44 23.34 34.98
CA ASN C 562 -19.63 23.56 36.15
C ASN C 562 -18.43 22.63 36.21
N ILE C 563 -18.62 21.34 35.87
CA ILE C 563 -17.51 20.40 35.91
C ILE C 563 -16.48 20.79 34.85
N TYR C 564 -16.94 21.04 33.62
CA TYR C 564 -16.01 21.45 32.57
C TYR C 564 -15.27 22.71 33.01
N GLU C 565 -15.98 23.63 33.65
CA GLU C 565 -15.35 24.84 34.19
C GLU C 565 -14.41 24.51 35.33
N GLN C 566 -14.78 23.50 36.14
CA GLN C 566 -13.94 23.08 37.27
C GLN C 566 -12.64 22.45 36.79
N ILE C 567 -12.68 21.72 35.68
CA ILE C 567 -11.54 20.95 35.21
C ILE C 567 -10.70 21.73 34.21
N PHE C 568 -11.34 22.53 33.35
CA PHE C 568 -10.66 23.16 32.23
C PHE C 568 -10.62 24.67 32.31
N ARG C 569 -11.40 25.30 33.20
CA ARG C 569 -11.52 26.75 33.24
C ARG C 569 -11.82 27.29 31.85
N CYS C 570 -12.75 26.63 31.17
CA CYS C 570 -13.03 26.90 29.77
C CYS C 570 -13.94 28.11 29.62
N LEU C 571 -13.75 28.80 28.53
CA LEU C 571 -14.48 29.94 28.02
C LEU C 571 -15.47 29.53 26.94
N PRO C 572 -16.65 30.17 26.86
CA PRO C 572 -17.06 31.32 27.68
C PRO C 572 -17.48 30.87 29.07
N SER C 573 -17.60 31.80 30.01
CA SER C 573 -17.91 31.42 31.38
C SER C 573 -18.56 32.60 32.10
N ASN C 574 -19.43 32.27 33.05
CA ASN C 574 -20.00 33.31 33.92
C ASN C 574 -18.98 33.85 34.90
N ALA C 575 -17.84 33.18 35.06
CA ALA C 575 -16.82 33.58 36.02
C ALA C 575 -15.93 34.71 35.51
N THR C 576 -16.11 35.15 34.27
CA THR C 576 -15.28 36.20 33.67
C THR C 576 -16.21 37.30 33.17
N ARG C 577 -16.56 38.24 34.06
CA ARG C 577 -17.50 39.30 33.71
C ARG C 577 -16.84 40.47 32.99
N SER C 578 -15.52 40.56 33.02
CA SER C 578 -14.81 41.66 32.37
C SER C 578 -13.52 41.12 31.76
N LEU C 579 -12.90 41.93 30.91
CA LEU C 579 -11.63 41.51 30.32
C LEU C 579 -10.53 41.46 31.38
N ARG C 580 -10.55 42.38 32.35
CA ARG C 580 -9.53 42.36 33.40
C ARG C 580 -9.59 41.09 34.23
N THR C 581 -10.79 40.62 34.56
CA THR C 581 -10.86 39.35 35.27
C THR C 581 -10.60 38.19 34.33
N LEU C 582 -10.87 38.37 33.04
CA LEU C 582 -10.51 37.36 32.06
C LEU C 582 -9.00 37.18 31.96
N ARG C 583 -8.25 38.28 32.03
CA ARG C 583 -6.80 38.18 31.86
C ARG C 583 -6.18 37.36 32.98
N GLU C 584 -6.65 37.55 34.22
CA GLU C 584 -6.17 36.76 35.34
C GLU C 584 -6.77 35.37 35.37
N TYR C 585 -7.97 35.19 34.82
CA TYR C 585 -8.62 33.89 34.89
C TYR C 585 -7.92 32.88 33.98
N VAL C 586 -7.50 33.33 32.79
CA VAL C 586 -6.80 32.44 31.87
C VAL C 586 -5.34 32.24 32.25
N ALA C 587 -4.81 33.04 33.17
CA ALA C 587 -3.44 32.91 33.64
C ALA C 587 -3.25 31.74 34.58
N VAL C 588 -4.28 30.91 34.75
CA VAL C 588 -4.26 29.79 35.68
C VAL C 588 -4.20 28.51 34.86
N GLU C 589 -3.33 27.59 35.27
CA GLU C 589 -3.22 26.33 34.55
C GLU C 589 -4.35 25.41 34.97
N PRO C 590 -5.12 24.85 34.04
CA PRO C 590 -6.27 24.03 34.43
C PRO C 590 -5.85 22.66 34.94
N LEU C 591 -6.77 22.06 35.69
CA LEU C 591 -6.52 20.77 36.33
C LEU C 591 -6.25 19.68 35.30
N ALA C 592 -6.87 19.77 34.13
CA ALA C 592 -6.65 18.79 33.06
C ALA C 592 -5.17 18.50 32.83
N THR C 593 -4.34 19.54 32.82
CA THR C 593 -2.91 19.33 32.66
C THR C 593 -2.13 19.33 33.96
N VAL C 594 -2.64 20.00 35.00
CA VAL C 594 -1.95 20.01 36.29
C VAL C 594 -1.94 18.61 36.90
N SER C 595 -3.10 17.95 36.90
CA SER C 595 -3.23 16.60 37.45
C SER C 595 -4.21 15.81 36.59
N PRO C 596 -3.71 15.20 35.50
CA PRO C 596 -4.57 14.41 34.61
C PRO C 596 -5.38 13.34 35.33
N PRO C 597 -4.82 12.64 36.33
CA PRO C 597 -5.66 11.65 37.04
C PRO C 597 -6.89 12.22 37.72
N LEU C 598 -6.76 13.35 38.43
CA LEU C 598 -7.95 13.95 39.04
C LEU C 598 -8.93 14.41 37.98
N ALA C 599 -8.43 15.06 36.91
CA ALA C 599 -9.31 15.49 35.84
C ALA C 599 -10.09 14.31 35.24
N ARG C 600 -9.37 13.23 34.89
CA ARG C 600 -10.04 12.08 34.30
C ARG C 600 -11.12 11.53 35.24
N SER C 601 -10.79 11.40 36.53
CA SER C 601 -11.75 10.87 37.48
C SER C 601 -12.98 11.76 37.60
N GLU C 602 -12.77 13.08 37.68
CA GLU C 602 -13.90 13.99 37.81
C GLU C 602 -14.72 14.08 36.52
N LEU C 603 -14.06 13.94 35.36
CA LEU C 603 -14.79 13.99 34.11
C LEU C 603 -15.74 12.81 33.93
N THR C 604 -15.59 11.75 34.74
CA THR C 604 -16.53 10.64 34.67
C THR C 604 -17.92 11.05 35.13
N GLN C 605 -18.06 12.20 35.77
CA GLN C 605 -19.35 12.68 36.26
C GLN C 605 -20.04 13.57 35.23
N VAL C 606 -19.38 13.89 34.13
CA VAL C 606 -20.04 14.64 33.06
C VAL C 606 -21.02 13.69 32.39
N GLN C 607 -22.26 14.13 32.25
CA GLN C 607 -23.29 13.32 31.59
C GLN C 607 -23.78 14.07 30.36
N GLY C 608 -23.58 13.47 29.19
CA GLY C 608 -23.99 14.11 27.97
C GLY C 608 -23.11 15.32 27.67
N HIS C 609 -23.60 16.12 26.72
CA HIS C 609 -22.87 17.28 26.25
C HIS C 609 -23.55 18.59 26.61
N LEU C 610 -24.74 18.54 27.20
CA LEU C 610 -25.52 19.75 27.45
C LEU C 610 -24.81 20.59 28.52
N VAL C 611 -24.53 21.85 28.20
CA VAL C 611 -23.97 22.79 29.16
C VAL C 611 -24.78 24.08 29.15
N HIS C 612 -24.97 24.67 30.33
CA HIS C 612 -25.63 25.96 30.44
C HIS C 612 -24.90 27.04 29.67
N PHE C 613 -25.66 27.87 28.96
CA PHE C 613 -25.11 29.00 28.23
C PHE C 613 -24.84 30.14 29.20
N PRO C 614 -23.59 30.56 29.40
CA PRO C 614 -23.31 31.59 30.41
C PRO C 614 -23.86 32.93 29.98
N LEU C 615 -24.88 33.42 30.68
CA LEU C 615 -25.58 34.64 30.30
C LEU C 615 -24.88 35.89 30.79
N LYS C 616 -23.88 35.77 31.66
CA LYS C 616 -23.22 36.91 32.27
C LYS C 616 -21.79 37.09 31.77
N PHE C 617 -21.38 36.30 30.79
CA PHE C 617 -20.04 36.38 30.23
C PHE C 617 -19.81 37.77 29.64
N LEU C 618 -18.81 38.48 30.19
CA LEU C 618 -18.44 39.82 29.74
C LEU C 618 -19.61 40.80 29.84
N GLU C 619 -20.50 40.60 30.81
CA GLU C 619 -21.69 41.46 30.88
C GLU C 619 -21.35 42.88 31.32
N ASP C 620 -20.11 43.13 31.74
CA ASP C 620 -19.66 44.46 32.11
C ASP C 620 -18.94 45.16 30.97
N GLU C 621 -18.95 44.57 29.77
CA GLU C 621 -18.26 45.11 28.61
C GLU C 621 -19.26 45.55 27.55
N SER C 622 -18.85 46.53 26.75
CA SER C 622 -19.70 47.05 25.68
C SER C 622 -19.78 46.07 24.51
N LEU C 623 -18.69 45.35 24.23
CA LEU C 623 -18.64 44.30 23.21
C LEU C 623 -18.85 44.79 21.78
N LEU C 624 -19.10 46.10 21.59
CA LEU C 624 -19.08 46.39 20.16
C LEU C 624 -17.71 46.89 19.73
N PRO C 625 -17.30 46.60 18.49
CA PRO C 625 -15.94 46.95 18.06
C PRO C 625 -15.89 48.33 17.43
N PRO C 626 -14.87 49.14 17.76
CA PRO C 626 -14.63 50.43 17.14
C PRO C 626 -13.56 50.39 16.05
N GLY C 632 -15.23 49.80 12.02
CA GLY C 632 -15.65 51.13 12.46
C GLY C 632 -16.72 51.74 11.58
N MET C 633 -16.42 51.83 10.29
CA MET C 633 -17.34 52.31 9.27
C MET C 633 -18.20 51.19 8.69
N ILE C 634 -17.96 49.95 9.12
CA ILE C 634 -18.76 48.78 8.75
C ILE C 634 -20.17 48.92 9.33
N PRO C 635 -21.22 48.72 8.53
CA PRO C 635 -22.58 48.76 9.10
C PRO C 635 -22.74 47.62 10.10
N LEU C 636 -23.48 47.89 11.18
CA LEU C 636 -23.56 46.89 12.24
C LEU C 636 -24.34 45.66 11.76
N GLU C 637 -25.27 45.89 10.84
CA GLU C 637 -26.14 44.90 10.22
C GLU C 637 -25.40 43.87 9.37
N VAL C 638 -24.09 44.03 9.17
CA VAL C 638 -23.30 42.97 8.56
C VAL C 638 -23.35 41.72 9.43
N TRP C 639 -23.45 41.89 10.75
CA TRP C 639 -23.39 40.80 11.70
C TRP C 639 -24.77 40.35 12.20
N THR C 640 -25.81 41.13 11.95
CA THR C 640 -27.13 40.83 12.49
C THR C 640 -27.98 40.05 11.48
N ARG D 22 13.70 27.16 -36.44
CA ARG D 22 13.47 25.95 -37.23
C ARG D 22 12.76 24.89 -36.39
N ASP D 23 12.55 23.73 -36.99
CA ASP D 23 11.55 22.76 -36.53
C ASP D 23 12.17 21.62 -35.75
N PHE D 24 11.28 20.82 -35.14
CA PHE D 24 11.62 19.61 -34.40
C PHE D 24 10.79 18.42 -34.90
N LEU D 25 10.32 18.49 -36.15
CA LEU D 25 9.51 17.44 -36.76
C LEU D 25 10.37 16.32 -37.33
N GLN D 26 11.58 16.62 -37.80
CA GLN D 26 12.48 15.65 -38.37
C GLN D 26 13.82 15.73 -37.66
N LEU D 27 14.68 14.75 -37.91
CA LEU D 27 16.04 14.85 -37.39
C LEU D 27 16.87 15.81 -38.23
N HIS D 28 18.01 16.21 -37.67
CA HIS D 28 18.81 17.25 -38.32
C HIS D 28 20.25 16.80 -38.46
N ARG D 29 21.14 17.76 -38.75
CA ARG D 29 22.57 17.47 -38.86
C ARG D 29 23.06 16.69 -37.64
N HIS D 30 23.88 15.66 -37.89
CA HIS D 30 24.42 14.77 -36.87
C HIS D 30 23.33 13.97 -36.16
N ASP D 31 22.14 13.84 -36.75
CA ASP D 31 21.03 13.13 -36.13
C ASP D 31 20.65 13.73 -34.78
N SER D 32 20.75 15.04 -34.68
CA SER D 32 20.40 15.74 -33.45
C SER D 32 18.93 16.13 -33.45
N TYR D 33 18.37 16.25 -32.25
CA TYR D 33 16.98 16.68 -32.14
C TYR D 33 16.81 18.16 -32.46
N ALA D 34 17.89 18.94 -32.43
CA ALA D 34 17.83 20.37 -32.62
C ALA D 34 18.61 20.79 -33.86
N PRO D 35 18.11 21.76 -34.63
CA PRO D 35 18.85 22.23 -35.80
C PRO D 35 19.92 23.22 -35.39
N PRO D 36 20.89 23.48 -36.27
CA PRO D 36 21.84 24.55 -36.02
C PRO D 36 21.18 25.92 -36.06
N ARG D 37 21.58 26.79 -35.15
CA ARG D 37 20.99 28.11 -35.01
C ARG D 37 22.00 29.16 -35.43
N PRO D 38 21.94 29.68 -36.67
CA PRO D 38 22.83 30.77 -37.05
C PRO D 38 22.54 32.02 -36.25
N GLY D 39 23.56 32.87 -36.14
CA GLY D 39 23.39 34.14 -35.49
C GLY D 39 23.25 34.04 -34.00
N THR D 40 23.77 32.99 -33.40
CA THR D 40 23.66 32.74 -31.96
C THR D 40 24.82 33.41 -31.23
N LEU D 41 24.48 34.19 -30.20
CA LEU D 41 25.48 34.73 -29.30
C LEU D 41 25.91 33.64 -28.32
N ALA D 42 27.21 33.38 -28.25
CA ALA D 42 27.74 32.34 -27.40
C ALA D 42 29.04 32.82 -26.78
N ARG D 43 29.25 32.48 -25.51
CA ARG D 43 30.47 32.84 -24.79
C ARG D 43 30.99 31.64 -24.02
N TRP D 44 32.27 31.34 -24.21
CA TRP D 44 32.91 30.22 -23.50
C TRP D 44 33.45 30.69 -22.16
N PHE D 45 33.60 29.75 -21.24
CA PHE D 45 34.23 29.99 -19.95
C PHE D 45 35.28 28.93 -19.68
N VAL D 46 36.43 29.36 -19.18
CA VAL D 46 37.46 28.46 -18.68
C VAL D 46 37.58 28.65 -17.17
N ASN D 47 37.41 27.53 -16.43
CA ASN D 47 37.45 27.47 -14.98
C ASN D 47 36.16 27.97 -14.36
N GLY D 48 35.89 27.52 -13.12
CA GLY D 48 34.61 27.77 -12.49
C GLY D 48 34.39 29.22 -12.08
N ALA D 49 35.47 30.00 -11.90
CA ALA D 49 35.33 31.34 -11.33
C ALA D 49 34.41 32.21 -12.17
N GLY D 50 34.69 32.29 -13.48
CA GLY D 50 33.87 33.11 -14.34
C GLY D 50 32.55 32.46 -14.66
N TYR D 51 32.54 31.13 -14.75
CA TYR D 51 31.30 30.40 -15.00
C TYR D 51 30.32 30.58 -13.85
N PHE D 52 30.77 30.35 -12.61
CA PHE D 52 29.87 30.49 -11.47
C PHE D 52 29.46 31.94 -11.25
N ALA D 53 30.34 32.90 -11.55
CA ALA D 53 29.96 34.30 -11.48
C ALA D 53 28.87 34.63 -12.51
N ALA D 54 29.02 34.14 -13.74
CA ALA D 54 28.04 34.46 -14.77
C ALA D 54 26.72 33.74 -14.51
N VAL D 55 26.79 32.51 -13.97
CA VAL D 55 25.60 31.84 -13.47
C VAL D 55 24.90 32.68 -12.41
N ALA D 56 25.68 33.25 -11.48
CA ALA D 56 25.10 34.08 -10.43
C ALA D 56 24.39 35.30 -11.00
N ASP D 57 25.03 35.98 -11.94
CA ASP D 57 24.43 37.15 -12.58
C ASP D 57 23.12 36.81 -13.27
N ALA D 58 23.05 35.64 -13.93
CA ALA D 58 21.86 35.26 -14.68
C ALA D 58 20.69 34.95 -13.75
N ILE D 59 20.94 34.26 -12.63
CA ILE D 59 19.88 33.98 -11.67
C ILE D 59 19.23 35.27 -11.17
N LEU D 60 20.05 36.30 -10.90
CA LEU D 60 19.52 37.57 -10.41
C LEU D 60 18.56 38.22 -11.39
N ARG D 61 18.76 38.02 -12.69
CA ARG D 61 17.93 38.67 -13.69
C ARG D 61 16.77 37.80 -14.17
N ALA D 62 16.59 36.63 -13.57
CA ALA D 62 15.49 35.74 -13.93
C ALA D 62 14.15 36.39 -13.62
N GLN D 63 13.18 36.23 -14.52
CA GLN D 63 11.87 36.81 -14.32
C GLN D 63 10.75 35.79 -14.19
N GLU D 64 10.92 34.57 -14.71
CA GLU D 64 9.84 33.59 -14.72
C GLU D 64 10.27 32.21 -14.26
N GLU D 65 11.34 31.67 -14.84
CA GLU D 65 11.68 30.26 -14.68
C GLU D 65 13.20 30.06 -14.66
N ILE D 66 13.64 29.10 -13.85
CA ILE D 66 15.01 28.60 -13.87
C ILE D 66 14.96 27.08 -13.94
N PHE D 67 15.59 26.51 -14.97
CA PHE D 67 15.70 25.07 -15.13
C PHE D 67 17.14 24.67 -14.82
N ILE D 68 17.30 23.60 -14.03
CA ILE D 68 18.63 23.14 -13.61
C ILE D 68 18.70 21.63 -13.68
N THR D 69 19.69 21.11 -14.39
CA THR D 69 20.09 19.71 -14.31
C THR D 69 21.51 19.63 -13.79
N ASP D 70 21.77 18.63 -12.94
CA ASP D 70 23.09 18.45 -12.35
C ASP D 70 23.28 16.97 -12.06
N TRP D 71 24.49 16.48 -12.26
CA TRP D 71 24.86 15.18 -11.70
C TRP D 71 25.04 15.29 -10.19
N TRP D 72 25.60 16.39 -9.72
CA TRP D 72 25.72 16.67 -8.29
C TRP D 72 25.53 18.17 -8.10
N LEU D 73 24.65 18.54 -7.17
CA LEU D 73 24.39 19.93 -6.84
C LEU D 73 24.64 20.12 -5.34
N SER D 74 25.59 20.98 -5.01
CA SER D 74 25.84 21.34 -3.62
C SER D 74 25.07 22.62 -3.31
N PRO D 75 24.00 22.57 -2.51
CA PRO D 75 23.16 23.76 -2.33
C PRO D 75 23.88 24.97 -1.74
N GLU D 76 24.81 24.75 -0.82
CA GLU D 76 25.45 25.85 -0.10
C GLU D 76 26.74 26.34 -0.77
N VAL D 77 26.98 25.98 -2.03
CA VAL D 77 28.18 26.44 -2.71
C VAL D 77 28.06 27.93 -3.01
N TYR D 78 29.18 28.64 -2.91
CA TYR D 78 29.22 30.07 -3.19
C TYR D 78 29.62 30.30 -4.64
N LEU D 79 28.87 31.16 -5.33
CA LEU D 79 29.13 31.42 -6.74
C LEU D 79 30.12 32.55 -6.98
N LYS D 80 30.32 33.43 -5.99
CA LYS D 80 31.36 34.45 -6.07
C LYS D 80 32.21 34.43 -4.80
N ARG D 81 33.49 34.71 -4.98
CA ARG D 81 34.49 34.52 -3.94
C ARG D 81 35.38 35.76 -3.86
N PRO D 82 35.90 36.07 -2.66
CA PRO D 82 35.64 35.31 -1.42
C PRO D 82 34.32 35.71 -0.79
N ALA D 83 33.68 34.75 -0.13
CA ALA D 83 32.40 34.99 0.53
C ALA D 83 32.55 35.95 1.70
N HIS D 84 31.68 36.95 1.75
CA HIS D 84 31.58 37.85 2.88
C HIS D 84 30.22 37.81 3.55
N SER D 85 29.26 37.08 3.01
CA SER D 85 27.89 37.01 3.53
C SER D 85 27.19 35.83 2.86
N ASP D 86 25.88 35.73 3.11
CA ASP D 86 25.05 34.70 2.49
C ASP D 86 24.74 34.98 1.03
N ASP D 87 24.95 36.22 0.58
CA ASP D 87 24.78 36.56 -0.82
C ASP D 87 25.68 35.70 -1.70
N TRP D 88 25.20 35.40 -2.90
CA TRP D 88 25.87 34.60 -3.93
C TRP D 88 25.97 33.13 -3.57
N ARG D 89 25.44 32.69 -2.44
CA ARG D 89 25.30 31.27 -2.16
C ARG D 89 24.13 30.75 -2.98
N LEU D 90 24.34 29.63 -3.67
CA LEU D 90 23.39 29.19 -4.68
C LEU D 90 22.00 29.00 -4.09
N ASP D 91 21.91 28.35 -2.93
CA ASP D 91 20.62 28.08 -2.31
C ASP D 91 19.91 29.39 -1.94
N ILE D 92 20.68 30.35 -1.42
CA ILE D 92 20.10 31.64 -1.05
C ILE D 92 19.60 32.38 -2.29
N MET D 93 20.37 32.32 -3.39
CA MET D 93 19.96 33.02 -4.61
C MET D 93 18.67 32.44 -5.16
N LEU D 94 18.56 31.11 -5.18
CA LEU D 94 17.34 30.48 -5.68
C LEU D 94 16.17 30.77 -4.74
N LYS D 95 16.42 30.78 -3.43
CA LYS D 95 15.36 31.09 -2.48
C LYS D 95 14.86 32.52 -2.65
N ARG D 96 15.76 33.47 -2.89
CA ARG D 96 15.33 34.85 -3.08
C ARG D 96 14.51 35.04 -4.34
N LYS D 97 14.96 34.41 -5.44
CA LYS D 97 14.20 34.48 -6.69
C LYS D 97 12.85 33.80 -6.58
N ALA D 98 12.80 32.64 -5.92
CA ALA D 98 11.53 31.95 -5.71
C ALA D 98 10.53 32.81 -4.94
N GLU D 99 11.01 33.57 -3.95
CA GLU D 99 10.12 34.45 -3.20
C GLU D 99 9.54 35.56 -4.05
N GLU D 100 10.16 35.89 -5.18
CA GLU D 100 9.59 36.85 -6.12
C GLU D 100 8.72 36.22 -7.19
N GLY D 101 8.49 34.90 -7.12
CA GLY D 101 7.59 34.23 -8.04
C GLY D 101 8.27 33.42 -9.13
N VAL D 102 9.60 33.38 -9.17
CA VAL D 102 10.29 32.58 -10.16
C VAL D 102 10.14 31.10 -9.81
N ARG D 103 9.84 30.27 -10.80
CA ARG D 103 9.72 28.83 -10.60
C ARG D 103 11.08 28.20 -10.88
N VAL D 104 11.62 27.48 -9.89
CA VAL D 104 12.89 26.80 -10.02
C VAL D 104 12.60 25.30 -10.10
N SER D 105 13.01 24.69 -11.20
CA SER D 105 12.85 23.27 -11.43
C SER D 105 14.23 22.64 -11.54
N ILE D 106 14.47 21.61 -10.73
CA ILE D 106 15.80 21.04 -10.58
C ILE D 106 15.69 19.53 -10.79
N LEU D 107 16.53 19.01 -11.66
CA LEU D 107 16.63 17.57 -11.93
C LEU D 107 17.98 17.11 -11.39
N LEU D 108 17.94 16.26 -10.37
CA LEU D 108 19.15 15.76 -9.71
C LEU D 108 19.29 14.27 -10.00
N PHE D 109 20.53 13.84 -10.20
CA PHE D 109 20.81 12.42 -10.31
C PHE D 109 20.54 11.73 -8.98
N LYS D 110 19.84 10.59 -9.04
CA LYS D 110 19.56 9.79 -7.85
C LYS D 110 20.57 8.64 -7.84
N GLU D 111 21.63 8.79 -7.06
CA GLU D 111 22.70 7.81 -7.04
C GLU D 111 22.32 6.60 -6.19
N VAL D 112 23.03 5.49 -6.43
CA VAL D 112 22.91 4.33 -5.56
C VAL D 112 23.78 4.60 -4.34
N GLU D 113 23.16 4.86 -3.20
CA GLU D 113 23.91 5.22 -1.99
C GLU D 113 25.02 4.23 -1.66
N LEU D 116 27.80 5.94 -4.39
CA LEU D 116 28.31 7.30 -4.28
C LEU D 116 27.94 7.96 -2.97
N GLY D 117 28.63 9.06 -2.66
CA GLY D 117 28.41 9.79 -1.44
C GLY D 117 28.02 11.23 -1.69
N ILE D 118 27.33 11.48 -2.80
CA ILE D 118 26.90 12.84 -3.10
C ILE D 118 25.63 13.22 -2.36
N ASN D 119 24.88 12.24 -1.85
CA ASN D 119 23.72 12.46 -1.01
C ASN D 119 22.72 13.40 -1.70
N SER D 120 22.14 12.88 -2.79
CA SER D 120 21.13 13.62 -3.51
C SER D 120 19.88 13.82 -2.66
N GLY D 121 19.67 12.97 -1.66
CA GLY D 121 18.56 13.17 -0.75
C GLY D 121 18.69 14.47 0.03
N TYR D 122 19.89 14.75 0.54
CA TYR D 122 20.11 16.02 1.24
C TYR D 122 19.97 17.21 0.29
N SER D 123 20.56 17.13 -0.90
CA SER D 123 20.42 18.22 -1.86
C SER D 123 18.95 18.49 -2.14
N LYS D 124 18.17 17.43 -2.34
CA LYS D 124 16.76 17.61 -2.66
C LYS D 124 16.02 18.23 -1.49
N ARG D 125 16.15 17.63 -0.30
CA ARG D 125 15.47 18.14 0.89
C ARG D 125 15.90 19.57 1.21
N ALA D 126 17.18 19.89 1.05
CA ALA D 126 17.63 21.24 1.35
C ALA D 126 17.04 22.26 0.38
N LEU D 127 17.05 21.94 -0.92
CA LEU D 127 16.54 22.89 -1.92
C LEU D 127 15.04 23.08 -1.81
N MET D 128 14.29 22.00 -1.57
CA MET D 128 12.84 22.11 -1.50
C MET D 128 12.34 22.67 -0.18
N LEU D 129 13.17 22.64 0.86
CA LEU D 129 12.81 23.29 2.12
C LEU D 129 12.83 24.81 2.00
N LEU D 130 13.55 25.33 1.01
CA LEU D 130 13.75 26.78 0.90
C LEU D 130 12.45 27.52 0.63
N HIS D 131 11.69 27.08 -0.37
CA HIS D 131 10.47 27.77 -0.76
C HIS D 131 9.64 26.85 -1.65
N PRO D 132 8.31 26.94 -1.58
CA PRO D 132 7.47 26.08 -2.44
C PRO D 132 7.65 26.32 -3.94
N ASN D 133 8.19 27.46 -4.36
CA ASN D 133 8.38 27.71 -5.78
C ASN D 133 9.58 26.95 -6.35
N ILE D 134 10.32 26.24 -5.52
CA ILE D 134 11.46 25.44 -5.95
C ILE D 134 11.01 23.98 -5.94
N LYS D 135 11.10 23.31 -7.08
CA LYS D 135 10.66 21.94 -7.20
C LYS D 135 11.82 21.10 -7.71
N VAL D 136 12.06 19.96 -7.05
CA VAL D 136 13.16 19.07 -7.38
C VAL D 136 12.61 17.69 -7.63
N MET D 137 13.05 17.05 -8.71
CA MET D 137 12.82 15.64 -8.96
C MET D 137 14.17 14.93 -9.08
N ARG D 138 14.21 13.69 -8.61
CA ARG D 138 15.41 12.88 -8.74
C ARG D 138 15.12 11.72 -9.69
N HIS D 139 16.18 11.29 -10.39
CA HIS D 139 16.03 10.21 -11.35
C HIS D 139 17.40 9.61 -11.58
N PRO D 140 17.51 8.29 -11.79
CA PRO D 140 16.35 7.40 -11.81
C PRO D 140 16.02 6.76 -10.47
N ASP D 141 14.84 6.14 -10.40
CA ASP D 141 14.44 5.34 -9.27
C ASP D 141 14.85 3.89 -9.42
N GLN D 142 14.81 3.38 -10.65
CA GLN D 142 15.14 2.00 -10.93
C GLN D 142 16.66 1.78 -10.84
N VAL D 143 17.06 0.56 -10.51
CA VAL D 143 18.48 0.22 -10.46
C VAL D 143 19.07 0.18 -11.87
N THR D 144 20.19 0.86 -12.05
CA THR D 144 20.88 0.90 -13.33
C THR D 144 22.33 1.29 -13.09
N LEU D 145 23.18 0.95 -14.05
CA LEU D 145 24.58 1.39 -14.00
C LEU D 145 24.76 2.84 -14.44
N TRP D 146 23.80 3.39 -15.16
CA TRP D 146 24.03 4.65 -15.85
C TRP D 146 23.44 5.81 -15.06
N ALA D 147 23.87 7.01 -15.41
CA ALA D 147 23.58 8.21 -14.63
C ALA D 147 23.13 9.35 -15.55
N HIS D 148 22.44 10.31 -14.96
CA HIS D 148 22.23 11.59 -15.63
C HIS D 148 23.43 12.48 -15.35
N HIS D 149 24.19 12.77 -16.40
CA HIS D 149 25.50 13.41 -16.32
C HIS D 149 25.50 14.86 -16.77
N GLU D 150 24.46 15.30 -17.48
CA GLU D 150 24.49 16.61 -18.09
C GLU D 150 24.39 17.71 -17.03
N LYS D 151 25.07 18.82 -17.32
CA LYS D 151 25.05 20.00 -16.46
C LYS D 151 24.40 21.12 -17.26
N LEU D 152 23.29 21.63 -16.75
CA LEU D 152 22.53 22.64 -17.48
C LEU D 152 21.89 23.60 -16.49
N LEU D 153 21.85 24.87 -16.88
CA LEU D 153 21.03 25.88 -16.19
C LEU D 153 20.44 26.80 -17.24
N VAL D 154 19.12 26.91 -17.27
CA VAL D 154 18.43 27.75 -18.24
C VAL D 154 17.59 28.77 -17.49
N VAL D 155 17.71 30.03 -17.88
CA VAL D 155 16.93 31.12 -17.31
C VAL D 155 15.92 31.60 -18.35
N ASP D 156 14.64 31.57 -17.99
CA ASP D 156 13.56 32.11 -18.81
C ASP D 156 13.59 31.56 -20.24
N GLN D 157 14.12 30.34 -20.41
CA GLN D 157 14.22 29.68 -21.71
C GLN D 157 14.94 30.55 -22.74
N VAL D 158 15.81 31.47 -22.32
CA VAL D 158 16.48 32.36 -23.25
C VAL D 158 17.97 32.42 -22.96
N VAL D 159 18.39 31.94 -21.79
CA VAL D 159 19.79 31.89 -21.41
C VAL D 159 20.08 30.52 -20.81
N ALA D 160 21.08 29.83 -21.36
CA ALA D 160 21.34 28.45 -21.00
C ALA D 160 22.83 28.25 -20.79
N PHE D 161 23.19 27.67 -19.66
CA PHE D 161 24.57 27.33 -19.34
C PHE D 161 24.75 25.83 -19.41
N LEU D 162 25.83 25.40 -20.06
CA LEU D 162 26.20 23.98 -20.06
C LEU D 162 27.71 23.87 -20.12
N GLY D 163 28.19 22.63 -20.05
CA GLY D 163 29.61 22.36 -20.10
C GLY D 163 29.98 21.25 -19.14
N GLY D 164 31.19 21.30 -18.59
CA GLY D 164 31.66 20.28 -17.70
C GLY D 164 31.47 20.57 -16.23
N LEU D 165 30.95 21.75 -15.90
CA LEU D 165 30.91 22.23 -14.52
C LEU D 165 29.55 21.94 -13.89
N ASP D 166 29.55 21.12 -12.85
CA ASP D 166 28.39 21.02 -11.97
C ASP D 166 28.41 22.15 -10.96
N LEU D 167 27.23 22.52 -10.48
CA LEU D 167 27.10 23.44 -9.35
C LEU D 167 27.36 22.66 -8.06
N ALA D 168 28.64 22.36 -7.83
CA ALA D 168 29.01 21.40 -6.80
C ALA D 168 30.32 21.82 -6.15
N TYR D 169 30.60 21.19 -5.01
CA TYR D 169 31.82 21.44 -4.26
C TYR D 169 33.05 21.04 -5.06
N GLY D 170 34.14 21.78 -4.85
CA GLY D 170 35.40 21.50 -5.49
C GLY D 170 35.56 22.02 -6.91
N ARG D 171 34.51 22.62 -7.49
CA ARG D 171 34.56 22.99 -8.89
C ARG D 171 35.10 24.38 -9.13
N TRP D 172 34.88 25.30 -8.19
CA TRP D 172 35.33 26.67 -8.36
C TRP D 172 36.85 26.72 -8.38
N ASP D 173 37.41 27.37 -9.40
CA ASP D 173 38.84 27.64 -9.48
C ASP D 173 39.06 28.78 -10.46
N ASP D 174 40.31 29.23 -10.54
CA ASP D 174 40.70 30.30 -11.45
C ASP D 174 42.09 30.00 -12.00
N LEU D 175 42.60 30.94 -12.80
CA LEU D 175 43.89 30.73 -13.46
C LEU D 175 45.02 30.46 -12.46
N HIS D 176 44.88 30.91 -11.22
CA HIS D 176 45.95 30.71 -10.26
C HIS D 176 46.08 29.27 -9.80
N TYR D 177 45.02 28.47 -9.92
CA TYR D 177 45.01 27.07 -9.49
C TYR D 177 45.71 26.91 -8.14
N ARG D 178 45.19 27.67 -7.18
CA ARG D 178 45.83 27.76 -5.87
C ARG D 178 45.85 26.39 -5.19
N LEU D 179 47.02 26.01 -4.71
CA LEU D 179 47.14 24.77 -3.95
C LEU D 179 46.79 24.94 -2.48
N THR D 180 46.81 26.16 -1.97
CA THR D 180 46.51 26.39 -0.56
C THR D 180 45.41 27.42 -0.40
N ASP D 181 44.88 27.44 0.82
CA ASP D 181 43.77 28.29 1.23
C ASP D 181 43.90 28.40 2.75
N LEU D 182 44.89 29.14 3.24
CA LEU D 182 45.14 29.21 4.67
C LEU D 182 44.71 30.51 5.33
N GLY D 183 44.31 31.53 4.57
CA GLY D 183 43.90 32.78 5.18
C GLY D 183 45.08 33.66 5.60
N ASP D 205 29.43 33.87 10.68
CA ASP D 205 29.57 35.20 10.09
C ASP D 205 30.81 35.26 9.20
N LEU D 206 30.62 35.67 7.95
CA LEU D 206 31.70 35.65 6.97
C LEU D 206 32.26 37.03 6.65
N SER D 207 31.93 38.05 7.46
CA SER D 207 32.32 39.41 7.13
C SER D 207 33.84 39.54 7.01
N HIS D 208 34.58 38.74 7.77
CA HIS D 208 36.04 38.73 7.77
C HIS D 208 36.61 37.47 7.12
N ASN D 209 35.85 36.82 6.25
CA ASN D 209 36.30 35.59 5.63
C ASN D 209 37.38 35.84 4.58
N GLN D 210 38.43 35.03 4.61
CA GLN D 210 39.47 35.08 3.60
C GLN D 210 39.63 33.79 2.81
N PHE D 211 38.93 32.72 3.17
CA PHE D 211 39.04 31.47 2.43
C PHE D 211 38.29 31.54 1.11
N PHE D 212 38.92 31.05 0.04
CA PHE D 212 38.20 30.96 -1.23
C PHE D 212 37.34 29.71 -1.28
N TRP D 213 37.73 28.65 -0.57
CA TRP D 213 37.02 27.38 -0.54
C TRP D 213 36.70 27.07 0.93
N LEU D 214 35.47 27.38 1.33
CA LEU D 214 35.05 27.12 2.70
C LEU D 214 34.67 25.67 2.87
N GLY D 215 35.08 25.10 4.00
CA GLY D 215 34.60 23.77 4.37
C GLY D 215 34.79 22.72 3.29
N LYS D 216 33.70 22.03 2.94
CA LYS D 216 33.73 20.93 2.00
C LYS D 216 34.21 21.32 0.60
N ASP D 217 34.33 22.62 0.31
CA ASP D 217 34.82 23.02 -1.01
C ASP D 217 36.32 22.79 -1.15
N TYR D 218 37.04 22.81 -0.04
CA TYR D 218 38.48 22.53 -0.02
C TYR D 218 38.69 21.03 -0.01
N SER D 219 39.23 20.48 -1.09
CA SER D 219 39.27 19.03 -1.21
C SER D 219 40.39 18.62 -2.15
N ASN D 220 40.83 17.38 -1.98
CA ASN D 220 41.77 16.71 -2.87
C ASN D 220 41.12 15.39 -3.23
N LEU D 221 40.48 15.36 -4.40
CA LEU D 221 39.64 14.23 -4.80
C LEU D 221 40.38 12.90 -4.73
N ILE D 222 41.67 12.90 -5.04
CA ILE D 222 42.45 11.67 -4.96
C ILE D 222 42.70 11.30 -3.51
N THR D 223 42.82 12.29 -2.62
CA THR D 223 43.12 12.00 -1.23
C THR D 223 41.93 11.38 -0.49
N LYS D 224 40.77 12.01 -0.54
CA LYS D 224 39.63 11.51 0.21
C LYS D 224 38.33 11.98 -0.42
N ASP D 225 37.37 11.06 -0.54
CA ASP D 225 36.05 11.40 -1.04
C ASP D 225 35.26 12.21 0.00
N TRP D 226 34.27 12.96 -0.49
CA TRP D 226 33.51 13.86 0.37
C TRP D 226 32.73 13.07 1.44
N VAL D 227 32.72 13.62 2.65
CA VAL D 227 31.94 13.08 3.77
C VAL D 227 31.18 14.21 4.45
N GLN D 228 30.13 13.82 5.18
CA GLN D 228 29.39 14.73 6.06
C GLN D 228 28.95 16.01 5.35
N LEU D 229 28.15 15.84 4.30
CA LEU D 229 27.70 16.98 3.51
C LEU D 229 26.62 17.81 4.21
N ASP D 230 25.98 17.27 5.25
CA ASP D 230 25.07 18.08 6.05
C ASP D 230 25.78 19.02 7.01
N ARG D 231 27.11 18.95 7.10
CA ARG D 231 27.92 19.97 7.77
C ARG D 231 28.75 20.69 6.71
N PRO D 232 28.16 21.63 5.98
CA PRO D 232 28.84 22.19 4.80
C PRO D 232 30.02 23.08 5.13
N PHE D 233 30.04 23.73 6.30
CA PHE D 233 31.10 24.68 6.63
C PHE D 233 32.18 24.05 7.50
N GLU D 234 32.21 22.73 7.58
CA GLU D 234 33.22 22.00 8.33
C GLU D 234 34.25 21.42 7.36
N ASP D 235 35.53 21.58 7.68
CA ASP D 235 36.58 20.98 6.88
C ASP D 235 36.55 19.47 7.04
N PHE D 236 36.87 18.77 5.95
CA PHE D 236 37.05 17.32 6.01
C PHE D 236 38.42 16.82 5.57
N ILE D 237 39.33 17.70 5.19
CA ILE D 237 40.74 17.36 5.07
C ILE D 237 41.56 18.43 5.77
N ASP D 238 42.79 18.07 6.13
CA ASP D 238 43.64 18.96 6.92
C ASP D 238 44.19 20.05 6.01
N ARG D 239 43.73 21.27 6.24
CA ARG D 239 44.09 22.40 5.40
C ARG D 239 45.57 22.72 5.49
N GLU D 240 46.21 22.43 6.62
CA GLU D 240 47.60 22.78 6.87
C GLU D 240 48.60 21.73 6.39
N THR D 241 48.15 20.51 6.09
CA THR D 241 49.04 19.44 5.65
C THR D 241 48.71 18.86 4.28
N THR D 242 47.48 19.01 3.80
CA THR D 242 47.06 18.40 2.53
C THR D 242 46.73 19.49 1.53
N PRO D 243 47.44 19.57 0.41
CA PRO D 243 47.15 20.59 -0.59
C PRO D 243 45.83 20.36 -1.31
N ARG D 244 45.26 21.45 -1.80
CA ARG D 244 44.12 21.37 -2.70
C ARG D 244 44.46 20.60 -3.96
N MET D 245 43.44 20.00 -4.57
CA MET D 245 43.53 19.55 -5.94
C MET D 245 42.89 20.59 -6.84
N PRO D 246 43.64 21.27 -7.71
CA PRO D 246 43.03 22.27 -8.58
C PRO D 246 42.10 21.64 -9.60
N TRP D 247 41.05 22.38 -9.95
CA TRP D 247 39.99 21.88 -10.81
C TRP D 247 39.97 22.74 -12.07
N ARG D 248 40.20 22.10 -13.21
CA ARG D 248 40.14 22.80 -14.49
C ARG D 248 38.92 22.28 -15.25
N ASP D 249 38.15 23.20 -15.82
CA ASP D 249 36.94 22.81 -16.51
C ASP D 249 36.62 23.89 -17.54
N VAL D 250 35.70 23.54 -18.45
CA VAL D 250 35.24 24.45 -19.50
C VAL D 250 33.73 24.45 -19.50
N GLY D 251 33.13 25.64 -19.57
CA GLY D 251 31.70 25.79 -19.73
C GLY D 251 31.39 26.75 -20.86
N VAL D 252 30.09 26.97 -21.06
CA VAL D 252 29.64 27.87 -22.11
C VAL D 252 28.24 28.34 -21.76
N VAL D 253 27.92 29.58 -22.16
CA VAL D 253 26.57 30.12 -22.15
C VAL D 253 26.17 30.42 -23.58
N VAL D 254 24.92 30.07 -23.91
CA VAL D 254 24.35 30.42 -25.20
C VAL D 254 23.06 31.19 -24.97
N HIS D 255 22.71 32.04 -25.93
CA HIS D 255 21.51 32.84 -25.87
C HIS D 255 20.59 32.49 -27.04
N GLY D 256 19.32 32.86 -26.89
CA GLY D 256 18.41 32.75 -28.01
C GLY D 256 17.93 31.35 -28.29
N LEU D 257 17.86 31.01 -29.58
CA LEU D 257 17.25 29.75 -30.00
C LEU D 257 17.90 28.51 -29.42
N PRO D 258 19.24 28.37 -29.34
CA PRO D 258 19.79 27.17 -28.70
C PRO D 258 19.45 27.06 -27.22
N ALA D 259 19.23 28.18 -26.54
CA ALA D 259 18.77 28.13 -25.17
C ALA D 259 17.34 27.60 -25.12
N ARG D 260 16.51 28.01 -26.10
CA ARG D 260 15.20 27.40 -26.27
C ARG D 260 15.33 25.91 -26.48
N ASP D 261 16.28 25.49 -27.31
CA ASP D 261 16.49 24.07 -27.58
C ASP D 261 16.88 23.33 -26.30
N LEU D 262 17.79 23.90 -25.51
CA LEU D 262 18.19 23.29 -24.25
C LEU D 262 17.03 23.26 -23.25
N ALA D 263 16.22 24.33 -23.22
CA ALA D 263 15.03 24.32 -22.39
C ALA D 263 14.09 23.21 -22.81
N ARG D 264 14.01 22.96 -24.13
CA ARG D 264 13.12 21.93 -24.64
C ARG D 264 13.59 20.55 -24.20
N HIS D 265 14.91 20.35 -24.11
CA HIS D 265 15.44 19.11 -23.57
C HIS D 265 15.06 18.94 -22.10
N PHE D 266 15.25 19.99 -21.29
CA PHE D 266 14.88 19.94 -19.89
C PHE D 266 13.40 19.64 -19.72
N ILE D 267 12.54 20.32 -20.49
CA ILE D 267 11.10 20.10 -20.37
C ILE D 267 10.76 18.66 -20.71
N GLN D 268 11.38 18.11 -21.75
CA GLN D 268 11.13 16.72 -22.10
C GLN D 268 11.54 15.79 -20.97
N ARG D 269 12.73 16.00 -20.42
CA ARG D 269 13.19 15.21 -19.29
C ARG D 269 12.31 15.40 -18.07
N TRP D 270 11.90 16.65 -17.79
CA TRP D 270 11.07 16.92 -16.63
C TRP D 270 9.73 16.21 -16.72
N ASN D 271 9.01 16.42 -17.83
CA ASN D 271 7.69 15.83 -17.99
C ASN D 271 7.73 14.32 -18.15
N PHE D 272 8.79 13.79 -18.77
CA PHE D 272 8.97 12.34 -18.83
C PHE D 272 9.17 11.75 -17.46
N THR D 273 10.01 12.38 -16.62
CA THR D 273 10.25 11.85 -15.29
C THR D 273 8.97 11.82 -14.45
N LYS D 274 8.07 12.79 -14.63
CA LYS D 274 6.81 12.80 -13.90
C LYS D 274 6.02 11.52 -14.07
N THR D 275 6.01 10.95 -15.28
CA THR D 275 5.23 9.74 -15.50
C THR D 275 5.90 8.48 -14.96
N THR D 276 7.10 8.60 -14.38
CA THR D 276 7.86 7.42 -13.99
C THR D 276 7.55 6.94 -12.58
N LYS D 277 6.87 7.75 -11.76
CA LYS D 277 6.43 7.29 -10.45
C LYS D 277 5.33 8.19 -9.91
N ALA D 278 4.54 7.60 -9.00
CA ALA D 278 3.28 8.20 -8.54
C ALA D 278 3.44 9.57 -7.91
N LYS D 279 4.41 9.73 -7.00
CA LYS D 279 4.59 11.01 -6.31
C LYS D 279 4.76 12.16 -7.29
N TYR D 280 5.45 11.94 -8.40
CA TYR D 280 5.73 13.01 -9.34
C TYR D 280 4.57 13.25 -10.30
N LYS D 281 3.63 12.30 -10.40
CA LYS D 281 2.48 12.44 -11.28
C LYS D 281 1.48 13.45 -10.72
N THR D 282 1.59 13.81 -9.45
CA THR D 282 0.62 14.67 -8.82
C THR D 282 0.82 16.10 -9.31
N PRO D 283 -0.22 16.94 -9.19
CA PRO D 283 -0.12 18.32 -9.71
C PRO D 283 0.89 19.20 -8.99
N THR D 284 1.43 18.80 -7.84
CA THR D 284 2.45 19.63 -7.21
C THR D 284 3.73 19.72 -8.03
N TYR D 285 3.96 18.79 -8.97
CA TYR D 285 5.00 18.98 -9.98
C TYR D 285 4.38 19.27 -11.34
N PRO D 286 4.20 20.54 -11.70
CA PRO D 286 3.48 20.87 -12.93
C PRO D 286 4.20 20.40 -14.19
N TYR D 287 3.43 20.05 -15.22
CA TYR D 287 4.01 19.92 -16.55
C TYR D 287 4.57 21.27 -16.98
N LEU D 288 5.71 21.24 -17.66
CA LEU D 288 6.33 22.41 -18.26
C LEU D 288 6.10 22.49 -19.77
N LEU D 289 6.10 23.72 -20.28
CA LEU D 289 5.77 24.02 -21.67
C LEU D 289 6.78 25.01 -22.22
N PRO D 290 7.25 24.80 -23.46
CA PRO D 290 8.30 25.67 -24.01
C PRO D 290 7.79 27.00 -24.57
N LYS D 291 8.57 28.05 -24.31
CA LYS D 291 8.40 29.31 -25.02
C LYS D 291 8.71 29.15 -26.50
N SER D 292 7.93 29.83 -27.34
CA SER D 292 8.00 29.67 -28.79
C SER D 292 8.48 30.90 -29.55
N THR D 293 8.21 32.11 -29.06
CA THR D 293 8.47 33.32 -29.83
C THR D 293 9.48 34.24 -29.14
N SER D 294 10.17 35.02 -29.97
CA SER D 294 11.05 36.10 -29.54
C SER D 294 12.17 35.58 -28.65
N THR D 295 13.10 34.87 -29.29
CA THR D 295 14.29 34.37 -28.62
C THR D 295 15.53 35.14 -29.05
N LEU D 303 22.47 39.42 -20.17
CA LEU D 303 23.35 39.10 -21.28
C LEU D 303 24.81 39.41 -20.97
N PRO D 304 25.67 38.38 -21.00
CA PRO D 304 27.12 38.62 -20.90
C PRO D 304 27.72 39.00 -22.24
N GLY D 305 29.04 38.94 -22.37
CA GLY D 305 29.70 39.25 -23.62
C GLY D 305 30.09 38.10 -24.52
N GLY D 306 29.22 37.74 -25.47
CA GLY D 306 29.43 36.59 -26.31
C GLY D 306 29.86 36.97 -27.72
N GLN D 307 30.04 35.93 -28.52
CA GLN D 307 30.48 36.04 -29.90
C GLN D 307 29.40 35.49 -30.83
N CYS D 308 29.18 36.17 -31.95
CA CYS D 308 28.22 35.66 -32.92
C CYS D 308 28.79 34.43 -33.60
N THR D 309 28.03 33.34 -33.56
CA THR D 309 28.46 32.04 -34.03
C THR D 309 27.25 31.26 -34.52
N THR D 310 27.49 30.12 -35.14
CA THR D 310 26.45 29.15 -35.41
C THR D 310 26.54 28.04 -34.36
N VAL D 311 25.44 27.82 -33.65
CA VAL D 311 25.40 26.90 -32.52
C VAL D 311 24.34 25.83 -32.80
N GLN D 312 24.70 24.57 -32.60
CA GLN D 312 23.75 23.46 -32.65
C GLN D 312 23.83 22.70 -31.34
N VAL D 313 22.68 22.47 -30.72
CA VAL D 313 22.64 21.70 -29.49
C VAL D 313 22.73 20.22 -29.82
N LEU D 314 23.39 19.47 -28.95
CA LEU D 314 23.53 18.03 -29.13
C LEU D 314 23.42 17.37 -27.77
N ARG D 315 23.09 16.09 -27.77
CA ARG D 315 22.89 15.40 -26.51
C ARG D 315 23.06 13.90 -26.73
N SER D 316 23.28 13.21 -25.61
CA SER D 316 23.18 11.76 -25.53
C SER D 316 22.05 11.49 -24.56
N VAL D 317 21.00 10.81 -25.03
CA VAL D 317 19.88 10.41 -24.20
C VAL D 317 19.38 9.07 -24.72
N ASP D 318 18.66 8.35 -23.86
CA ASP D 318 18.14 7.04 -24.21
C ASP D 318 16.70 6.95 -23.74
N ARG D 319 16.05 5.83 -24.10
CA ARG D 319 14.72 5.53 -23.59
C ARG D 319 14.71 5.62 -22.06
N TRP D 320 15.69 5.00 -21.41
CA TRP D 320 15.67 4.96 -19.95
C TRP D 320 15.78 6.36 -19.36
N SER D 321 16.50 7.25 -20.06
CA SER D 321 16.84 8.58 -19.56
C SER D 321 15.93 9.69 -20.07
N ALA D 322 15.23 9.46 -21.18
CA ALA D 322 14.35 10.46 -21.78
C ALA D 322 13.30 9.72 -22.61
N GLY D 323 12.57 10.45 -23.44
CA GLY D 323 11.53 9.76 -24.18
C GLY D 323 11.99 9.00 -25.41
N THR D 324 13.27 9.04 -25.74
CA THR D 324 13.73 8.84 -27.10
C THR D 324 15.21 8.47 -27.07
N LEU D 325 15.71 8.03 -28.22
CA LEU D 325 17.10 7.62 -28.34
C LEU D 325 17.84 8.72 -29.11
N GLU D 326 19.03 9.07 -28.63
CA GLU D 326 19.86 10.01 -29.36
C GLU D 326 21.31 9.84 -28.94
N ASN D 327 22.22 9.98 -29.91
CA ASN D 327 23.66 10.03 -29.66
C ASN D 327 24.29 11.06 -30.60
N SER D 328 23.76 12.29 -30.55
CA SER D 328 24.23 13.33 -31.46
C SER D 328 25.54 13.97 -31.01
N ILE D 329 25.93 13.81 -29.75
CA ILE D 329 27.25 14.24 -29.33
C ILE D 329 28.32 13.42 -30.07
N LEU D 330 28.15 12.11 -30.08
CA LEU D 330 29.06 11.21 -30.78
C LEU D 330 29.15 11.57 -32.27
N ASN D 331 28.00 11.73 -32.93
CA ASN D 331 28.00 12.02 -34.36
C ASN D 331 28.75 13.31 -34.69
N ALA D 332 28.58 14.34 -33.85
CA ALA D 332 29.29 15.60 -34.09
C ALA D 332 30.80 15.46 -33.88
N TYR D 333 31.20 14.68 -32.88
CA TYR D 333 32.63 14.44 -32.68
C TYR D 333 33.26 13.80 -33.91
N LEU D 334 32.64 12.72 -34.40
CA LEU D 334 33.20 11.99 -35.54
C LEU D 334 33.30 12.87 -36.77
N HIS D 335 32.22 13.62 -37.08
CA HIS D 335 32.21 14.41 -38.30
C HIS D 335 33.23 15.55 -38.23
N THR D 336 33.40 16.14 -37.05
CA THR D 336 34.35 17.25 -36.91
C THR D 336 35.77 16.77 -37.12
N ILE D 337 36.11 15.60 -36.57
CA ILE D 337 37.42 15.00 -36.81
C ILE D 337 37.59 14.69 -38.30
N ARG D 338 36.58 14.04 -38.90
CA ARG D 338 36.68 13.66 -40.31
C ARG D 338 36.95 14.87 -41.20
N GLU D 339 36.31 16.00 -40.90
CA GLU D 339 36.35 17.18 -41.73
C GLU D 339 37.41 18.19 -41.27
N SER D 340 38.16 17.88 -40.22
CA SER D 340 39.18 18.79 -39.74
C SER D 340 40.32 18.88 -40.75
N GLN D 341 40.95 20.05 -40.82
CA GLN D 341 41.95 20.30 -41.85
C GLN D 341 43.33 20.62 -41.33
N HIS D 342 43.49 20.96 -40.05
CA HIS D 342 44.79 21.48 -39.61
C HIS D 342 45.23 20.91 -38.26
N PHE D 343 44.33 20.86 -37.29
CA PHE D 343 44.69 20.34 -35.98
C PHE D 343 43.45 20.07 -35.17
N LEU D 344 43.60 19.22 -34.16
CA LEU D 344 42.60 19.02 -33.13
C LEU D 344 43.24 19.29 -31.78
N TYR D 345 42.50 19.97 -30.91
CA TYR D 345 42.89 20.16 -29.52
C TYR D 345 41.79 19.53 -28.68
N ILE D 346 42.15 18.49 -27.94
CA ILE D 346 41.20 17.76 -27.12
C ILE D 346 41.64 17.88 -25.66
N GLU D 347 40.76 18.42 -24.84
CA GLU D 347 40.94 18.51 -23.40
C GLU D 347 39.74 17.80 -22.79
N ASN D 348 39.97 16.63 -22.21
CA ASN D 348 38.86 15.82 -21.72
C ASN D 348 39.31 15.02 -20.51
N GLN D 349 38.34 14.77 -19.62
CA GLN D 349 38.60 14.01 -18.40
C GLN D 349 38.96 12.57 -18.70
N PHE D 350 38.38 11.98 -19.75
CA PHE D 350 38.64 10.59 -20.07
C PHE D 350 38.97 10.46 -21.55
N PHE D 351 39.63 9.35 -21.91
CA PHE D 351 40.01 9.09 -23.28
C PHE D 351 40.03 7.56 -23.44
N ILE D 352 38.83 6.97 -23.51
CA ILE D 352 38.66 5.53 -23.59
C ILE D 352 37.93 5.24 -24.88
N SER D 353 38.61 4.58 -25.82
CA SER D 353 38.13 4.40 -27.18
C SER D 353 38.95 3.32 -27.88
N CYS D 354 38.88 3.29 -29.22
CA CYS D 354 39.49 2.28 -30.07
C CYS D 354 38.72 0.97 -29.97
N SER D 355 37.70 0.84 -30.81
CA SER D 355 36.73 -0.24 -30.70
C SER D 355 37.34 -1.59 -31.01
N ASP D 356 36.91 -2.60 -30.27
CA ASP D 356 37.17 -4.00 -30.59
C ASP D 356 35.88 -4.77 -30.89
N GLY D 357 34.75 -4.06 -31.00
CA GLY D 357 33.46 -4.68 -31.23
C GLY D 357 32.82 -5.32 -30.03
N ARG D 358 33.53 -5.44 -28.91
CA ARG D 358 33.00 -6.15 -27.75
C ARG D 358 33.03 -5.33 -26.47
N THR D 359 34.24 -5.06 -25.95
CA THR D 359 34.37 -4.38 -24.67
C THR D 359 34.27 -2.85 -24.79
N VAL D 360 34.95 -2.27 -25.77
CA VAL D 360 34.93 -0.83 -26.02
C VAL D 360 34.40 -0.63 -27.44
N LEU D 361 33.46 0.29 -27.61
CA LEU D 361 32.73 0.36 -28.86
C LEU D 361 32.87 1.66 -29.66
N ASN D 362 32.98 2.82 -29.00
CA ASN D 362 33.03 4.05 -29.79
C ASN D 362 34.33 4.16 -30.59
N LYS D 363 34.25 4.90 -31.70
CA LYS D 363 35.29 4.94 -32.73
C LYS D 363 35.97 6.30 -32.82
N VAL D 364 35.92 7.11 -31.77
CA VAL D 364 36.53 8.44 -31.82
C VAL D 364 38.03 8.32 -32.03
N GLY D 365 38.67 7.44 -31.26
CA GLY D 365 40.09 7.21 -31.46
C GLY D 365 40.40 6.72 -32.86
N ASP D 366 39.56 5.81 -33.39
CA ASP D 366 39.77 5.29 -34.74
C ASP D 366 39.70 6.41 -35.78
N GLU D 367 38.82 7.38 -35.58
CA GLU D 367 38.74 8.50 -36.51
C GLU D 367 39.99 9.38 -36.41
N ILE D 368 40.47 9.61 -35.19
CA ILE D 368 41.71 10.36 -35.02
C ILE D 368 42.86 9.65 -35.73
N VAL D 369 42.97 8.34 -35.50
CA VAL D 369 44.01 7.54 -36.15
C VAL D 369 43.87 7.65 -37.67
N ASP D 370 42.64 7.45 -38.18
CA ASP D 370 42.43 7.51 -39.62
C ASP D 370 42.78 8.89 -40.15
N ARG D 371 42.44 9.94 -39.39
CA ARG D 371 42.75 11.30 -39.82
C ARG D 371 44.26 11.52 -39.87
N ILE D 372 44.96 11.07 -38.82
CA ILE D 372 46.42 11.18 -38.78
C ILE D 372 47.05 10.36 -39.90
N LEU D 373 46.55 9.14 -40.12
CA LEU D 373 47.11 8.31 -41.17
C LEU D 373 46.94 8.94 -42.55
N LYS D 374 45.82 9.64 -42.77
CA LYS D 374 45.65 10.31 -44.06
C LYS D 374 46.57 11.52 -44.17
N ALA D 375 46.66 12.32 -43.10
CA ALA D 375 47.56 13.47 -43.10
C ALA D 375 48.99 13.05 -43.36
N HIS D 376 49.42 11.93 -42.78
CA HIS D 376 50.77 11.44 -43.02
C HIS D 376 50.92 11.00 -44.47
N LYS D 377 49.87 10.42 -45.04
CA LYS D 377 49.90 9.96 -46.42
C LYS D 377 49.92 11.13 -47.39
N GLN D 378 49.20 12.21 -47.07
CA GLN D 378 49.15 13.37 -47.94
C GLN D 378 50.24 14.39 -47.67
N GLY D 379 51.04 14.23 -46.62
CA GLY D 379 52.08 15.21 -46.38
C GLY D 379 51.61 16.49 -45.72
N TRP D 380 50.51 16.42 -44.97
CA TRP D 380 49.95 17.59 -44.33
C TRP D 380 50.69 17.91 -43.03
N CYS D 381 50.76 19.19 -42.70
CA CYS D 381 51.11 19.57 -41.34
C CYS D 381 49.84 19.43 -40.51
N TYR D 382 49.85 18.49 -39.57
CA TYR D 382 48.67 18.17 -38.79
C TYR D 382 49.08 17.79 -37.39
N ARG D 383 48.43 18.37 -36.38
CA ARG D 383 48.77 18.12 -34.99
C ARG D 383 47.51 17.76 -34.21
N VAL D 384 47.65 16.81 -33.30
CA VAL D 384 46.58 16.43 -32.37
C VAL D 384 47.10 16.65 -30.96
N TYR D 385 46.44 17.55 -30.23
CA TYR D 385 46.78 17.82 -28.83
C TYR D 385 45.75 17.14 -27.95
N VAL D 386 46.22 16.29 -27.03
CA VAL D 386 45.36 15.58 -26.09
C VAL D 386 45.78 15.95 -24.69
N LEU D 387 44.84 16.49 -23.91
CA LEU D 387 45.09 16.91 -22.54
C LEU D 387 44.24 16.05 -21.61
N LEU D 388 44.89 15.27 -20.75
CA LEU D 388 44.18 14.35 -19.88
C LEU D 388 44.61 14.57 -18.44
N PRO D 389 43.76 14.26 -17.47
CA PRO D 389 44.20 14.27 -16.08
C PRO D 389 45.26 13.19 -15.87
N LEU D 390 46.31 13.53 -15.11
CA LEU D 390 47.41 12.59 -14.94
C LEU D 390 46.96 11.35 -14.16
N LEU D 391 45.92 11.48 -13.34
CA LEU D 391 45.34 10.39 -12.58
C LEU D 391 43.84 10.57 -12.53
N PRO D 392 43.08 9.49 -12.53
CA PRO D 392 41.61 9.63 -12.46
C PRO D 392 41.17 10.17 -11.12
N GLY D 393 40.02 10.83 -11.12
CA GLY D 393 39.50 11.50 -9.94
C GLY D 393 38.77 10.55 -9.01
N PHE D 394 39.47 9.56 -8.48
CA PHE D 394 38.90 8.68 -7.47
C PHE D 394 39.84 8.54 -6.29
N GLU D 395 39.27 8.17 -5.14
CA GLU D 395 40.02 8.01 -3.91
C GLU D 395 40.86 6.75 -4.01
N GLY D 396 42.18 6.92 -4.08
CA GLY D 396 43.08 5.79 -4.17
C GLY D 396 44.51 6.13 -3.82
N ASP D 397 45.14 5.32 -2.97
CA ASP D 397 46.53 5.56 -2.58
C ASP D 397 47.40 5.19 -3.77
N ILE D 398 47.82 6.20 -4.54
CA ILE D 398 48.64 5.96 -5.72
C ILE D 398 50.00 5.39 -5.36
N SER D 399 50.46 5.57 -4.12
CA SER D 399 51.71 4.95 -3.72
C SER D 399 51.61 3.43 -3.56
N THR D 400 50.41 2.91 -3.31
CA THR D 400 50.18 1.47 -3.34
C THR D 400 49.86 0.94 -4.72
N GLY D 401 49.54 1.80 -5.68
CA GLY D 401 49.12 1.37 -7.01
C GLY D 401 47.75 1.84 -7.42
N GLY D 402 47.01 2.55 -6.57
CA GLY D 402 45.63 2.88 -6.86
C GLY D 402 44.62 1.79 -6.61
N GLY D 403 43.40 2.18 -6.28
CA GLY D 403 42.26 1.28 -6.21
C GLY D 403 41.96 0.56 -7.51
N ASN D 404 40.98 -0.34 -7.47
CA ASN D 404 40.60 -1.08 -8.68
C ASN D 404 39.89 -0.17 -9.67
N SER D 405 39.16 0.84 -9.18
CA SER D 405 38.58 1.84 -10.06
C SER D 405 39.68 2.60 -10.81
N ILE D 406 40.70 3.07 -10.09
CA ILE D 406 41.82 3.76 -10.73
C ILE D 406 42.50 2.84 -11.74
N GLN D 407 42.68 1.56 -11.37
CA GLN D 407 43.38 0.64 -12.25
C GLN D 407 42.58 0.31 -13.50
N ALA D 408 41.26 0.15 -13.35
CA ALA D 408 40.40 -0.06 -14.50
C ALA D 408 40.44 1.09 -15.49
N ILE D 409 40.36 2.33 -14.99
CA ILE D 409 40.47 3.49 -15.89
C ILE D 409 41.83 3.54 -16.55
N LEU D 410 42.90 3.33 -15.77
CA LEU D 410 44.24 3.32 -16.36
C LEU D 410 44.39 2.24 -17.43
N HIS D 411 43.84 1.05 -17.18
CA HIS D 411 43.89 -0.01 -18.17
C HIS D 411 43.30 0.44 -19.50
N PHE D 412 42.06 0.97 -19.46
CA PHE D 412 41.38 1.33 -20.69
C PHE D 412 41.95 2.61 -21.29
N THR D 413 42.50 3.49 -20.45
CA THR D 413 43.18 4.66 -20.99
C THR D 413 44.44 4.25 -21.75
N TYR D 414 45.26 3.39 -21.14
CA TYR D 414 46.49 2.97 -21.80
C TYR D 414 46.23 2.03 -22.96
N ARG D 415 45.17 1.22 -22.89
CA ARG D 415 44.80 0.40 -24.04
C ARG D 415 44.44 1.26 -25.24
N THR D 416 43.83 2.42 -25.00
CA THR D 416 43.54 3.35 -26.09
C THR D 416 44.79 4.03 -26.61
N LEU D 417 45.67 4.49 -25.71
CA LEU D 417 46.75 5.36 -26.13
C LEU D 417 47.90 4.61 -26.81
N CYS D 418 48.45 3.57 -26.16
CA CYS D 418 49.74 3.08 -26.60
C CYS D 418 50.02 1.61 -26.28
N ARG D 419 49.07 0.84 -25.74
CA ARG D 419 49.34 -0.51 -25.27
C ARG D 419 48.34 -1.46 -25.92
N GLY D 420 48.86 -2.35 -26.75
CA GLY D 420 48.06 -3.36 -27.44
C GLY D 420 47.80 -3.01 -28.89
N GLU D 421 47.25 -3.99 -29.60
CA GLU D 421 47.07 -3.87 -31.05
C GLU D 421 46.11 -2.75 -31.44
N TYR D 422 45.21 -2.33 -30.55
CA TYR D 422 44.20 -1.35 -30.92
C TYR D 422 44.60 0.09 -30.59
N SER D 423 45.71 0.29 -29.89
CA SER D 423 46.03 1.62 -29.40
C SER D 423 46.41 2.56 -30.53
N ILE D 424 46.19 3.86 -30.29
CA ILE D 424 46.52 4.88 -31.28
C ILE D 424 48.00 4.79 -31.66
N LEU D 425 48.88 4.80 -30.66
CA LEU D 425 50.31 4.82 -30.92
C LEU D 425 50.81 3.56 -31.61
N HIS D 426 50.20 2.40 -31.30
CA HIS D 426 50.60 1.17 -31.95
C HIS D 426 50.26 1.20 -33.43
N ARG D 427 49.08 1.74 -33.77
CA ARG D 427 48.67 1.82 -35.16
C ARG D 427 49.46 2.87 -35.92
N LEU D 428 49.84 3.96 -35.25
CA LEU D 428 50.68 4.98 -35.89
C LEU D 428 52.08 4.46 -36.15
N LYS D 429 52.70 3.79 -35.18
CA LYS D 429 54.05 3.27 -35.38
C LYS D 429 54.10 2.31 -36.55
N ALA D 430 53.08 1.46 -36.70
CA ALA D 430 53.08 0.50 -37.80
C ALA D 430 53.12 1.18 -39.16
N ALA D 431 52.44 2.33 -39.31
CA ALA D 431 52.43 3.05 -40.57
C ALA D 431 53.61 4.01 -40.73
N MET D 432 54.05 4.67 -39.67
CA MET D 432 54.99 5.78 -39.82
C MET D 432 56.17 5.72 -38.84
N GLY D 433 56.30 4.65 -38.07
CA GLY D 433 57.41 4.55 -37.12
C GLY D 433 57.37 5.68 -36.11
N THR D 434 58.57 6.17 -35.75
CA THR D 434 58.72 7.19 -34.73
C THR D 434 58.18 8.55 -35.16
N ALA D 435 57.76 8.69 -36.43
CA ALA D 435 57.17 9.94 -36.89
C ALA D 435 55.87 10.28 -36.16
N TRP D 436 55.26 9.31 -35.47
CA TRP D 436 54.03 9.61 -34.74
C TRP D 436 54.19 10.77 -33.79
N ARG D 437 55.40 11.06 -33.33
CA ARG D 437 55.59 12.18 -32.40
C ARG D 437 55.37 13.52 -33.09
N ASP D 438 55.49 13.56 -34.42
CA ASP D 438 55.23 14.77 -35.19
C ASP D 438 53.74 15.08 -35.35
N TYR D 439 52.85 14.15 -35.02
CA TYR D 439 51.43 14.32 -35.33
C TYR D 439 50.51 14.34 -34.12
N ILE D 440 50.94 13.82 -32.98
CA ILE D 440 50.09 13.79 -31.79
C ILE D 440 50.94 14.01 -30.55
N SER D 441 50.39 14.76 -29.59
CA SER D 441 51.04 15.03 -28.32
C SER D 441 50.00 14.84 -27.22
N ILE D 442 50.28 13.93 -26.29
CA ILE D 442 49.40 13.66 -25.16
C ILE D 442 50.08 14.20 -23.90
N CYS D 443 49.42 15.14 -23.23
CA CYS D 443 49.99 15.83 -22.09
C CYS D 443 49.01 15.91 -20.94
N GLY D 444 49.54 16.28 -19.78
CA GLY D 444 48.74 16.56 -18.59
C GLY D 444 49.18 17.86 -17.94
N LEU D 445 48.57 18.16 -16.80
CA LEU D 445 48.87 19.40 -16.11
C LEU D 445 49.26 19.14 -14.66
N ARG D 446 50.17 19.97 -14.17
CA ARG D 446 50.71 19.92 -12.82
C ARG D 446 51.07 21.35 -12.41
N THR D 447 50.92 21.66 -11.12
CA THR D 447 51.38 22.95 -10.61
C THR D 447 52.13 22.72 -9.30
N HIS D 448 52.70 23.81 -8.76
CA HIS D 448 53.40 23.73 -7.50
C HIS D 448 53.18 25.00 -6.68
N GLY D 449 53.40 24.86 -5.38
CA GLY D 449 53.22 25.94 -4.43
C GLY D 449 54.04 25.65 -3.20
N GLU D 450 53.65 26.29 -2.10
CA GLU D 450 54.35 26.14 -0.82
C GLU D 450 53.31 25.85 0.25
N LEU D 451 53.58 24.84 1.07
CA LEU D 451 52.71 24.51 2.20
C LEU D 451 53.53 23.82 3.28
N GLY D 452 53.33 24.25 4.53
CA GLY D 452 54.08 23.67 5.62
C GLY D 452 55.57 23.93 5.60
N GLY D 453 56.01 24.98 4.89
CA GLY D 453 57.42 25.31 4.88
C GLY D 453 58.23 24.54 3.86
N HIS D 454 57.58 23.92 2.89
CA HIS D 454 58.28 23.20 1.84
C HIS D 454 57.42 23.23 0.58
N PRO D 455 58.03 23.04 -0.59
CA PRO D 455 57.25 23.02 -1.84
C PRO D 455 56.28 21.85 -1.84
N VAL D 456 55.10 22.07 -2.42
CA VAL D 456 54.15 20.99 -2.66
C VAL D 456 53.72 21.03 -4.11
N SER D 457 53.26 19.87 -4.60
CA SER D 457 52.83 19.74 -5.98
C SER D 457 51.58 18.88 -6.04
N GLU D 458 50.74 19.15 -7.04
CA GLU D 458 49.56 18.35 -7.29
C GLU D 458 49.21 18.45 -8.78
N LEU D 459 48.66 17.38 -9.34
CA LEU D 459 48.15 17.48 -10.69
C LEU D 459 46.94 18.40 -10.73
N ILE D 460 46.76 19.09 -11.84
CA ILE D 460 45.54 19.82 -12.12
C ILE D 460 44.52 18.87 -12.73
N TYR D 461 43.38 18.70 -12.07
CA TYR D 461 42.40 17.73 -12.55
C TYR D 461 41.69 18.29 -13.77
N ILE D 462 41.93 17.69 -14.93
CA ILE D 462 41.33 18.12 -16.18
C ILE D 462 39.91 17.55 -16.25
N HIS D 463 38.92 18.36 -15.90
CA HIS D 463 37.53 17.93 -15.97
C HIS D 463 36.82 18.44 -17.22
N SER D 464 37.47 19.28 -18.01
CA SER D 464 36.85 19.82 -19.21
C SER D 464 36.39 18.68 -20.13
N LYS D 465 35.43 18.99 -20.99
CA LYS D 465 35.02 18.09 -22.08
C LYS D 465 34.89 18.98 -23.31
N VAL D 466 36.03 19.34 -23.90
CA VAL D 466 36.07 20.30 -25.00
C VAL D 466 36.93 19.75 -26.13
N LEU D 467 36.54 20.09 -27.35
CA LEU D 467 37.31 19.82 -28.56
C LEU D 467 37.37 21.10 -29.38
N ILE D 468 38.55 21.45 -29.90
CA ILE D 468 38.71 22.56 -30.82
C ILE D 468 39.33 22.02 -32.11
N ALA D 469 38.75 22.42 -33.24
CA ALA D 469 39.28 22.06 -34.55
C ALA D 469 39.52 23.30 -35.42
N ASP D 470 40.73 23.41 -35.98
CA ASP D 470 41.04 24.34 -37.07
C ASP D 470 40.83 25.80 -36.70
N ASP D 471 40.81 26.12 -35.40
CA ASP D 471 40.53 27.47 -34.92
C ASP D 471 39.19 27.99 -35.44
N ARG D 472 38.24 27.08 -35.67
CA ARG D 472 36.94 27.44 -36.22
C ARG D 472 35.76 26.71 -35.60
N THR D 473 35.95 25.54 -35.00
CA THR D 473 34.84 24.73 -34.52
C THR D 473 35.16 24.25 -33.12
N VAL D 474 34.15 24.25 -32.25
CA VAL D 474 34.29 23.86 -30.86
C VAL D 474 33.12 22.98 -30.46
N ILE D 475 33.40 21.90 -29.73
CA ILE D 475 32.37 21.13 -29.04
C ILE D 475 32.62 21.27 -27.54
N ILE D 476 31.60 21.72 -26.81
CA ILE D 476 31.65 21.88 -25.36
C ILE D 476 30.44 21.19 -24.76
N GLY D 477 30.65 20.42 -23.70
CA GLY D 477 29.53 19.74 -23.08
C GLY D 477 29.94 18.98 -21.86
N SER D 478 29.11 18.01 -21.48
CA SER D 478 29.34 17.14 -20.34
C SER D 478 29.90 15.78 -20.74
N ALA D 479 29.96 15.50 -22.04
CA ALA D 479 30.23 14.16 -22.55
C ALA D 479 31.72 13.91 -22.49
N ASN D 480 32.13 12.97 -21.65
CA ASN D 480 33.50 12.48 -21.68
C ASN D 480 33.73 11.65 -22.95
N ILE D 481 35.00 11.44 -23.27
CA ILE D 481 35.36 10.54 -24.36
C ILE D 481 35.47 9.15 -23.75
N ASN D 482 34.33 8.47 -23.70
CA ASN D 482 34.22 7.08 -23.29
C ASN D 482 32.88 6.56 -23.76
N ASP D 483 32.68 5.25 -23.65
CA ASP D 483 31.41 4.68 -24.11
C ASP D 483 30.26 5.17 -23.25
N ARG D 484 30.50 5.38 -21.95
CA ARG D 484 29.44 5.81 -21.05
C ARG D 484 28.79 7.11 -21.50
N SER D 485 29.61 8.08 -21.93
CA SER D 485 29.11 9.38 -22.34
C SER D 485 28.66 9.44 -23.80
N LEU D 486 29.30 8.67 -24.68
CA LEU D 486 29.18 8.92 -26.10
C LEU D 486 28.20 8.00 -26.80
N LEU D 487 27.98 6.79 -26.28
CA LEU D 487 27.14 5.84 -27.00
C LEU D 487 25.67 6.26 -27.04
N GLY D 488 25.24 7.11 -26.13
CA GLY D 488 23.83 7.45 -26.04
C GLY D 488 23.01 6.51 -25.19
N LYS D 489 23.23 5.20 -25.36
CA LYS D 489 22.46 4.19 -24.64
C LYS D 489 22.67 4.24 -23.13
N ARG D 490 23.75 4.87 -22.66
CA ARG D 490 24.10 4.78 -21.25
C ARG D 490 23.81 6.08 -20.52
N ASP D 491 24.86 6.79 -20.11
CA ASP D 491 24.66 8.05 -19.41
C ASP D 491 24.06 9.09 -20.35
N SER D 492 23.22 9.95 -19.80
CA SER D 492 22.75 11.11 -20.54
C SER D 492 23.77 12.24 -20.43
N GLU D 493 23.96 12.94 -21.55
CA GLU D 493 24.98 13.96 -21.68
C GLU D 493 24.45 15.09 -22.57
N LEU D 494 25.06 16.25 -22.45
CA LEU D 494 24.75 17.40 -23.29
C LEU D 494 26.04 17.96 -23.87
N ALA D 495 25.92 18.57 -25.05
CA ALA D 495 27.01 19.33 -25.64
C ALA D 495 26.41 20.34 -26.61
N VAL D 496 27.22 21.34 -26.97
CA VAL D 496 26.88 22.27 -28.05
C VAL D 496 28.00 22.27 -29.08
N LEU D 497 27.61 22.30 -30.35
CA LEU D 497 28.56 22.48 -31.45
C LEU D 497 28.52 23.94 -31.89
N ILE D 498 29.67 24.62 -31.82
CA ILE D 498 29.75 26.06 -32.04
C ILE D 498 30.65 26.28 -33.25
N GLU D 499 30.07 26.77 -34.33
CA GLU D 499 30.78 27.02 -35.58
C GLU D 499 30.84 28.52 -35.87
N ASP D 500 32.05 29.02 -36.12
CA ASP D 500 32.25 30.45 -36.35
C ASP D 500 31.77 30.88 -37.73
N THR D 501 31.12 32.05 -37.77
CA THR D 501 30.80 32.76 -39.00
C THR D 501 31.66 34.01 -39.19
N GLU D 502 32.26 34.50 -38.11
CA GLU D 502 33.18 35.62 -38.08
C GLU D 502 34.60 35.13 -37.82
N THR D 503 35.57 35.82 -38.40
CA THR D 503 36.94 35.36 -38.45
C THR D 503 37.88 36.44 -37.92
N GLU D 504 39.12 36.04 -37.64
CA GLU D 504 40.20 36.90 -37.20
C GLU D 504 41.46 36.60 -38.00
N PRO D 505 42.26 37.61 -38.33
CA PRO D 505 43.55 37.32 -38.98
C PRO D 505 44.42 36.51 -38.03
N SER D 506 44.95 35.39 -38.52
CA SER D 506 45.83 34.56 -37.72
C SER D 506 46.84 33.91 -38.66
N LEU D 507 47.51 32.86 -38.18
CA LEU D 507 48.51 32.13 -38.95
C LEU D 507 48.20 30.65 -38.87
N MET D 508 48.60 29.91 -39.89
CA MET D 508 48.44 28.46 -39.90
C MET D 508 49.57 27.86 -40.73
N ASN D 509 50.52 27.20 -40.08
CA ASN D 509 51.73 26.69 -40.72
C ASN D 509 52.40 27.77 -41.57
N GLY D 510 52.60 28.93 -40.96
CA GLY D 510 53.30 30.04 -41.58
C GLY D 510 52.49 30.88 -42.53
N ALA D 511 51.32 30.43 -42.97
CA ALA D 511 50.52 31.20 -43.91
C ALA D 511 49.48 32.01 -43.16
N GLU D 512 49.16 33.19 -43.70
CA GLU D 512 48.07 33.99 -43.17
C GLU D 512 46.78 33.18 -43.18
N TYR D 513 46.00 33.29 -42.10
CA TYR D 513 44.84 32.43 -41.90
C TYR D 513 43.76 33.15 -41.13
N GLN D 514 42.55 33.18 -41.70
CA GLN D 514 41.39 33.76 -41.01
C GLN D 514 40.84 32.71 -40.05
N ALA D 515 41.14 32.88 -38.76
CA ALA D 515 40.67 32.00 -37.72
C ALA D 515 39.34 32.51 -37.16
N GLY D 516 38.53 31.59 -36.65
CA GLY D 516 37.28 31.99 -36.05
C GLY D 516 37.46 32.67 -34.70
N ARG D 517 36.58 33.63 -34.43
CA ARG D 517 36.73 34.49 -33.26
C ARG D 517 36.51 33.70 -31.97
N PHE D 518 35.42 32.93 -31.90
CA PHE D 518 35.11 32.14 -30.71
C PHE D 518 36.19 31.10 -30.46
N ALA D 519 36.59 30.36 -31.50
CA ALA D 519 37.52 29.25 -31.32
C ALA D 519 38.94 29.73 -31.02
N LEU D 520 39.40 30.78 -31.69
CA LEU D 520 40.75 31.27 -31.47
C LEU D 520 40.94 31.80 -30.05
N SER D 521 39.97 32.59 -29.56
CA SER D 521 40.11 33.15 -28.22
C SER D 521 40.12 32.05 -27.17
N LEU D 522 39.26 31.05 -27.31
CA LEU D 522 39.30 29.91 -26.40
C LEU D 522 40.63 29.18 -26.50
N ARG D 523 41.04 28.83 -27.73
CA ARG D 523 42.28 28.09 -27.93
C ARG D 523 43.48 28.87 -27.43
N LYS D 524 43.54 30.17 -27.72
CA LYS D 524 44.64 31.00 -27.20
C LYS D 524 44.61 31.04 -25.68
N HIS D 525 43.42 31.12 -25.08
CA HIS D 525 43.34 31.14 -23.63
C HIS D 525 43.85 29.84 -23.03
N CYS D 526 43.46 28.69 -23.61
CA CYS D 526 44.00 27.41 -23.16
C CYS D 526 45.52 27.41 -23.28
N PHE D 527 46.04 27.65 -24.48
CA PHE D 527 47.50 27.61 -24.68
C PHE D 527 48.23 28.58 -23.77
N GLY D 528 47.68 29.79 -23.61
CA GLY D 528 48.36 30.80 -22.82
C GLY D 528 48.49 30.45 -21.36
N VAL D 529 47.41 29.95 -20.76
CA VAL D 529 47.45 29.57 -19.35
C VAL D 529 48.30 28.32 -19.13
N ILE D 530 48.16 27.34 -20.02
CA ILE D 530 48.88 26.08 -19.85
C ILE D 530 50.38 26.27 -20.02
N LEU D 531 50.79 27.09 -20.98
CA LEU D 531 52.22 27.23 -21.21
C LEU D 531 52.87 28.36 -20.42
N GLY D 532 52.13 29.31 -19.88
CA GLY D 532 52.73 30.29 -19.02
C GLY D 532 52.89 31.62 -19.70
N ALA D 533 52.00 31.98 -20.62
CA ALA D 533 52.23 33.15 -21.47
C ALA D 533 52.36 34.45 -20.66
N ASN D 534 51.75 34.50 -19.48
CA ASN D 534 51.96 35.61 -18.56
C ASN D 534 53.43 35.82 -18.26
N THR D 535 54.14 34.72 -17.95
CA THR D 535 55.53 34.83 -17.52
C THR D 535 56.49 35.03 -18.68
N ARG D 536 56.17 34.49 -19.86
CA ARG D 536 56.99 34.62 -21.06
C ARG D 536 56.15 35.33 -22.12
N PRO D 537 56.08 36.66 -22.07
CA PRO D 537 55.32 37.41 -23.08
C PRO D 537 55.90 37.35 -24.47
N ASP D 538 57.02 36.65 -24.70
CA ASP D 538 57.50 36.46 -26.06
C ASP D 538 56.97 35.20 -26.72
N LEU D 539 55.92 34.60 -26.21
CA LEU D 539 55.45 33.39 -26.86
C LEU D 539 54.52 33.79 -27.99
N ASP D 540 54.70 33.17 -29.17
CA ASP D 540 53.84 33.42 -30.32
C ASP D 540 52.79 32.31 -30.35
N LEU D 541 51.57 32.64 -29.95
CA LEU D 541 50.54 31.63 -29.91
C LEU D 541 49.58 31.73 -31.08
N ARG D 542 49.95 32.49 -32.11
CA ARG D 542 49.06 32.66 -33.25
C ARG D 542 48.96 31.37 -34.06
N ASP D 543 50.11 30.75 -34.34
CA ASP D 543 50.17 29.56 -35.17
C ASP D 543 50.21 28.33 -34.27
N PRO D 544 49.18 27.50 -34.27
CA PRO D 544 49.16 26.30 -33.41
C PRO D 544 49.75 25.04 -34.01
N ILE D 545 50.27 25.06 -35.24
CA ILE D 545 50.71 23.83 -35.88
C ILE D 545 52.12 23.91 -36.45
N CYS D 546 52.68 25.11 -36.56
CA CYS D 546 54.01 25.23 -37.16
C CYS D 546 55.03 24.42 -36.36
N ASP D 547 56.10 24.01 -37.07
CA ASP D 547 57.11 23.12 -36.51
C ASP D 547 57.76 23.70 -35.25
N ASP D 548 58.14 24.97 -35.29
CA ASP D 548 58.75 25.62 -34.13
C ASP D 548 57.89 25.54 -32.89
N PHE D 549 56.58 25.78 -33.01
CA PHE D 549 55.71 25.79 -31.85
C PHE D 549 55.47 24.39 -31.31
N PHE D 550 55.31 23.40 -32.20
CA PHE D 550 55.09 22.03 -31.75
C PHE D 550 56.31 21.51 -30.99
N GLN D 551 57.52 21.87 -31.44
CA GLN D 551 58.73 21.49 -30.69
C GLN D 551 58.71 22.12 -29.31
N LEU D 552 58.40 23.42 -29.25
CA LEU D 552 58.33 24.11 -27.96
C LEU D 552 57.29 23.47 -27.05
N TRP D 553 56.14 23.10 -27.60
CA TRP D 553 55.12 22.40 -26.82
C TRP D 553 55.66 21.11 -26.23
N GLN D 554 56.27 20.25 -27.07
CA GLN D 554 56.81 18.98 -26.61
C GLN D 554 57.99 19.17 -25.65
N ASP D 555 58.87 20.14 -25.96
CA ASP D 555 60.02 20.40 -25.12
C ASP D 555 59.61 20.83 -23.71
N MET D 556 58.60 21.69 -23.61
CA MET D 556 58.11 22.13 -22.30
C MET D 556 57.55 20.96 -21.51
N ALA D 557 56.73 20.12 -22.15
CA ALA D 557 56.16 18.97 -21.46
C ALA D 557 57.25 18.09 -20.86
N GLU D 558 58.32 17.84 -21.62
CA GLU D 558 59.40 16.99 -21.12
C GLU D 558 60.22 17.72 -20.05
N SER D 559 60.52 18.99 -20.30
CA SER D 559 61.33 19.76 -19.35
C SER D 559 60.62 19.87 -18.00
N ASN D 560 59.34 20.22 -18.01
CA ASN D 560 58.58 20.29 -16.77
C ASN D 560 58.54 18.92 -16.09
N ALA D 561 58.25 17.87 -16.87
CA ALA D 561 58.19 16.53 -16.30
C ALA D 561 59.49 16.14 -15.63
N ASN D 562 60.63 16.50 -16.25
CA ASN D 562 61.92 16.18 -15.66
C ASN D 562 62.11 16.93 -14.34
N ILE D 563 61.75 18.22 -14.31
CA ILE D 563 61.91 19.00 -13.09
C ILE D 563 60.98 18.48 -12.00
N TYR D 564 59.71 18.30 -12.34
CA TYR D 564 58.74 17.79 -11.37
C TYR D 564 59.19 16.44 -10.81
N GLU D 565 59.73 15.57 -11.67
CA GLU D 565 60.26 14.29 -11.23
C GLU D 565 61.49 14.49 -10.35
N GLN D 566 62.30 15.50 -10.67
CA GLN D 566 63.50 15.78 -9.90
C GLN D 566 63.18 16.27 -8.49
N ILE D 567 62.11 17.04 -8.33
CA ILE D 567 61.84 17.67 -7.05
C ILE D 567 60.89 16.86 -6.18
N PHE D 568 59.89 16.22 -6.77
CA PHE D 568 58.84 15.59 -6.00
C PHE D 568 58.74 14.07 -6.13
N ARG D 569 59.43 13.46 -7.10
CA ARG D 569 59.30 12.03 -7.39
C ARG D 569 57.82 11.67 -7.50
N CYS D 570 57.08 12.51 -8.22
CA CYS D 570 55.64 12.43 -8.32
C CYS D 570 55.17 11.38 -9.32
N LEU D 571 54.00 10.78 -9.03
CA LEU D 571 53.23 9.82 -9.79
C LEU D 571 52.09 10.52 -10.53
N PRO D 572 51.73 10.05 -11.75
CA PRO D 572 52.31 8.88 -12.40
C PRO D 572 53.69 9.21 -12.98
N SER D 573 54.46 8.19 -13.34
CA SER D 573 55.82 8.43 -13.80
C SER D 573 56.27 7.28 -14.68
N ASN D 574 57.14 7.59 -15.63
CA ASN D 574 57.76 6.55 -16.44
C ASN D 574 58.78 5.74 -15.63
N ALA D 575 59.16 6.22 -14.45
CA ALA D 575 60.17 5.61 -13.61
C ALA D 575 59.64 4.43 -12.78
N THR D 576 58.33 4.15 -12.83
CA THR D 576 57.72 3.08 -12.04
C THR D 576 56.98 2.14 -12.99
N ARG D 577 57.70 1.16 -13.54
CA ARG D 577 57.10 0.26 -14.51
C ARG D 577 56.33 -0.89 -13.89
N SER D 578 56.51 -1.16 -12.59
CA SER D 578 55.81 -2.25 -11.93
C SER D 578 55.46 -1.83 -10.51
N LEU D 579 54.58 -2.61 -9.87
CA LEU D 579 54.22 -2.34 -8.49
C LEU D 579 55.40 -2.59 -7.56
N ARG D 580 56.21 -3.62 -7.85
CA ARG D 580 57.36 -3.93 -7.01
C ARG D 580 58.39 -2.80 -7.02
N THR D 581 58.64 -2.19 -8.18
CA THR D 581 59.53 -1.04 -8.26
C THR D 581 58.86 0.21 -7.72
N LEU D 582 57.52 0.25 -7.73
CA LEU D 582 56.81 1.36 -7.10
C LEU D 582 57.08 1.40 -5.60
N ARG D 583 57.16 0.23 -4.95
CA ARG D 583 57.35 0.23 -3.50
C ARG D 583 58.69 0.86 -3.13
N GLU D 584 59.74 0.56 -3.89
CA GLU D 584 61.03 1.17 -3.60
C GLU D 584 61.11 2.61 -4.09
N TYR D 585 60.35 2.97 -5.13
CA TYR D 585 60.45 4.33 -5.66
C TYR D 585 59.85 5.34 -4.70
N VAL D 586 58.72 4.99 -4.08
CA VAL D 586 58.07 5.90 -3.13
C VAL D 586 58.77 5.89 -1.78
N ALA D 587 59.65 4.92 -1.54
CA ALA D 587 60.43 4.80 -0.31
C ALA D 587 61.54 5.82 -0.21
N VAL D 588 61.62 6.77 -1.14
CA VAL D 588 62.70 7.75 -1.18
C VAL D 588 62.11 9.09 -0.78
N GLU D 589 62.80 9.82 0.09
CA GLU D 589 62.26 11.11 0.48
C GLU D 589 62.58 12.12 -0.62
N PRO D 590 61.59 12.86 -1.12
CA PRO D 590 61.84 13.77 -2.24
C PRO D 590 62.58 15.03 -1.79
N LEU D 591 63.21 15.67 -2.78
CA LEU D 591 64.01 16.85 -2.51
C LEU D 591 63.19 17.99 -1.94
N ALA D 592 61.90 18.08 -2.33
CA ALA D 592 61.00 19.10 -1.79
C ALA D 592 61.10 19.22 -0.27
N THR D 593 61.16 18.08 0.43
CA THR D 593 61.31 18.11 1.87
C THR D 593 62.74 17.92 2.34
N VAL D 594 63.58 17.24 1.55
CA VAL D 594 64.97 17.04 1.95
C VAL D 594 65.70 18.38 1.98
N SER D 595 65.55 19.18 0.94
CA SER D 595 66.18 20.49 0.84
C SER D 595 65.25 21.47 0.14
N PRO D 596 64.34 22.09 0.90
CA PRO D 596 63.42 23.08 0.30
C PRO D 596 64.13 24.18 -0.47
N PRO D 597 65.26 24.70 0.01
CA PRO D 597 65.96 25.74 -0.79
C PRO D 597 66.40 25.27 -2.17
N LEU D 598 67.00 24.08 -2.29
CA LEU D 598 67.38 23.60 -3.61
C LEU D 598 66.16 23.37 -4.48
N ALA D 599 65.10 22.78 -3.93
CA ALA D 599 63.87 22.58 -4.67
C ALA D 599 63.32 23.91 -5.19
N ARG D 600 63.22 24.91 -4.31
CA ARG D 600 62.68 26.20 -4.71
C ARG D 600 63.48 26.82 -5.85
N SER D 601 64.81 26.76 -5.75
CA SER D 601 65.65 27.34 -6.80
C SER D 601 65.43 26.64 -8.14
N GLU D 602 65.37 25.30 -8.12
CA GLU D 602 65.17 24.55 -9.35
C GLU D 602 63.77 24.71 -9.91
N LEU D 603 62.77 24.90 -9.05
CA LEU D 603 61.40 25.10 -9.51
C LEU D 603 61.21 26.39 -10.29
N THR D 604 62.16 27.33 -10.20
CA THR D 604 62.05 28.55 -10.99
C THR D 604 62.15 28.29 -12.49
N GLN D 605 62.59 27.10 -12.89
CA GLN D 605 62.73 26.75 -14.30
C GLN D 605 61.49 26.08 -14.87
N VAL D 606 60.49 25.79 -14.04
CA VAL D 606 59.24 25.27 -14.55
C VAL D 606 58.52 26.38 -15.28
N GLN D 607 58.09 26.10 -16.51
CA GLN D 607 57.35 27.06 -17.31
C GLN D 607 55.97 26.49 -17.59
N GLY D 608 54.94 27.18 -17.12
CA GLY D 608 53.59 26.70 -17.32
C GLY D 608 53.34 25.44 -16.51
N HIS D 609 52.23 24.78 -16.86
CA HIS D 609 51.76 23.60 -16.15
C HIS D 609 51.82 22.35 -17.01
N LEU D 610 52.18 22.49 -18.29
CA LEU D 610 52.14 21.38 -19.23
C LEU D 610 53.20 20.35 -18.87
N VAL D 611 52.78 19.09 -18.68
CA VAL D 611 53.71 17.98 -18.46
C VAL D 611 53.35 16.84 -19.41
N HIS D 612 54.39 16.18 -19.92
CA HIS D 612 54.19 14.99 -20.75
C HIS D 612 53.44 13.91 -19.99
N PHE D 613 52.48 13.28 -20.66
CA PHE D 613 51.72 12.18 -20.07
C PHE D 613 52.55 10.91 -20.11
N PRO D 614 52.92 10.33 -18.96
CA PRO D 614 53.79 9.15 -18.97
C PRO D 614 53.10 7.92 -19.50
N LEU D 615 53.54 7.45 -20.67
CA LEU D 615 52.89 6.36 -21.37
C LEU D 615 53.32 5.00 -20.87
N LYS D 616 54.35 4.95 -20.02
CA LYS D 616 54.94 3.69 -19.56
C LYS D 616 54.67 3.42 -18.09
N PHE D 617 53.86 4.24 -17.43
CA PHE D 617 53.54 4.03 -16.02
C PHE D 617 52.87 2.67 -15.84
N LEU D 618 53.51 1.80 -15.06
CA LEU D 618 53.00 0.47 -14.79
C LEU D 618 52.79 -0.34 -16.07
N GLU D 619 53.62 -0.09 -17.09
CA GLU D 619 53.42 -0.75 -18.38
C GLU D 619 53.73 -2.23 -18.35
N ASP D 620 54.32 -2.74 -17.27
CA ASP D 620 54.59 -4.16 -17.13
C ASP D 620 53.49 -4.88 -16.37
N GLU D 621 52.40 -4.18 -16.05
CA GLU D 621 51.28 -4.70 -15.28
C GLU D 621 50.03 -4.82 -16.14
N SER D 622 49.18 -5.78 -15.75
CA SER D 622 47.92 -6.01 -16.44
C SER D 622 46.91 -4.90 -16.14
N LEU D 623 46.95 -4.38 -14.91
CA LEU D 623 46.15 -3.24 -14.44
C LEU D 623 44.64 -3.51 -14.41
N LEU D 624 44.20 -4.71 -14.84
CA LEU D 624 42.78 -4.93 -14.57
C LEU D 624 42.59 -5.69 -13.26
N PRO D 625 41.50 -5.45 -12.54
CA PRO D 625 41.34 -6.08 -11.23
C PRO D 625 40.60 -7.40 -11.36
N PRO D 626 41.05 -8.45 -10.65
CA PRO D 626 40.34 -9.73 -10.59
C PRO D 626 39.51 -9.89 -9.33
N GLY D 632 34.57 -8.20 -9.33
CA GLY D 632 35.12 -9.35 -10.02
C GLY D 632 34.24 -9.82 -11.16
N MET D 633 32.98 -10.10 -10.85
CA MET D 633 31.96 -10.48 -11.82
C MET D 633 31.22 -9.28 -12.39
N ILE D 634 31.54 -8.08 -11.90
CA ILE D 634 31.05 -6.80 -12.40
C ILE D 634 31.56 -6.56 -13.82
N PRO D 635 30.69 -6.21 -14.77
CA PRO D 635 31.15 -5.90 -16.13
C PRO D 635 32.12 -4.73 -16.21
N LEU D 636 33.10 -4.86 -17.11
CA LEU D 636 34.19 -3.90 -17.24
C LEU D 636 33.68 -2.56 -17.78
N GLU D 637 32.61 -2.63 -18.58
CA GLU D 637 31.94 -1.50 -19.23
C GLU D 637 31.31 -0.51 -18.26
N VAL D 638 31.32 -0.81 -16.95
CA VAL D 638 30.94 0.21 -15.97
C VAL D 638 31.88 1.40 -16.09
N TRP D 639 33.14 1.16 -16.46
CA TRP D 639 34.18 2.18 -16.51
C TRP D 639 34.42 2.71 -17.92
N THR D 640 33.90 2.04 -18.95
CA THR D 640 34.20 2.45 -20.33
C THR D 640 33.10 3.35 -20.88
C15 MJY E . -34.95 -24.64 17.31
C8 MJY E . -35.47 -22.73 21.95
C9 MJY E . -35.24 -24.02 22.41
C10 MJY E . -36.13 -24.62 23.28
C11 MJY E . -37.25 -23.93 23.69
C12 MJY E . -37.52 -22.66 23.23
C13 MJY E . -36.62 -22.05 22.36
C14 MJY E . -31.74 -22.81 18.92
C5 MJY E . -33.27 -24.82 19.03
C3 MJY E . -33.79 -26.89 15.92
C4 MJY E . -33.60 -26.58 17.40
N2 MJY E . -33.62 -25.14 17.64
C1 MJY E . -34.60 -26.00 13.78
C18 MJY E . -36.64 -27.55 17.45
C19 MJY E . -37.38 -28.21 18.41
C20 MJY E . -38.43 -29.05 18.06
C21 MJY E . -38.71 -29.20 16.72
C22 MJY E . -37.99 -28.57 15.75
C16 MJY E . -35.23 -24.80 15.83
C17 MJY E . -36.94 -27.72 16.09
C2 MJY E . -35.00 -26.21 15.25
C23 MJY E . -36.63 -27.17 13.70
C6 MJY E . -33.13 -23.31 19.27
C7 MJY E . -34.47 -22.18 20.98
F1 MJY E . -39.73 -30.02 16.37
N1 MJY E . -35.54 -26.50 12.98
N3 MJY E . -33.46 -23.00 20.66
N4 MJY E . -36.21 -27.06 15.08
O1 MJY E . -33.57 -25.46 13.40
O2 MJY E . -34.67 -21.13 20.38
BR1 MJY E . -38.48 -24.78 24.87
C15 MJY F . 27.11 -19.12 -9.48
C8 MJY F . 30.74 -20.91 -11.80
C9 MJY F . 31.64 -19.86 -11.65
C10 MJY F . 32.58 -19.59 -12.63
C11 MJY F . 32.62 -20.39 -13.76
C12 MJY F . 31.74 -21.44 -13.92
C13 MJY F . 30.80 -21.70 -12.93
C14 MJY F . 28.84 -22.03 -7.64
C5 MJY F . 28.75 -19.51 -7.79
C3 MJY F . 26.60 -16.51 -8.42
C4 MJY F . 27.30 -17.60 -7.64
N2 MJY F . 28.05 -18.49 -8.54
C1 MJY F . 24.44 -17.67 -8.99
C18 MJY F . 27.34 -15.09 -11.22
C19 MJY F . 28.03 -14.26 -12.09
C20 MJY F . 27.35 -13.47 -13.00
C21 MJY F . 25.98 -13.52 -13.02
C22 MJY F . 25.26 -14.32 -12.17
C16 MJY F . 26.48 -18.08 -10.38
C17 MJY F . 25.93 -15.13 -11.26
C2 MJY F . 25.73 -17.03 -9.57
C23 MJY F . 23.76 -15.79 -10.23
C6 MJY F . 28.76 -20.83 -8.56
C7 MJY F . 29.69 -21.31 -10.79
F1 MJY F . 25.30 -12.74 -13.91
N1 MJY F . 23.40 -16.94 -9.37
N3 MJY F . 29.84 -20.84 -9.55
N4 MJY F . 25.19 -15.95 -10.39
O1 MJY F . 24.38 -18.67 -8.30
O2 MJY F . 28.77 -22.05 -11.11
BR1 MJY F . 33.89 -20.05 -15.12
C15 MJY G . -20.60 30.72 7.75
C8 MJY G . -15.63 28.80 7.29
C9 MJY G . -15.18 30.08 7.59
C10 MJY G . -14.19 30.68 6.83
C11 MJY G . -13.66 29.98 5.76
C12 MJY G . -14.10 28.71 5.43
C13 MJY G . -15.10 28.14 6.20
C14 MJY G . -19.14 28.58 10.58
C5 MJY G . -18.78 30.75 9.34
C3 MJY G . -21.74 33.07 8.97
C4 MJY G . -20.32 32.60 9.20
N2 MJY G . -20.17 31.15 9.09
C1 MJY G . -23.90 32.66 7.83
C18 MJY G . -19.75 33.55 6.31
C19 MJY G . -18.61 34.23 5.93
C20 MJY G . -18.69 35.47 5.33
C21 MJY G . -19.92 36.02 5.12
C22 MJY G . -21.08 35.38 5.49
C16 MJY G . -22.04 31.07 7.46
C17 MJY G . -21.01 34.13 6.09
C2 MJY G . -22.37 32.57 7.65
C23 MJY G . -23.43 33.71 5.77
C6 MJY G . -18.58 29.23 9.32
C7 MJY G . -16.72 28.20 8.11
F1 MJY G . -20.00 37.24 4.52
N1 MJY G . -24.43 33.16 6.72
N3 MJY G . -17.17 28.92 9.15
N4 MJY G . -22.19 33.48 6.49
O1 MJY G . -24.52 32.30 8.81
O2 MJY G . -17.26 27.14 7.77
BR1 MJY G . -12.30 30.80 4.73
C15 MJY H . 32.76 11.58 -12.36
C8 MJY H . 33.22 13.22 -7.75
C9 MJY H . 33.34 12.00 -7.10
C10 MJY H . 32.77 11.79 -5.86
C11 MJY H . 32.05 12.81 -5.27
C12 MJY H . 31.90 14.03 -5.90
C13 MJY H . 32.48 14.23 -7.14
C14 MJY H . 36.24 13.26 -10.96
C5 MJY H . 35.07 11.18 -11.72
C3 MJY H . 32.61 8.92 -13.44
C4 MJY H . 33.90 9.65 -13.17
N2 MJY H . 33.76 10.57 -12.03
C1 MJY H . 31.48 10.52 -15.00
C18 MJY H . 30.34 7.95 -11.56
C19 MJY H . 29.74 7.21 -10.55
C20 MJY H . 28.39 6.94 -10.57
C21 MJY H . 27.64 7.42 -11.60
C22 MJY H . 28.19 8.16 -12.64
C16 MJY H . 31.40 10.94 -12.54
C17 MJY H . 29.55 8.42 -12.62
C2 MJY H . 31.41 9.86 -13.62
C23 MJY H . 29.45 9.34 -14.94
C6 MJY H . 34.90 12.56 -11.09
C7 MJY H . 33.81 13.49 -9.10
F1 MJY H . 26.31 7.17 -11.64
N1 MJY H . 30.39 10.20 -15.70
N3 MJY H . 34.27 12.43 -9.77
N4 MJY H . 30.12 9.17 -13.66
O1 MJY H . 32.38 11.25 -15.41
O2 MJY H . 33.87 14.63 -9.55
BR1 MJY H . 31.25 12.56 -3.56
#